data_5ZBK
# 
_entry.id   5ZBK 
# 
_audit_conform.dict_name       mmcif_pdbx.dic 
_audit_conform.dict_version    5.380 
_audit_conform.dict_location   http://mmcif.pdb.org/dictionaries/ascii/mmcif_pdbx.dic 
# 
loop_
_database_2.database_id 
_database_2.database_code 
_database_2.pdbx_database_accession 
_database_2.pdbx_DOI 
PDB   5ZBK         pdb_00005zbk 10.2210/pdb5zbk/pdb 
WWPDB D_1300006815 ?            ?                   
# 
_pdbx_database_status.status_code                     REL 
_pdbx_database_status.status_code_sf                  REL 
_pdbx_database_status.status_code_mr                  ? 
_pdbx_database_status.entry_id                        5ZBK 
_pdbx_database_status.recvd_initial_deposition_date   2018-02-12 
_pdbx_database_status.SG_entry                        N 
_pdbx_database_status.deposit_site                    PDBJ 
_pdbx_database_status.process_site                    PDBJ 
_pdbx_database_status.status_code_cs                  ? 
_pdbx_database_status.methods_development_category    ? 
_pdbx_database_status.pdb_format_compatible           Y 
_pdbx_database_status.status_code_nmr_data            ? 
# 
loop_
_audit_author.name 
_audit_author.pdbx_ordinal 
_audit_author.identifier_ORCID 
'Seo, H.'    1 ? 
'Kim, K.-J.' 2 ? 
# 
_citation.abstract                  ? 
_citation.abstract_id_CAS           ? 
_citation.book_id_ISBN              ? 
_citation.book_publisher            ? 
_citation.book_publisher_city       ? 
_citation.book_title                ? 
_citation.coordinate_linkage        ? 
_citation.country                   UK 
_citation.database_id_Medline       ? 
_citation.details                   ? 
_citation.id                        primary 
_citation.journal_abbrev            'Environ. Microbiol.' 
_citation.journal_id_ASTM           ? 
_citation.journal_id_CSD            ? 
_citation.journal_id_ISSN           1462-2920 
_citation.journal_full              ? 
_citation.journal_issue             ? 
_citation.journal_volume            20 
_citation.language                  ? 
_citation.page_first                3214 
_citation.page_last                 3223 
_citation.title                     
'Structural insight into molecular mechanism of cytokinin activating protein from Pseudomonas aeruginosa PAO1.' 
_citation.year                      2018 
_citation.database_id_CSD           ? 
_citation.pdbx_database_id_DOI      10.1111/1462-2920.14287 
_citation.pdbx_database_id_PubMed   29901273 
_citation.unpublished_flag          ? 
# 
loop_
_citation_author.citation_id 
_citation_author.name 
_citation_author.ordinal 
_citation_author.identifier_ORCID 
primary 'Seo, H.'   1 ? 
primary 'Kim, K.J.' 2 ? 
# 
_cell.angle_alpha                  90.000 
_cell.angle_alpha_esd              ? 
_cell.angle_beta                   90.000 
_cell.angle_beta_esd               ? 
_cell.angle_gamma                  90.000 
_cell.angle_gamma_esd              ? 
_cell.entry_id                     5ZBK 
_cell.details                      ? 
_cell.formula_units_Z              ? 
_cell.length_a                     64.844 
_cell.length_a_esd                 ? 
_cell.length_b                     97.524 
_cell.length_b_esd                 ? 
_cell.length_c                     71.788 
_cell.length_c_esd                 ? 
_cell.volume                       ? 
_cell.volume_esd                   ? 
_cell.Z_PDB                        8 
_cell.reciprocal_angle_alpha       ? 
_cell.reciprocal_angle_beta        ? 
_cell.reciprocal_angle_gamma       ? 
_cell.reciprocal_angle_alpha_esd   ? 
_cell.reciprocal_angle_beta_esd    ? 
_cell.reciprocal_angle_gamma_esd   ? 
_cell.reciprocal_length_a          ? 
_cell.reciprocal_length_b          ? 
_cell.reciprocal_length_c          ? 
_cell.reciprocal_length_a_esd      ? 
_cell.reciprocal_length_b_esd      ? 
_cell.reciprocal_length_c_esd      ? 
_cell.pdbx_unique_axis             ? 
# 
_symmetry.entry_id                         5ZBK 
_symmetry.cell_setting                     ? 
_symmetry.Int_Tables_number                20 
_symmetry.space_group_name_Hall            ? 
_symmetry.space_group_name_H-M             'C 2 2 21' 
_symmetry.pdbx_full_space_group_name_H-M   ? 
# 
loop_
_entity.id 
_entity.type 
_entity.src_method 
_entity.pdbx_description 
_entity.formula_weight 
_entity.pdbx_number_of_molecules 
_entity.pdbx_ec 
_entity.pdbx_mutation 
_entity.pdbx_fragment 
_entity.details 
1 polymer     man 
;Putative cytokinin riboside 5'-monophosphate phosphoribohydrolase
;
21758.934 1  3.2.2.- E115A ? ? 
2 non-polymer syn GLYCEROL                                                            92.094    2  ?       ?     ? ? 
3 non-polymer syn 1,2-ETHANEDIOL                                                      62.068    1  ?       ?     ? ? 
4 non-polymer syn 'ADENOSINE MONOPHOSPHATE'                                           347.221   1  ?       ?     ? ? 
5 water       nat water                                                               18.015    10 ?       ?     ? ? 
# 
_entity_poly.entity_id                      1 
_entity_poly.type                           'polypeptide(L)' 
_entity_poly.nstd_linkage                   no 
_entity_poly.nstd_monomer                   no 
_entity_poly.pdbx_seq_one_letter_code       
;MTLRSVCVFCGASPGASPVYQEAAVALGRHLAERGLTLVYGGGAVGLMGTVADAALAAGGEVIGIIPQSLQEAEIGHKGL
TRLEVVDGMHARKARMAELADAFIALPGGLGTLEALFEVWTWGQLGYHAKPLGLLEVNGFYDPLLTFLDHLVDERFVRAE
HRGMLQRGASPEALLDALAAWTPSVAPKWVDRTPQLEHHHHHH
;
_entity_poly.pdbx_seq_one_letter_code_can   
;MTLRSVCVFCGASPGASPVYQEAAVALGRHLAERGLTLVYGGGAVGLMGTVADAALAAGGEVIGIIPQSLQEAEIGHKGL
TRLEVVDGMHARKARMAELADAFIALPGGLGTLEALFEVWTWGQLGYHAKPLGLLEVNGFYDPLLTFLDHLVDERFVRAE
HRGMLQRGASPEALLDALAAWTPSVAPKWVDRTPQLEHHHHHH
;
_entity_poly.pdbx_strand_id                 A 
_entity_poly.pdbx_target_identifier         ? 
# 
loop_
_entity_poly_seq.entity_id 
_entity_poly_seq.num 
_entity_poly_seq.mon_id 
_entity_poly_seq.hetero 
1 1   MET n 
1 2   THR n 
1 3   LEU n 
1 4   ARG n 
1 5   SER n 
1 6   VAL n 
1 7   CYS n 
1 8   VAL n 
1 9   PHE n 
1 10  CYS n 
1 11  GLY n 
1 12  ALA n 
1 13  SER n 
1 14  PRO n 
1 15  GLY n 
1 16  ALA n 
1 17  SER n 
1 18  PRO n 
1 19  VAL n 
1 20  TYR n 
1 21  GLN n 
1 22  GLU n 
1 23  ALA n 
1 24  ALA n 
1 25  VAL n 
1 26  ALA n 
1 27  LEU n 
1 28  GLY n 
1 29  ARG n 
1 30  HIS n 
1 31  LEU n 
1 32  ALA n 
1 33  GLU n 
1 34  ARG n 
1 35  GLY n 
1 36  LEU n 
1 37  THR n 
1 38  LEU n 
1 39  VAL n 
1 40  TYR n 
1 41  GLY n 
1 42  GLY n 
1 43  GLY n 
1 44  ALA n 
1 45  VAL n 
1 46  GLY n 
1 47  LEU n 
1 48  MET n 
1 49  GLY n 
1 50  THR n 
1 51  VAL n 
1 52  ALA n 
1 53  ASP n 
1 54  ALA n 
1 55  ALA n 
1 56  LEU n 
1 57  ALA n 
1 58  ALA n 
1 59  GLY n 
1 60  GLY n 
1 61  GLU n 
1 62  VAL n 
1 63  ILE n 
1 64  GLY n 
1 65  ILE n 
1 66  ILE n 
1 67  PRO n 
1 68  GLN n 
1 69  SER n 
1 70  LEU n 
1 71  GLN n 
1 72  GLU n 
1 73  ALA n 
1 74  GLU n 
1 75  ILE n 
1 76  GLY n 
1 77  HIS n 
1 78  LYS n 
1 79  GLY n 
1 80  LEU n 
1 81  THR n 
1 82  ARG n 
1 83  LEU n 
1 84  GLU n 
1 85  VAL n 
1 86  VAL n 
1 87  ASP n 
1 88  GLY n 
1 89  MET n 
1 90  HIS n 
1 91  ALA n 
1 92  ARG n 
1 93  LYS n 
1 94  ALA n 
1 95  ARG n 
1 96  MET n 
1 97  ALA n 
1 98  GLU n 
1 99  LEU n 
1 100 ALA n 
1 101 ASP n 
1 102 ALA n 
1 103 PHE n 
1 104 ILE n 
1 105 ALA n 
1 106 LEU n 
1 107 PRO n 
1 108 GLY n 
1 109 GLY n 
1 110 LEU n 
1 111 GLY n 
1 112 THR n 
1 113 LEU n 
1 114 GLU n 
1 115 ALA n 
1 116 LEU n 
1 117 PHE n 
1 118 GLU n 
1 119 VAL n 
1 120 TRP n 
1 121 THR n 
1 122 TRP n 
1 123 GLY n 
1 124 GLN n 
1 125 LEU n 
1 126 GLY n 
1 127 TYR n 
1 128 HIS n 
1 129 ALA n 
1 130 LYS n 
1 131 PRO n 
1 132 LEU n 
1 133 GLY n 
1 134 LEU n 
1 135 LEU n 
1 136 GLU n 
1 137 VAL n 
1 138 ASN n 
1 139 GLY n 
1 140 PHE n 
1 141 TYR n 
1 142 ASP n 
1 143 PRO n 
1 144 LEU n 
1 145 LEU n 
1 146 THR n 
1 147 PHE n 
1 148 LEU n 
1 149 ASP n 
1 150 HIS n 
1 151 LEU n 
1 152 VAL n 
1 153 ASP n 
1 154 GLU n 
1 155 ARG n 
1 156 PHE n 
1 157 VAL n 
1 158 ARG n 
1 159 ALA n 
1 160 GLU n 
1 161 HIS n 
1 162 ARG n 
1 163 GLY n 
1 164 MET n 
1 165 LEU n 
1 166 GLN n 
1 167 ARG n 
1 168 GLY n 
1 169 ALA n 
1 170 SER n 
1 171 PRO n 
1 172 GLU n 
1 173 ALA n 
1 174 LEU n 
1 175 LEU n 
1 176 ASP n 
1 177 ALA n 
1 178 LEU n 
1 179 ALA n 
1 180 ALA n 
1 181 TRP n 
1 182 THR n 
1 183 PRO n 
1 184 SER n 
1 185 VAL n 
1 186 ALA n 
1 187 PRO n 
1 188 LYS n 
1 189 TRP n 
1 190 VAL n 
1 191 ASP n 
1 192 ARG n 
1 193 THR n 
1 194 PRO n 
1 195 GLN n 
1 196 LEU n 
1 197 GLU n 
1 198 HIS n 
1 199 HIS n 
1 200 HIS n 
1 201 HIS n 
1 202 HIS n 
1 203 HIS n 
# 
_entity_src_gen.entity_id                          1 
_entity_src_gen.pdbx_src_id                        1 
_entity_src_gen.pdbx_alt_source_flag               sample 
_entity_src_gen.pdbx_seq_type                      'Biological sequence' 
_entity_src_gen.pdbx_beg_seq_num                   1 
_entity_src_gen.pdbx_end_seq_num                   203 
_entity_src_gen.gene_src_common_name               ? 
_entity_src_gen.gene_src_genus                     ? 
_entity_src_gen.pdbx_gene_src_gene                 PA4923 
_entity_src_gen.gene_src_species                   ? 
_entity_src_gen.gene_src_strain                    
'ATCC 15692 / DSM 22644 / CIP 104116 / JCM 14847 / LMG 12228 / 1C / PRS 101 / PAO1' 
_entity_src_gen.gene_src_tissue                    ? 
_entity_src_gen.gene_src_tissue_fraction           ? 
_entity_src_gen.gene_src_details                   ? 
_entity_src_gen.pdbx_gene_src_fragment             ? 
_entity_src_gen.pdbx_gene_src_scientific_name      
'Pseudomonas aeruginosa (strain ATCC 15692 / DSM 22644 / CIP 104116 / JCM 14847 / LMG 12228 / 1C / PRS 101 / PAO1)' 
_entity_src_gen.pdbx_gene_src_ncbi_taxonomy_id     208964 
_entity_src_gen.pdbx_gene_src_variant              ? 
_entity_src_gen.pdbx_gene_src_cell_line            ? 
_entity_src_gen.pdbx_gene_src_atcc                 ? 
_entity_src_gen.pdbx_gene_src_organ                ? 
_entity_src_gen.pdbx_gene_src_organelle            ? 
_entity_src_gen.pdbx_gene_src_cell                 ? 
_entity_src_gen.pdbx_gene_src_cellular_location    ? 
_entity_src_gen.host_org_common_name               ? 
_entity_src_gen.pdbx_host_org_scientific_name      'Escherichia coli BL21(DE3)' 
_entity_src_gen.pdbx_host_org_ncbi_taxonomy_id     469008 
_entity_src_gen.host_org_genus                     ? 
_entity_src_gen.pdbx_host_org_gene                 ? 
_entity_src_gen.pdbx_host_org_organ                ? 
_entity_src_gen.host_org_species                   ? 
_entity_src_gen.pdbx_host_org_tissue               ? 
_entity_src_gen.pdbx_host_org_tissue_fraction      ? 
_entity_src_gen.pdbx_host_org_strain               'BL21(DE3)' 
_entity_src_gen.pdbx_host_org_variant              ? 
_entity_src_gen.pdbx_host_org_cell_line            ? 
_entity_src_gen.pdbx_host_org_atcc                 ? 
_entity_src_gen.pdbx_host_org_culture_collection   ? 
_entity_src_gen.pdbx_host_org_cell                 ? 
_entity_src_gen.pdbx_host_org_organelle            ? 
_entity_src_gen.pdbx_host_org_cellular_location    ? 
_entity_src_gen.pdbx_host_org_vector_type          plasmid 
_entity_src_gen.pdbx_host_org_vector               ? 
_entity_src_gen.host_org_details                   ? 
_entity_src_gen.expression_system_id               ? 
_entity_src_gen.plasmid_name                       pET30a 
_entity_src_gen.plasmid_details                    ? 
_entity_src_gen.pdbx_description                   ? 
# 
_struct_ref.id                         1 
_struct_ref.db_name                    UNP 
_struct_ref.db_code                    LOGH_PSEAE 
_struct_ref.pdbx_db_accession          P48636 
_struct_ref.pdbx_db_isoform            ? 
_struct_ref.entity_id                  1 
_struct_ref.pdbx_seq_one_letter_code   
;MTLRSVCVFCGASPGASPVYQEAAVALGRHLAERGLTLVYGGGAVGLMGTVADAALAAGGEVIGIIPQSLQEAEIGHKGL
TRLEVVDGMHARKARMAELADAFIALPGGLGTLEELFEVWTWGQLGYHAKPLGLLEVNGFYDPLLTFLDHLVDERFVRAE
HRGMLQRGASPEALLDALAAWTPSVAPKWVDRTPQ
;
_struct_ref.pdbx_align_begin           1 
# 
_struct_ref_seq.align_id                      1 
_struct_ref_seq.ref_id                        1 
_struct_ref_seq.pdbx_PDB_id_code              5ZBK 
_struct_ref_seq.pdbx_strand_id                A 
_struct_ref_seq.seq_align_beg                 1 
_struct_ref_seq.pdbx_seq_align_beg_ins_code   ? 
_struct_ref_seq.seq_align_end                 195 
_struct_ref_seq.pdbx_seq_align_end_ins_code   ? 
_struct_ref_seq.pdbx_db_accession             P48636 
_struct_ref_seq.db_align_beg                  1 
_struct_ref_seq.pdbx_db_align_beg_ins_code    ? 
_struct_ref_seq.db_align_end                  195 
_struct_ref_seq.pdbx_db_align_end_ins_code    ? 
_struct_ref_seq.pdbx_auth_seq_align_beg       1 
_struct_ref_seq.pdbx_auth_seq_align_end       195 
# 
loop_
_struct_ref_seq_dif.align_id 
_struct_ref_seq_dif.pdbx_pdb_id_code 
_struct_ref_seq_dif.mon_id 
_struct_ref_seq_dif.pdbx_pdb_strand_id 
_struct_ref_seq_dif.seq_num 
_struct_ref_seq_dif.pdbx_pdb_ins_code 
_struct_ref_seq_dif.pdbx_seq_db_name 
_struct_ref_seq_dif.pdbx_seq_db_accession_code 
_struct_ref_seq_dif.db_mon_id 
_struct_ref_seq_dif.pdbx_seq_db_seq_num 
_struct_ref_seq_dif.details 
_struct_ref_seq_dif.pdbx_auth_seq_num 
_struct_ref_seq_dif.pdbx_ordinal 
1 5ZBK ALA A 115 ? UNP P48636 GLU 115 'engineered mutation' 115 1 
1 5ZBK LEU A 196 ? UNP P48636 ?   ?   'expression tag'      196 2 
1 5ZBK GLU A 197 ? UNP P48636 ?   ?   'expression tag'      197 3 
1 5ZBK HIS A 198 ? UNP P48636 ?   ?   'expression tag'      198 4 
1 5ZBK HIS A 199 ? UNP P48636 ?   ?   'expression tag'      199 5 
1 5ZBK HIS A 200 ? UNP P48636 ?   ?   'expression tag'      200 6 
1 5ZBK HIS A 201 ? UNP P48636 ?   ?   'expression tag'      201 7 
1 5ZBK HIS A 202 ? UNP P48636 ?   ?   'expression tag'      202 8 
1 5ZBK HIS A 203 ? UNP P48636 ?   ?   'expression tag'      203 9 
# 
loop_
_chem_comp.id 
_chem_comp.type 
_chem_comp.mon_nstd_flag 
_chem_comp.name 
_chem_comp.pdbx_synonyms 
_chem_comp.formula 
_chem_comp.formula_weight 
ALA 'L-peptide linking' y ALANINE                   ?                               'C3 H7 N O2'      89.093  
AMP non-polymer         . 'ADENOSINE MONOPHOSPHATE' ?                               'C10 H14 N5 O7 P' 347.221 
ARG 'L-peptide linking' y ARGININE                  ?                               'C6 H15 N4 O2 1'  175.209 
ASN 'L-peptide linking' y ASPARAGINE                ?                               'C4 H8 N2 O3'     132.118 
ASP 'L-peptide linking' y 'ASPARTIC ACID'           ?                               'C4 H7 N O4'      133.103 
CYS 'L-peptide linking' y CYSTEINE                  ?                               'C3 H7 N O2 S'    121.158 
EDO non-polymer         . 1,2-ETHANEDIOL            'ETHYLENE GLYCOL'               'C2 H6 O2'        62.068  
GLN 'L-peptide linking' y GLUTAMINE                 ?                               'C5 H10 N2 O3'    146.144 
GLU 'L-peptide linking' y 'GLUTAMIC ACID'           ?                               'C5 H9 N O4'      147.129 
GLY 'peptide linking'   y GLYCINE                   ?                               'C2 H5 N O2'      75.067  
GOL non-polymer         . GLYCEROL                  'GLYCERIN; PROPANE-1,2,3-TRIOL' 'C3 H8 O3'        92.094  
HIS 'L-peptide linking' y HISTIDINE                 ?                               'C6 H10 N3 O2 1'  156.162 
HOH non-polymer         . WATER                     ?                               'H2 O'            18.015  
ILE 'L-peptide linking' y ISOLEUCINE                ?                               'C6 H13 N O2'     131.173 
LEU 'L-peptide linking' y LEUCINE                   ?                               'C6 H13 N O2'     131.173 
LYS 'L-peptide linking' y LYSINE                    ?                               'C6 H15 N2 O2 1'  147.195 
MET 'L-peptide linking' y METHIONINE                ?                               'C5 H11 N O2 S'   149.211 
PHE 'L-peptide linking' y PHENYLALANINE             ?                               'C9 H11 N O2'     165.189 
PRO 'L-peptide linking' y PROLINE                   ?                               'C5 H9 N O2'      115.130 
SER 'L-peptide linking' y SERINE                    ?                               'C3 H7 N O3'      105.093 
THR 'L-peptide linking' y THREONINE                 ?                               'C4 H9 N O3'      119.119 
TRP 'L-peptide linking' y TRYPTOPHAN                ?                               'C11 H12 N2 O2'   204.225 
TYR 'L-peptide linking' y TYROSINE                  ?                               'C9 H11 N O3'     181.189 
VAL 'L-peptide linking' y VALINE                    ?                               'C5 H11 N O2'     117.146 
# 
_exptl.absorpt_coefficient_mu     ? 
_exptl.absorpt_correction_T_max   ? 
_exptl.absorpt_correction_T_min   ? 
_exptl.absorpt_correction_type    ? 
_exptl.absorpt_process_details    ? 
_exptl.entry_id                   5ZBK 
_exptl.crystals_number            1 
_exptl.details                    ? 
_exptl.method                     'X-RAY DIFFRACTION' 
_exptl.method_details             ? 
# 
_exptl_crystal.colour                      ? 
_exptl_crystal.density_diffrn              ? 
_exptl_crystal.density_Matthews            2.60 
_exptl_crystal.density_method              ? 
_exptl_crystal.density_percent_sol         52.71 
_exptl_crystal.description                 ? 
_exptl_crystal.F_000                       ? 
_exptl_crystal.id                          1 
_exptl_crystal.preparation                 ? 
_exptl_crystal.size_max                    ? 
_exptl_crystal.size_mid                    ? 
_exptl_crystal.size_min                    ? 
_exptl_crystal.size_rad                    ? 
_exptl_crystal.colour_lustre               ? 
_exptl_crystal.colour_modifier             ? 
_exptl_crystal.colour_primary              ? 
_exptl_crystal.density_meas                ? 
_exptl_crystal.density_meas_esd            ? 
_exptl_crystal.density_meas_gt             ? 
_exptl_crystal.density_meas_lt             ? 
_exptl_crystal.density_meas_temp           ? 
_exptl_crystal.density_meas_temp_esd       ? 
_exptl_crystal.density_meas_temp_gt        ? 
_exptl_crystal.density_meas_temp_lt        ? 
_exptl_crystal.pdbx_crystal_image_url      ? 
_exptl_crystal.pdbx_crystal_image_format   ? 
_exptl_crystal.pdbx_mosaicity              ? 
_exptl_crystal.pdbx_mosaicity_esd          ? 
# 
_exptl_crystal_grow.apparatus       ? 
_exptl_crystal_grow.atmosphere      ? 
_exptl_crystal_grow.crystal_id      1 
_exptl_crystal_grow.details         ? 
_exptl_crystal_grow.method          'VAPOR DIFFUSION, HANGING DROP' 
_exptl_crystal_grow.method_ref      ? 
_exptl_crystal_grow.pH              6.8 
_exptl_crystal_grow.pressure        ? 
_exptl_crystal_grow.pressure_esd    ? 
_exptl_crystal_grow.seeding         ? 
_exptl_crystal_grow.seeding_ref     ? 
_exptl_crystal_grow.temp            293 
_exptl_crystal_grow.temp_details    ? 
_exptl_crystal_grow.temp_esd        ? 
_exptl_crystal_grow.time            ? 
_exptl_crystal_grow.pdbx_details    'ammonium phosphate dibasic, citrate pH 5.5, sodium chloride' 
_exptl_crystal_grow.pdbx_pH_range   ? 
# 
_diffrn.ambient_environment    ? 
_diffrn.ambient_temp           100 
_diffrn.ambient_temp_details   ? 
_diffrn.ambient_temp_esd       ? 
_diffrn.crystal_id             1 
_diffrn.crystal_support        ? 
_diffrn.crystal_treatment      ? 
_diffrn.details                ? 
_diffrn.id                     1 
_diffrn.ambient_pressure       ? 
_diffrn.ambient_pressure_esd   ? 
_diffrn.ambient_pressure_gt    ? 
_diffrn.ambient_pressure_lt    ? 
_diffrn.ambient_temp_gt        ? 
_diffrn.ambient_temp_lt        ? 
# 
_diffrn_detector.details                      ? 
_diffrn_detector.detector                     CCD 
_diffrn_detector.diffrn_id                    1 
_diffrn_detector.type                         'ADSC QUANTUM 270' 
_diffrn_detector.area_resol_mean              ? 
_diffrn_detector.dtime                        ? 
_diffrn_detector.pdbx_frames_total            ? 
_diffrn_detector.pdbx_collection_time_total   ? 
_diffrn_detector.pdbx_collection_date         2017-06-23 
# 
_diffrn_radiation.collimation                      ? 
_diffrn_radiation.diffrn_id                        1 
_diffrn_radiation.filter_edge                      ? 
_diffrn_radiation.inhomogeneity                    ? 
_diffrn_radiation.monochromator                    'Double Crystal Monochromator' 
_diffrn_radiation.polarisn_norm                    ? 
_diffrn_radiation.polarisn_ratio                   ? 
_diffrn_radiation.probe                            ? 
_diffrn_radiation.type                             ? 
_diffrn_radiation.xray_symbol                      ? 
_diffrn_radiation.wavelength_id                    1 
_diffrn_radiation.pdbx_monochromatic_or_laue_m_l   M 
_diffrn_radiation.pdbx_wavelength_list             ? 
_diffrn_radiation.pdbx_wavelength                  ? 
_diffrn_radiation.pdbx_diffrn_protocol             'SINGLE WAVELENGTH' 
_diffrn_radiation.pdbx_analyzer                    ? 
_diffrn_radiation.pdbx_scattering_type             x-ray 
# 
_diffrn_radiation_wavelength.id           1 
_diffrn_radiation_wavelength.wavelength   0.97934 
_diffrn_radiation_wavelength.wt           1.0 
# 
_diffrn_source.current                     ? 
_diffrn_source.details                     ? 
_diffrn_source.diffrn_id                   1 
_diffrn_source.power                       ? 
_diffrn_source.size                        ? 
_diffrn_source.source                      SYNCHROTRON 
_diffrn_source.target                      ? 
_diffrn_source.type                        'PAL/PLS BEAMLINE 7A (6B, 6C1)' 
_diffrn_source.voltage                     ? 
_diffrn_source.take-off_angle              ? 
_diffrn_source.pdbx_wavelength_list        0.97934 
_diffrn_source.pdbx_wavelength             ? 
_diffrn_source.pdbx_synchrotron_beamline   '7A (6B, 6C1)' 
_diffrn_source.pdbx_synchrotron_site       PAL/PLS 
# 
_reflns.B_iso_Wilson_estimate            ? 
_reflns.entry_id                         5ZBK 
_reflns.data_reduction_details           ? 
_reflns.data_reduction_method            ? 
_reflns.d_resolution_high                2.3 
_reflns.d_resolution_low                 54 
_reflns.details                          ? 
_reflns.limit_h_max                      ? 
_reflns.limit_h_min                      ? 
_reflns.limit_k_max                      ? 
_reflns.limit_k_min                      ? 
_reflns.limit_l_max                      ? 
_reflns.limit_l_min                      ? 
_reflns.number_all                       ? 
_reflns.number_obs                       10160 
_reflns.observed_criterion               ? 
_reflns.observed_criterion_F_max         ? 
_reflns.observed_criterion_F_min         ? 
_reflns.observed_criterion_I_max         ? 
_reflns.observed_criterion_I_min         ? 
_reflns.observed_criterion_sigma_F       ? 
_reflns.observed_criterion_sigma_I       ? 
_reflns.percent_possible_obs             97.3 
_reflns.R_free_details                   ? 
_reflns.Rmerge_F_all                     ? 
_reflns.Rmerge_F_obs                     ? 
_reflns.Friedel_coverage                 ? 
_reflns.number_gt                        ? 
_reflns.threshold_expression             ? 
_reflns.pdbx_redundancy                  4.3 
_reflns.pdbx_Rmerge_I_obs                0.123 
_reflns.pdbx_Rmerge_I_all                ? 
_reflns.pdbx_Rsym_value                  ? 
_reflns.pdbx_netI_over_av_sigmaI         ? 
_reflns.pdbx_netI_over_sigmaI            12.8 
_reflns.pdbx_res_netI_over_av_sigmaI_2   ? 
_reflns.pdbx_res_netI_over_sigmaI_2      ? 
_reflns.pdbx_chi_squared                 ? 
_reflns.pdbx_scaling_rejects             ? 
_reflns.pdbx_d_res_high_opt              ? 
_reflns.pdbx_d_res_low_opt               ? 
_reflns.pdbx_d_res_opt_method            ? 
_reflns.phase_calculation_details        ? 
_reflns.pdbx_Rrim_I_all                  ? 
_reflns.pdbx_Rpim_I_all                  0.063 
_reflns.pdbx_d_opt                       ? 
_reflns.pdbx_number_measured_all         ? 
_reflns.pdbx_diffrn_id                   1 
_reflns.pdbx_ordinal                     1 
_reflns.pdbx_CC_half                     0.912 
_reflns.pdbx_R_split                     ? 
_reflns.pdbx_CC_star                     ? 
# 
_reflns_shell.d_res_high                  2.30 
_reflns_shell.d_res_low                   2.34 
_reflns_shell.meanI_over_sigI_all         ? 
_reflns_shell.meanI_over_sigI_obs         ? 
_reflns_shell.number_measured_all         ? 
_reflns_shell.number_measured_obs         ? 
_reflns_shell.number_possible             ? 
_reflns_shell.number_unique_all           ? 
_reflns_shell.number_unique_obs           493 
_reflns_shell.percent_possible_all        ? 
_reflns_shell.percent_possible_obs        ? 
_reflns_shell.Rmerge_F_all                ? 
_reflns_shell.Rmerge_F_obs                ? 
_reflns_shell.Rmerge_I_all                ? 
_reflns_shell.Rmerge_I_obs                0.349 
_reflns_shell.meanI_over_sigI_gt          ? 
_reflns_shell.meanI_over_uI_all           ? 
_reflns_shell.meanI_over_uI_gt            ? 
_reflns_shell.number_measured_gt          ? 
_reflns_shell.number_unique_gt            ? 
_reflns_shell.percent_possible_gt         ? 
_reflns_shell.Rmerge_F_gt                 ? 
_reflns_shell.Rmerge_I_gt                 ? 
_reflns_shell.pdbx_redundancy             ? 
_reflns_shell.pdbx_Rsym_value             ? 
_reflns_shell.pdbx_chi_squared            ? 
_reflns_shell.pdbx_netI_over_sigmaI_all   ? 
_reflns_shell.pdbx_netI_over_sigmaI_obs   ? 
_reflns_shell.pdbx_Rrim_I_all             ? 
_reflns_shell.pdbx_Rpim_I_all             0.162 
_reflns_shell.pdbx_rejects                ? 
_reflns_shell.pdbx_ordinal                1 
_reflns_shell.pdbx_diffrn_id              1 
_reflns_shell.pdbx_CC_half                0.713 
_reflns_shell.pdbx_R_split                ? 
_reflns_shell.pdbx_CC_star                ? 
# 
_refine.aniso_B[1][1]                            -0.3100 
_refine.aniso_B[1][2]                            -0.0000 
_refine.aniso_B[1][3]                            -0.0000 
_refine.aniso_B[2][2]                            0.8700 
_refine.aniso_B[2][3]                            0.0000 
_refine.aniso_B[3][3]                            -0.5600 
_refine.B_iso_max                                56.940 
_refine.B_iso_mean                               16.2080 
_refine.B_iso_min                                3.010 
_refine.correlation_coeff_Fo_to_Fc               0.9300 
_refine.correlation_coeff_Fo_to_Fc_free          0.8990 
_refine.details                                  
'HYDROGENS HAVE BEEN ADDED IN THE RIDING POSITIONS U VALUES      : REFINED INDIVIDUALLY' 
_refine.diff_density_max                         ? 
_refine.diff_density_max_esd                     ? 
_refine.diff_density_min                         ? 
_refine.diff_density_min_esd                     ? 
_refine.diff_density_rms                         ? 
_refine.diff_density_rms_esd                     ? 
_refine.entry_id                                 5ZBK 
_refine.pdbx_refine_id                           'X-RAY DIFFRACTION' 
_refine.ls_abs_structure_details                 ? 
_refine.ls_abs_structure_Flack                   ? 
_refine.ls_abs_structure_Flack_esd               ? 
_refine.ls_abs_structure_Rogers                  ? 
_refine.ls_abs_structure_Rogers_esd              ? 
_refine.ls_d_res_high                            2.3000 
_refine.ls_d_res_low                             54.0000 
_refine.ls_extinction_coef                       ? 
_refine.ls_extinction_coef_esd                   ? 
_refine.ls_extinction_expression                 ? 
_refine.ls_extinction_method                     ? 
_refine.ls_goodness_of_fit_all                   ? 
_refine.ls_goodness_of_fit_all_esd               ? 
_refine.ls_goodness_of_fit_obs                   ? 
_refine.ls_goodness_of_fit_obs_esd               ? 
_refine.ls_hydrogen_treatment                    ? 
_refine.ls_matrix_type                           ? 
_refine.ls_number_constraints                    ? 
_refine.ls_number_parameters                     ? 
_refine.ls_number_reflns_all                     ? 
_refine.ls_number_reflns_obs                     9646 
_refine.ls_number_reflns_R_free                  505 
_refine.ls_number_reflns_R_work                  ? 
_refine.ls_number_restraints                     ? 
_refine.ls_percent_reflns_obs                    97.1100 
_refine.ls_percent_reflns_R_free                 5.0000 
_refine.ls_R_factor_all                          ? 
_refine.ls_R_factor_obs                          0.1847 
_refine.ls_R_factor_R_free                       0.2377 
_refine.ls_R_factor_R_free_error                 ? 
_refine.ls_R_factor_R_free_error_details         ? 
_refine.ls_R_factor_R_work                       0.1820 
_refine.ls_R_Fsqd_factor_obs                     ? 
_refine.ls_R_I_factor_obs                        ? 
_refine.ls_redundancy_reflns_all                 ? 
_refine.ls_redundancy_reflns_obs                 ? 
_refine.ls_restrained_S_all                      ? 
_refine.ls_restrained_S_obs                      ? 
_refine.ls_shift_over_esd_max                    ? 
_refine.ls_shift_over_esd_mean                   ? 
_refine.ls_structure_factor_coef                 ? 
_refine.ls_weighting_details                     ? 
_refine.ls_weighting_scheme                      ? 
_refine.ls_wR_factor_all                         ? 
_refine.ls_wR_factor_obs                         ? 
_refine.ls_wR_factor_R_free                      ? 
_refine.ls_wR_factor_R_work                      ? 
_refine.occupancy_max                            ? 
_refine.occupancy_min                            ? 
_refine.solvent_model_details                    ? 
_refine.solvent_model_param_bsol                 ? 
_refine.solvent_model_param_ksol                 ? 
_refine.ls_R_factor_gt                           ? 
_refine.ls_goodness_of_fit_gt                    ? 
_refine.ls_goodness_of_fit_ref                   ? 
_refine.ls_shift_over_su_max                     ? 
_refine.ls_shift_over_su_max_lt                  ? 
_refine.ls_shift_over_su_mean                    ? 
_refine.ls_shift_over_su_mean_lt                 ? 
_refine.pdbx_ls_sigma_I                          ? 
_refine.pdbx_ls_sigma_F                          0.000 
_refine.pdbx_ls_sigma_Fsqd                       ? 
_refine.pdbx_data_cutoff_high_absF               ? 
_refine.pdbx_data_cutoff_high_rms_absF           ? 
_refine.pdbx_data_cutoff_low_absF                ? 
_refine.pdbx_isotropic_thermal_model             ? 
_refine.pdbx_ls_cross_valid_method               THROUGHOUT 
_refine.pdbx_method_to_determine_struct          'MOLECULAR REPLACEMENT' 
_refine.pdbx_starting_model                      5ITS 
_refine.pdbx_stereochemistry_target_values       ? 
_refine.pdbx_R_Free_selection_details            RANDOM 
_refine.pdbx_stereochem_target_val_spec_case     ? 
_refine.pdbx_overall_ESU_R                       0.2530 
_refine.pdbx_overall_ESU_R_Free                  0.2140 
_refine.pdbx_solvent_vdw_probe_radii             1.2000 
_refine.pdbx_solvent_ion_probe_radii             0.8000 
_refine.pdbx_solvent_shrinkage_radii             0.8000 
_refine.pdbx_real_space_R                        ? 
_refine.pdbx_density_correlation                 ? 
_refine.pdbx_pd_number_of_powder_patterns        ? 
_refine.pdbx_pd_number_of_points                 ? 
_refine.pdbx_pd_meas_number_of_points            ? 
_refine.pdbx_pd_proc_ls_prof_R_factor            ? 
_refine.pdbx_pd_proc_ls_prof_wR_factor           ? 
_refine.pdbx_pd_Marquardt_correlation_coeff      ? 
_refine.pdbx_pd_Fsqrd_R_factor                   ? 
_refine.pdbx_pd_ls_matrix_band_width             ? 
_refine.pdbx_overall_phase_error                 ? 
_refine.pdbx_overall_SU_R_free_Cruickshank_DPI   ? 
_refine.pdbx_overall_SU_R_free_Blow_DPI          ? 
_refine.pdbx_overall_SU_R_Blow_DPI               ? 
_refine.pdbx_TLS_residual_ADP_flag               ? 
_refine.pdbx_diffrn_id                           1 
_refine.overall_SU_B                             6.4630 
_refine.overall_SU_ML                            0.1560 
_refine.overall_SU_R_Cruickshank_DPI             ? 
_refine.overall_SU_R_free                        ? 
_refine.overall_FOM_free_R_set                   ? 
_refine.overall_FOM_work_R_set                   ? 
_refine.pdbx_average_fsc_overall                 ? 
_refine.pdbx_average_fsc_work                    ? 
_refine.pdbx_average_fsc_free                    ? 
# 
_refine_hist.cycle_id                         final 
_refine_hist.pdbx_refine_id                   'X-RAY DIFFRACTION' 
_refine_hist.d_res_high                       2.3000 
_refine_hist.d_res_low                        54.0000 
_refine_hist.pdbx_number_atoms_ligand         39 
_refine_hist.number_atoms_solvent             10 
_refine_hist.number_atoms_total               1399 
_refine_hist.pdbx_number_residues_total       182 
_refine_hist.pdbx_B_iso_mean_ligand           29.97 
_refine_hist.pdbx_B_iso_mean_solvent          11.20 
_refine_hist.pdbx_number_atoms_protein        1350 
_refine_hist.pdbx_number_atoms_nucleic_acid   0 
# 
loop_
_refine_ls_restr.pdbx_refine_id 
_refine_ls_restr.criterion 
_refine_ls_restr.dev_ideal 
_refine_ls_restr.dev_ideal_target 
_refine_ls_restr.number 
_refine_ls_restr.rejects 
_refine_ls_restr.type 
_refine_ls_restr.weight 
_refine_ls_restr.pdbx_restraint_function 
'X-RAY DIFFRACTION' ? 0.014  0.019  1417 ? r_bond_refined_d       ? ? 
'X-RAY DIFFRACTION' ? 0.002  0.020  1343 ? r_bond_other_d         ? ? 
'X-RAY DIFFRACTION' ? 1.780  1.998  1924 ? r_angle_refined_deg    ? ? 
'X-RAY DIFFRACTION' ? 1.047  3.000  3087 ? r_angle_other_deg      ? ? 
'X-RAY DIFFRACTION' ? 5.854  5.000  181  ? r_dihedral_angle_1_deg ? ? 
'X-RAY DIFFRACTION' ? 39.391 22.909 55   ? r_dihedral_angle_2_deg ? ? 
'X-RAY DIFFRACTION' ? 16.209 15.000 210  ? r_dihedral_angle_3_deg ? ? 
'X-RAY DIFFRACTION' ? 20.551 15.000 10   ? r_dihedral_angle_4_deg ? ? 
'X-RAY DIFFRACTION' ? 0.102  0.200  218  ? r_chiral_restr         ? ? 
'X-RAY DIFFRACTION' ? 0.006  0.021  1582 ? r_gen_planes_refined   ? ? 
'X-RAY DIFFRACTION' ? 0.001  0.020  295  ? r_gen_planes_other     ? ? 
# 
_refine_ls_shell.pdbx_refine_id                   'X-RAY DIFFRACTION' 
_refine_ls_shell.d_res_high                       2.3000 
_refine_ls_shell.d_res_low                        2.3590 
_refine_ls_shell.number_reflns_all                699 
_refine_ls_shell.number_reflns_obs                ? 
_refine_ls_shell.number_reflns_R_free             43 
_refine_ls_shell.number_reflns_R_work             656 
_refine_ls_shell.percent_reflns_obs               91.3700 
_refine_ls_shell.percent_reflns_R_free            ? 
_refine_ls_shell.R_factor_all                     ? 
_refine_ls_shell.R_factor_obs                     ? 
_refine_ls_shell.R_factor_R_free                  0.3220 
_refine_ls_shell.R_factor_R_free_error            0.0000 
_refine_ls_shell.R_factor_R_work                  0.2270 
_refine_ls_shell.redundancy_reflns_all            ? 
_refine_ls_shell.redundancy_reflns_obs            ? 
_refine_ls_shell.wR_factor_all                    ? 
_refine_ls_shell.wR_factor_obs                    ? 
_refine_ls_shell.wR_factor_R_free                 ? 
_refine_ls_shell.wR_factor_R_work                 ? 
_refine_ls_shell.pdbx_total_number_of_bins_used   20 
_refine_ls_shell.pdbx_phase_error                 ? 
_refine_ls_shell.pdbx_fsc_work                    ? 
_refine_ls_shell.pdbx_fsc_free                    ? 
# 
_struct.entry_id                     5ZBK 
_struct.title                        'Crystal structure of type-I LOG from Pseudomonas aeruginosa PAO1 in complex with AMP' 
_struct.pdbx_model_details           ? 
_struct.pdbx_formula_weight          ? 
_struct.pdbx_formula_weight_method   ? 
_struct.pdbx_model_type_details      ? 
_struct.pdbx_CASP_flag               N 
# 
_struct_keywords.entry_id        5ZBK 
_struct_keywords.text            hydrolase 
_struct_keywords.pdbx_keywords   HYDROLASE 
# 
loop_
_struct_asym.id 
_struct_asym.pdbx_blank_PDB_chainid_flag 
_struct_asym.pdbx_modified 
_struct_asym.entity_id 
_struct_asym.details 
A N N 1 ? 
B N N 2 ? 
C N N 2 ? 
D N N 3 ? 
E N N 4 ? 
F N N 5 ? 
# 
loop_
_struct_conf.conf_type_id 
_struct_conf.id 
_struct_conf.pdbx_PDB_helix_id 
_struct_conf.beg_label_comp_id 
_struct_conf.beg_label_asym_id 
_struct_conf.beg_label_seq_id 
_struct_conf.pdbx_beg_PDB_ins_code 
_struct_conf.end_label_comp_id 
_struct_conf.end_label_asym_id 
_struct_conf.end_label_seq_id 
_struct_conf.pdbx_end_PDB_ins_code 
_struct_conf.beg_auth_comp_id 
_struct_conf.beg_auth_asym_id 
_struct_conf.beg_auth_seq_id 
_struct_conf.end_auth_comp_id 
_struct_conf.end_auth_asym_id 
_struct_conf.end_auth_seq_id 
_struct_conf.pdbx_PDB_helix_class 
_struct_conf.details 
_struct_conf.pdbx_PDB_helix_length 
HELX_P HELX_P1 AA1 PRO A 18  ? GLY A 35  ? PRO A 18  GLY A 35  1 ? 18 
HELX_P HELX_P2 AA2 VAL A 45  ? ALA A 58  ? VAL A 45  ALA A 58  1 ? 14 
HELX_P HELX_P3 AA3 LEU A 70  ? ILE A 75  ? LEU A 70  ILE A 75  1 ? 6  
HELX_P HELX_P4 AA4 ASP A 87  ? ALA A 100 ? ASP A 87  ALA A 100 1 ? 14 
HELX_P HELX_P5 AA5 GLY A 109 ? LEU A 125 ? GLY A 109 LEU A 125 1 ? 17 
HELX_P HELX_P6 AA6 TYR A 141 ? GLU A 154 ? TYR A 141 GLU A 154 1 ? 14 
HELX_P HELX_P7 AA7 ARG A 158 ? GLY A 163 ? ARG A 158 GLY A 163 1 ? 6  
HELX_P HELX_P8 AA8 SER A 170 ? TRP A 181 ? SER A 170 TRP A 181 1 ? 12 
# 
_struct_conf_type.id          HELX_P 
_struct_conf_type.criteria    ? 
_struct_conf_type.reference   ? 
# 
_struct_sheet.id               AA1 
_struct_sheet.type             ? 
_struct_sheet.number_strands   7 
_struct_sheet.details          ? 
# 
loop_
_struct_sheet_order.sheet_id 
_struct_sheet_order.range_id_1 
_struct_sheet_order.range_id_2 
_struct_sheet_order.offset 
_struct_sheet_order.sense 
AA1 1 2 ? parallel 
AA1 2 3 ? parallel 
AA1 3 4 ? parallel 
AA1 4 5 ? parallel 
AA1 5 6 ? parallel 
AA1 6 7 ? parallel 
# 
loop_
_struct_sheet_range.sheet_id 
_struct_sheet_range.id 
_struct_sheet_range.beg_label_comp_id 
_struct_sheet_range.beg_label_asym_id 
_struct_sheet_range.beg_label_seq_id 
_struct_sheet_range.pdbx_beg_PDB_ins_code 
_struct_sheet_range.end_label_comp_id 
_struct_sheet_range.end_label_asym_id 
_struct_sheet_range.end_label_seq_id 
_struct_sheet_range.pdbx_end_PDB_ins_code 
_struct_sheet_range.beg_auth_comp_id 
_struct_sheet_range.beg_auth_asym_id 
_struct_sheet_range.beg_auth_seq_id 
_struct_sheet_range.end_auth_comp_id 
_struct_sheet_range.end_auth_asym_id 
_struct_sheet_range.end_auth_seq_id 
AA1 1 ARG A 82  ? VAL A 86  ? ARG A 82  VAL A 86  
AA1 2 VAL A 62  ? PRO A 67  ? VAL A 62  PRO A 67  
AA1 3 THR A 37  ? TYR A 40  ? THR A 37  TYR A 40  
AA1 4 SER A 5   ? PHE A 9   ? SER A 5   PHE A 9   
AA1 5 ALA A 102 ? ALA A 105 ? ALA A 102 ALA A 105 
AA1 6 LEU A 132 ? LEU A 135 ? LEU A 132 LEU A 135 
AA1 7 LEU A 165 ? GLY A 168 ? LEU A 165 GLY A 168 
# 
loop_
_pdbx_struct_sheet_hbond.sheet_id 
_pdbx_struct_sheet_hbond.range_id_1 
_pdbx_struct_sheet_hbond.range_id_2 
_pdbx_struct_sheet_hbond.range_1_label_atom_id 
_pdbx_struct_sheet_hbond.range_1_label_comp_id 
_pdbx_struct_sheet_hbond.range_1_label_asym_id 
_pdbx_struct_sheet_hbond.range_1_label_seq_id 
_pdbx_struct_sheet_hbond.range_1_PDB_ins_code 
_pdbx_struct_sheet_hbond.range_1_auth_atom_id 
_pdbx_struct_sheet_hbond.range_1_auth_comp_id 
_pdbx_struct_sheet_hbond.range_1_auth_asym_id 
_pdbx_struct_sheet_hbond.range_1_auth_seq_id 
_pdbx_struct_sheet_hbond.range_2_label_atom_id 
_pdbx_struct_sheet_hbond.range_2_label_comp_id 
_pdbx_struct_sheet_hbond.range_2_label_asym_id 
_pdbx_struct_sheet_hbond.range_2_label_seq_id 
_pdbx_struct_sheet_hbond.range_2_PDB_ins_code 
_pdbx_struct_sheet_hbond.range_2_auth_atom_id 
_pdbx_struct_sheet_hbond.range_2_auth_comp_id 
_pdbx_struct_sheet_hbond.range_2_auth_asym_id 
_pdbx_struct_sheet_hbond.range_2_auth_seq_id 
AA1 1 2 O GLU A 84  ? O GLU A 84  N GLY A 64  ? N GLY A 64  
AA1 2 3 O ILE A 63  ? O ILE A 63  N LEU A 38  ? N LEU A 38  
AA1 3 4 O VAL A 39  ? O VAL A 39  N VAL A 8   ? N VAL A 8   
AA1 4 5 N CYS A 7   ? N CYS A 7   O ALA A 102 ? O ALA A 102 
AA1 5 6 N ALA A 105 ? N ALA A 105 O GLY A 133 ? O GLY A 133 
AA1 6 7 N LEU A 132 ? N LEU A 132 O GLN A 166 ? O GLN A 166 
# 
loop_
_struct_site.id 
_struct_site.pdbx_evidence_code 
_struct_site.pdbx_auth_asym_id 
_struct_site.pdbx_auth_comp_id 
_struct_site.pdbx_auth_seq_id 
_struct_site.pdbx_auth_ins_code 
_struct_site.pdbx_num_residues 
_struct_site.details 
AC1 Software A GOL 301 ? 10 'binding site for residue GOL A 301' 
AC2 Software A GOL 302 ? 4  'binding site for residue GOL A 302' 
AC3 Software A EDO 303 ? 3  'binding site for residue EDO A 303' 
AC4 Software A AMP 304 ? 18 'binding site for residue AMP A 304' 
# 
loop_
_struct_site_gen.id 
_struct_site_gen.site_id 
_struct_site_gen.pdbx_num_res 
_struct_site_gen.label_comp_id 
_struct_site_gen.label_asym_id 
_struct_site_gen.label_seq_id 
_struct_site_gen.pdbx_auth_ins_code 
_struct_site_gen.auth_comp_id 
_struct_site_gen.auth_asym_id 
_struct_site_gen.auth_seq_id 
_struct_site_gen.label_atom_id 
_struct_site_gen.label_alt_id 
_struct_site_gen.symmetry 
_struct_site_gen.details 
1  AC1 10 GLN A 68  ? GLN A 68  . ? 4_565 ? 
2  AC1 10 HIS A 77  ? HIS A 77  . ? 1_555 ? 
3  AC1 10 LYS A 78  ? LYS A 78  . ? 1_555 ? 
4  AC1 10 GLY A 79  ? GLY A 79  . ? 1_555 ? 
5  AC1 10 LEU A 80  ? LEU A 80  . ? 1_555 ? 
6  AC1 10 THR A 81  ? THR A 81  . ? 1_555 ? 
7  AC1 10 LEU A 83  ? LEU A 83  . ? 1_555 ? 
8  AC1 10 VAL A 85  ? VAL A 85  . ? 4_565 ? 
9  AC1 10 VAL A 86  ? VAL A 86  . ? 4_565 ? 
10 AC1 10 ASP A 87  ? ASP A 87  . ? 4_565 ? 
11 AC2 4  SER A 13  ? SER A 13  . ? 3_555 ? 
12 AC2 4  ARG A 155 ? ARG A 155 . ? 1_555 ? 
13 AC2 4  GLU A 172 ? GLU A 172 . ? 6_455 ? 
14 AC2 4  ASP A 176 ? ASP A 176 . ? 6_455 ? 
15 AC3 3  HIS A 30  ? HIS A 30  . ? 6_455 ? 
16 AC3 3  ARG A 155 ? ARG A 155 . ? 1_555 ? 
17 AC3 3  GLU A 172 ? GLU A 172 . ? 6_455 ? 
18 AC4 18 CYS A 10  ? CYS A 10  . ? 1_555 ? 
19 AC4 18 ALA A 12  ? ALA A 12  . ? 1_555 ? 
20 AC4 18 MET A 48  ? MET A 48  . ? 1_555 ? 
21 AC4 18 LEU A 70  ? LEU A 70  . ? 1_555 ? 
22 AC4 18 GLU A 74  ? GLU A 74  . ? 1_555 ? 
23 AC4 18 MET A 89  ? MET A 89  . ? 1_555 ? 
24 AC4 18 ARG A 92  ? ARG A 92  . ? 1_555 ? 
25 AC4 18 LYS A 93  ? LYS A 93  . ? 1_555 ? 
26 AC4 18 GLY A 109 ? GLY A 109 . ? 1_555 ? 
27 AC4 18 LEU A 110 ? LEU A 110 . ? 1_555 ? 
28 AC4 18 GLY A 111 ? GLY A 111 . ? 1_555 ? 
29 AC4 18 THR A 112 ? THR A 112 . ? 1_555 ? 
30 AC4 18 THR A 121 ? THR A 121 . ? 3_555 ? 
31 AC4 18 HOH F .   ? HOH A 401 . ? 3_555 ? 
32 AC4 18 HOH F .   ? HOH A 402 . ? 1_555 ? 
33 AC4 18 HOH F .   ? HOH A 403 . ? 1_555 ? 
34 AC4 18 HOH F .   ? HOH A 404 . ? 1_555 ? 
35 AC4 18 HOH F .   ? HOH A 406 . ? 1_555 ? 
# 
_atom_sites.entry_id                    5ZBK 
_atom_sites.fract_transf_matrix[1][1]   -0.01335965 
_atom_sites.fract_transf_matrix[1][2]   -0.00365602 
_atom_sites.fract_transf_matrix[1][3]   -0.00678170 
_atom_sites.fract_transf_matrix[2][1]   -0.00503045 
_atom_sites.fract_transf_matrix[2][2]   0.00584379 
_atom_sites.fract_transf_matrix[2][3]   0.00675938 
_atom_sites.fract_transf_matrix[3][1]   0.00131413 
_atom_sites.fract_transf_matrix[3][2]   0.01095974 
_atom_sites.fract_transf_matrix[3][3]   -0.00849718 
_atom_sites.fract_transf_vector[1]      -0.029140 
_atom_sites.fract_transf_vector[2]      0.320977 
_atom_sites.fract_transf_vector[3]      0.066706 
# 
loop_
_atom_type.symbol 
C 
N 
O 
P 
S 
# 
loop_
_atom_site.group_PDB 
_atom_site.id 
_atom_site.type_symbol 
_atom_site.label_atom_id 
_atom_site.label_alt_id 
_atom_site.label_comp_id 
_atom_site.label_asym_id 
_atom_site.label_entity_id 
_atom_site.label_seq_id 
_atom_site.pdbx_PDB_ins_code 
_atom_site.Cartn_x 
_atom_site.Cartn_y 
_atom_site.Cartn_z 
_atom_site.occupancy 
_atom_site.B_iso_or_equiv 
_atom_site.pdbx_formal_charge 
_atom_site.auth_seq_id 
_atom_site.auth_comp_id 
_atom_site.auth_asym_id 
_atom_site.auth_atom_id 
_atom_site.pdbx_PDB_model_num 
ATOM   1    N N     . THR A 1 2   ? 11.958  0.891   13.526  1.00 36.78 ? 2   THR A N     1 
ATOM   2    C CA    . THR A 1 2   ? 10.933  -0.201  13.681  1.00 36.48 ? 2   THR A CA    1 
ATOM   3    C C     . THR A 1 2   ? 9.628   0.138   12.909  1.00 33.36 ? 2   THR A C     1 
ATOM   4    O O     . THR A 1 2   ? 9.128   1.253   12.991  1.00 31.94 ? 2   THR A O     1 
ATOM   5    C CB    . THR A 1 2   ? 10.632  -0.458  15.169  1.00 36.54 ? 2   THR A CB    1 
ATOM   6    O OG1   . THR A 1 2   ? 11.862  -0.653  15.859  1.00 40.74 ? 2   THR A OG1   1 
ATOM   7    C CG2   . THR A 1 2   ? 9.792   -1.699  15.374  1.00 38.24 ? 2   THR A CG2   1 
ATOM   8    N N     . LEU A 1 3   ? 9.122   -0.807  12.115  1.00 28.34 ? 3   LEU A N     1 
ATOM   9    C CA    . LEU A 1 3   ? 7.762   -0.722  11.605  1.00 25.49 ? 3   LEU A CA    1 
ATOM   10   C C     . LEU A 1 3   ? 6.821   -1.249  12.670  1.00 22.63 ? 3   LEU A C     1 
ATOM   11   O O     . LEU A 1 3   ? 7.121   -2.254  13.276  1.00 22.99 ? 3   LEU A O     1 
ATOM   12   C CB    . LEU A 1 3   ? 7.592   -1.571  10.357  1.00 25.91 ? 3   LEU A CB    1 
ATOM   13   C CG    . LEU A 1 3   ? 8.537   -1.241  9.194   1.00 26.05 ? 3   LEU A CG    1 
ATOM   14   C CD1   . LEU A 1 3   ? 8.347   -2.265  8.084   1.00 25.24 ? 3   LEU A CD1   1 
ATOM   15   C CD2   . LEU A 1 3   ? 8.376   0.175   8.675   1.00 25.39 ? 3   LEU A CD2   1 
ATOM   16   N N     . ARG A 1 4   ? 5.729   -0.541  12.928  1.00 20.72 ? 4   ARG A N     1 
ATOM   17   C CA    . ARG A 1 4   ? 4.594   -1.068  13.704  1.00 21.61 ? 4   ARG A CA    1 
ATOM   18   C C     . ARG A 1 4   ? 3.346   -1.204  12.864  1.00 17.99 ? 4   ARG A C     1 
ATOM   19   O O     . ARG A 1 4   ? 2.522   -2.020  13.154  1.00 16.76 ? 4   ARG A O     1 
ATOM   20   C CB    . ARG A 1 4   ? 4.312   -0.196  14.942  1.00 24.58 ? 4   ARG A CB    1 
ATOM   21   C CG    . ARG A 1 4   ? 5.445   -0.272  15.945  1.00 28.80 ? 4   ARG A CG    1 
ATOM   22   C CD    . ARG A 1 4   ? 5.485   0.910   16.913  1.00 34.86 ? 4   ARG A CD    1 
ATOM   23   N NE    . ARG A 1 4   ? 4.555   0.779   18.045  1.00 40.58 ? 4   ARG A NE    1 
ATOM   24   C CZ    . ARG A 1 4   ? 4.679   -0.089  19.062  1.00 48.80 ? 4   ARG A CZ    1 
ATOM   25   N NH1   . ARG A 1 4   ? 3.760   -0.098  20.030  1.00 51.93 ? 4   ARG A NH1   1 
ATOM   26   N NH2   . ARG A 1 4   ? 5.698   -0.967  19.128  1.00 51.59 ? 4   ARG A NH2   1 
ATOM   27   N N     . SER A 1 5   ? 3.196   -0.409  11.814  1.00 17.39 ? 5   SER A N     1 
ATOM   28   C CA    . SER A 1 5   ? 2.007   -0.506  10.958  1.00 17.28 ? 5   SER A CA    1 
ATOM   29   C C     . SER A 1 5   ? 2.341   -0.126  9.531   1.00 15.66 ? 5   SER A C     1 
ATOM   30   O O     . SER A 1 5   ? 3.194   0.726   9.299   1.00 16.02 ? 5   SER A O     1 
ATOM   31   C CB    . SER A 1 5   ? 0.877   0.372   11.497  1.00 17.70 ? 5   SER A CB    1 
ATOM   32   O OG    . SER A 1 5   ? 1.078   1.697   11.074  1.00 19.40 ? 5   SER A OG    1 
ATOM   33   N N     . VAL A 1 6   ? 1.655   -0.752  8.586   1.00 14.21 ? 6   VAL A N     1 
ATOM   34   C CA    . VAL A 1 6   ? 1.969   -0.610  7.169   1.00 13.60 ? 6   VAL A CA    1 
ATOM   35   C C     . VAL A 1 6   ? 0.700   -0.317  6.407   1.00 12.84 ? 6   VAL A C     1 
ATOM   36   O O     . VAL A 1 6   ? -0.288  -1.041  6.515   1.00 13.35 ? 6   VAL A O     1 
ATOM   37   C CB    . VAL A 1 6   ? 2.621   -1.892  6.624   1.00 13.15 ? 6   VAL A CB    1 
ATOM   38   C CG1   . VAL A 1 6   ? 2.820   -1.821  5.118   1.00 13.52 ? 6   VAL A CG1   1 
ATOM   39   C CG2   . VAL A 1 6   ? 3.969   -2.065  7.267   1.00 13.56 ? 6   VAL A CG2   1 
ATOM   40   N N     . CYS A 1 7   ? 0.738   0.726   5.615   1.00 12.10 ? 7   CYS A N     1 
ATOM   41   C CA    . CYS A 1 7   ? -0.402  1.085   4.791   1.00 11.81 ? 7   CYS A CA    1 
ATOM   42   C C     . CYS A 1 7   ? -0.295  0.368   3.445   1.00 11.06 ? 7   CYS A C     1 
ATOM   43   O O     . CYS A 1 7   ? 0.738   0.387   2.852   1.00 10.16 ? 7   CYS A O     1 
ATOM   44   C CB    . CYS A 1 7   ? -0.432  2.569   4.598   1.00 12.25 ? 7   CYS A CB    1 
ATOM   45   S SG    . CYS A 1 7   ? -1.772  3.092   3.520   1.00 14.23 ? 7   CYS A SG    1 
ATOM   46   N N     . VAL A 1 8   ? -1.340  -0.326  3.010   1.00 11.00 ? 8   VAL A N     1 
ATOM   47   C CA    . VAL A 1 8   ? -1.337  -0.975  1.716   1.00 10.91 ? 8   VAL A CA    1 
ATOM   48   C C     . VAL A 1 8   ? -2.372  -0.350  0.785   1.00 11.29 ? 8   VAL A C     1 
ATOM   49   O O     . VAL A 1 8   ? -3.533  -0.188  1.161   1.00 11.51 ? 8   VAL A O     1 
ATOM   50   C CB    . VAL A 1 8   ? -1.632  -2.467  1.809   1.00 10.75 ? 8   VAL A CB    1 
ATOM   51   C CG1   . VAL A 1 8   ? -1.718  -3.085  0.397   1.00 10.90 ? 8   VAL A CG1   1 
ATOM   52   C CG2   . VAL A 1 8   ? -0.576  -3.149  2.625   1.00 10.60 ? 8   VAL A CG2   1 
ATOM   53   N N     . PHE A 1 9   ? -1.924  -0.024  -0.435  1.00 11.50 ? 9   PHE A N     1 
ATOM   54   C CA    . PHE A 1 9   ? -2.770  0.424   -1.532  1.00 11.25 ? 9   PHE A CA    1 
ATOM   55   C C     . PHE A 1 9   ? -2.790  -0.726  -2.523  1.00 11.81 ? 9   PHE A C     1 
ATOM   56   O O     . PHE A 1 9   ? -1.736  -1.346  -2.826  1.00 11.51 ? 9   PHE A O     1 
ATOM   57   C CB    . PHE A 1 9   ? -2.147  1.641   -2.239  1.00 11.08 ? 9   PHE A CB    1 
ATOM   58   C CG    . PHE A 1 9   ? -1.767  2.785   -1.324  1.00 10.68 ? 9   PHE A CG    1 
ATOM   59   C CD1   . PHE A 1 9   ? -2.673  3.315   -0.432  1.00 10.52 ? 9   PHE A CD1   1 
ATOM   60   C CD2   . PHE A 1 9   ? -0.486  3.355   -1.396  1.00 11.19 ? 9   PHE A CD2   1 
ATOM   61   C CE1   . PHE A 1 9   ? -2.337  4.407   0.390   1.00 10.76 ? 9   PHE A CE1   1 
ATOM   62   C CE2   . PHE A 1 9   ? -0.128  4.447   -0.584  1.00 11.07 ? 9   PHE A CE2   1 
ATOM   63   C CZ    . PHE A 1 9   ? -1.066  4.974   0.319   1.00 10.75 ? 9   PHE A CZ    1 
ATOM   64   N N     . CYS A 1 10  ? -3.973  -1.007  -3.035  1.00 12.56 ? 10  CYS A N     1 
ATOM   65   C CA    . CYS A 1 10  ? -4.194  -2.109  -3.961  1.00 13.53 ? 10  CYS A CA    1 
ATOM   66   C C     . CYS A 1 10  ? -5.544  -1.914  -4.704  1.00 13.24 ? 10  CYS A C     1 
ATOM   67   O O     . CYS A 1 10  ? -6.467  -1.163  -4.289  1.00 12.05 ? 10  CYS A O     1 
ATOM   68   C CB    . CYS A 1 10  ? -4.178  -3.449  -3.211  1.00 14.83 ? 10  CYS A CB    1 
ATOM   69   S SG    . CYS A 1 10  ? -5.373  -3.513  -1.864  1.00 18.92 ? 10  CYS A SG    1 
ATOM   70   N N     . GLY A 1 11  ? -5.662  -2.614  -5.811  1.00 12.55 ? 11  GLY A N     1 
ATOM   71   C CA    . GLY A 1 11  ? -6.875  -2.538  -6.579  1.00 12.28 ? 11  GLY A CA    1 
ATOM   72   C C     . GLY A 1 11  ? -8.154  -2.915  -5.865  1.00 12.12 ? 11  GLY A C     1 
ATOM   73   O O     . GLY A 1 11  ? -8.189  -3.910  -5.120  1.00 12.33 ? 11  GLY A O     1 
ATOM   74   N N     . ALA A 1 12  ? -9.203  -2.143  -6.149  1.00 11.58 ? 12  ALA A N     1 
ATOM   75   C CA    . ALA A 1 12  ? -10.593 -2.531  -5.885  1.00 12.43 ? 12  ALA A CA    1 
ATOM   76   C C     . ALA A 1 12  ? -11.144 -3.603  -6.822  1.00 12.54 ? 12  ALA A C     1 
ATOM   77   O O     . ALA A 1 12  ? -12.211 -4.100  -6.550  1.00 13.34 ? 12  ALA A O     1 
ATOM   78   C CB    . ALA A 1 12  ? -11.518 -1.318  -5.897  1.00 12.64 ? 12  ALA A CB    1 
ATOM   79   N N     . SER A 1 13  ? -10.399 -3.951  -7.883  1.00 12.52 ? 13  SER A N     1 
ATOM   80   C CA    . SER A 1 13  ? -10.644 -5.112  -8.742  1.00 12.34 ? 13  SER A CA    1 
ATOM   81   C C     . SER A 1 13  ? -9.717  -6.225  -8.342  1.00 12.19 ? 13  SER A C     1 
ATOM   82   O O     . SER A 1 13  ? -8.638  -5.959  -7.811  1.00 13.37 ? 13  SER A O     1 
ATOM   83   C CB    . SER A 1 13  ? -10.337 -4.796  -10.208 1.00 12.21 ? 13  SER A CB    1 
ATOM   84   O OG    . SER A 1 13  ? -10.859 -3.547  -10.501 1.00 12.67 ? 13  SER A OG    1 
ATOM   85   N N     . PRO A 1 14  ? -10.109 -7.472  -8.605  1.00 12.33 ? 14  PRO A N     1 
ATOM   86   C CA    . PRO A 1 14  ? -9.210  -8.575  -8.322  1.00 12.82 ? 14  PRO A CA    1 
ATOM   87   C C     . PRO A 1 14  ? -8.111  -8.755  -9.351  1.00 13.41 ? 14  PRO A C     1 
ATOM   88   O O     . PRO A 1 14  ? -7.113  -9.365  -9.012  1.00 15.95 ? 14  PRO A O     1 
ATOM   89   C CB    . PRO A 1 14  ? -10.126 -9.780  -8.348  1.00 12.83 ? 14  PRO A CB    1 
ATOM   90   C CG    . PRO A 1 14  ? -11.204 -9.391  -9.305  1.00 13.09 ? 14  PRO A CG    1 
ATOM   91   C CD    . PRO A 1 14  ? -11.436 -7.937  -9.054  1.00 12.58 ? 14  PRO A CD    1 
ATOM   92   N N     . GLY A 1 15  ? -8.264  -8.257  -10.577 1.00 13.32 ? 15  GLY A N     1 
ATOM   93   C CA    . GLY A 1 15  ? -7.266  -8.455  -11.633 1.00 13.55 ? 15  GLY A CA    1 
ATOM   94   C C     . GLY A 1 15  ? -7.567  -9.674  -12.492 1.00 13.56 ? 15  GLY A C     1 
ATOM   95   O O     . GLY A 1 15  ? -8.208  -10.584 -12.038 1.00 14.96 ? 15  GLY A O     1 
ATOM   96   N N     . ALA A 1 16  ? -7.055  -9.719  -13.710 1.00 14.34 ? 16  ALA A N     1 
ATOM   97   C CA    . ALA A 1 16  ? -7.423  -10.749 -14.697 1.00 14.53 ? 16  ALA A CA    1 
ATOM   98   C C     . ALA A 1 16  ? -6.902  -12.131 -14.430 1.00 15.08 ? 16  ALA A C     1 
ATOM   99   O O     . ALA A 1 16  ? -7.311  -13.059 -15.121 1.00 16.53 ? 16  ALA A O     1 
ATOM   100  C CB    . ALA A 1 16  ? -6.936  -10.357 -16.075 1.00 15.07 ? 16  ALA A CB    1 
ATOM   101  N N     . SER A 1 17  ? -5.961  -12.303 -13.508 1.00 14.83 ? 17  SER A N     1 
ATOM   102  C CA    . SER A 1 17  ? -5.442  -13.631 -13.266 1.00 14.25 ? 17  SER A CA    1 
ATOM   103  C C     . SER A 1 17  ? -5.260  -13.859 -11.761 1.00 13.74 ? 17  SER A C     1 
ATOM   104  O O     . SER A 1 17  ? -5.175  -12.896 -10.996 1.00 14.57 ? 17  SER A O     1 
ATOM   105  C CB    . SER A 1 17  ? -4.151  -13.834 -14.051 1.00 14.91 ? 17  SER A CB    1 
ATOM   106  O OG    . SER A 1 17  ? -3.064  -13.905 -13.142 1.00 16.22 ? 17  SER A OG    1 
ATOM   107  N N     . PRO A 1 18  ? -5.218  -15.134 -11.324 1.00 13.05 ? 18  PRO A N     1 
ATOM   108  C CA    . PRO A 1 18  ? -5.102  -15.434 -9.898  1.00 12.12 ? 18  PRO A CA    1 
ATOM   109  C C     . PRO A 1 18  ? -3.827  -14.980 -9.212  1.00 11.59 ? 18  PRO A C     1 
ATOM   110  O O     . PRO A 1 18  ? -3.836  -14.908 -8.007  1.00 11.04 ? 18  PRO A O     1 
ATOM   111  C CB    . PRO A 1 18  ? -5.134  -16.956 -9.853  1.00 12.22 ? 18  PRO A CB    1 
ATOM   112  C CG    . PRO A 1 18  ? -5.665  -17.369 -11.168 1.00 12.51 ? 18  PRO A CG    1 
ATOM   113  C CD    . PRO A 1 18  ? -5.182  -16.376 -12.126 1.00 12.83 ? 18  PRO A CD    1 
ATOM   114  N N     . VAL A 1 19  ? -2.752  -14.667 -9.939  1.00 11.85 ? 19  VAL A N     1 
ATOM   115  C CA    . VAL A 1 19  ? -1.476  -14.258 -9.272  1.00 11.98 ? 19  VAL A CA    1 
ATOM   116  C C     . VAL A 1 19  ? -1.606  -13.051 -8.351  1.00 11.51 ? 19  VAL A C     1 
ATOM   117  O O     . VAL A 1 19  ? -0.893  -12.945 -7.378  1.00 10.94 ? 19  VAL A O     1 
ATOM   118  C CB    . VAL A 1 19  ? -0.332  -13.987 -10.266 1.00 12.38 ? 19  VAL A CB    1 
ATOM   119  C CG1   . VAL A 1 19  ? -0.004  -15.257 -11.023 1.00 13.54 ? 19  VAL A CG1   1 
ATOM   120  C CG2   . VAL A 1 19  ? -0.672  -12.882 -11.247 1.00 12.37 ? 19  VAL A CG2   1 
ATOM   121  N N     . TYR A 1 20  ? -2.552  -12.167 -8.656  1.00 12.11 ? 20  TYR A N     1 
ATOM   122  C CA    . TYR A 1 20  ? -2.700  -10.918 -7.920  1.00 12.35 ? 20  TYR A CA    1 
ATOM   123  C C     . TYR A 1 20  ? -3.243  -11.242 -6.564  1.00 12.98 ? 20  TYR A C     1 
ATOM   124  O O     . TYR A 1 20  ? -2.661  -10.822 -5.576  1.00 12.55 ? 20  TYR A O     1 
ATOM   125  C CB    . TYR A 1 20  ? -3.544  -9.913  -8.688  1.00 12.11 ? 20  TYR A CB    1 
ATOM   126  C CG    . TYR A 1 20  ? -2.989  -9.620  -10.063 1.00 12.07 ? 20  TYR A CG    1 
ATOM   127  C CD1   . TYR A 1 20  ? -1.737  -9.078  -10.211 1.00 12.90 ? 20  TYR A CD1   1 
ATOM   128  C CD2   . TYR A 1 20  ? -3.701  -9.894  -11.210 1.00 12.43 ? 20  TYR A CD2   1 
ATOM   129  C CE1   . TYR A 1 20  ? -1.178  -8.816  -11.467 1.00 12.80 ? 20  TYR A CE1   1 
ATOM   130  C CE2   . TYR A 1 20  ? -3.161  -9.633  -12.469 1.00 12.64 ? 20  TYR A CE2   1 
ATOM   131  C CZ    . TYR A 1 20  ? -1.896  -9.103  -12.584 1.00 12.75 ? 20  TYR A CZ    1 
ATOM   132  O OH    . TYR A 1 20  ? -1.333  -8.808  -13.800 1.00 13.73 ? 20  TYR A OH    1 
ATOM   133  N N     . GLN A 1 21  ? -4.285  -12.074 -6.512  1.00 14.73 ? 21  GLN A N     1 
ATOM   134  C CA    . GLN A 1 21  ? -4.893  -12.506 -5.247  1.00 15.52 ? 21  GLN A CA    1 
ATOM   135  C C     . GLN A 1 21  ? -3.912  -13.295 -4.402  1.00 15.62 ? 21  GLN A C     1 
ATOM   136  O O     . GLN A 1 21  ? -3.842  -13.088 -3.182  1.00 15.29 ? 21  GLN A O     1 
ATOM   137  C CB    . GLN A 1 21  ? -6.195  -13.287 -5.474  1.00 16.81 ? 21  GLN A CB    1 
ATOM   138  C CG    . GLN A 1 21  ? -7.300  -12.380 -6.009  1.00 19.65 ? 21  GLN A CG    1 
ATOM   139  C CD    . GLN A 1 21  ? -8.668  -12.539 -5.344  1.00 21.59 ? 21  GLN A CD    1 
ATOM   140  O OE1   . GLN A 1 21  ? -9.119  -13.663 -5.104  1.00 24.11 ? 21  GLN A OE1   1 
ATOM   141  N NE2   . GLN A 1 21  ? -9.360  -11.402 -5.078  1.00 22.89 ? 21  GLN A NE2   1 
ATOM   142  N N     . GLU A 1 22  ? -3.117  -14.153 -5.037  1.00 15.65 ? 22  GLU A N     1 
ATOM   143  C CA    . GLU A 1 22  ? -2.042  -14.861 -4.328  1.00 16.21 ? 22  GLU A CA    1 
ATOM   144  C C     . GLU A 1 22  ? -1.046  -13.879 -3.693  1.00 14.98 ? 22  GLU A C     1 
ATOM   145  O O     . GLU A 1 22  ? -0.697  -14.014 -2.505  1.00 14.73 ? 22  GLU A O     1 
ATOM   146  C CB    . GLU A 1 22  ? -1.370  -15.913 -5.238  1.00 18.01 ? 22  GLU A CB    1 
ATOM   147  C CG    . GLU A 1 22  ? -2.293  -17.120 -5.537  1.00 19.65 ? 22  GLU A CG    1 
ATOM   148  C CD    . GLU A 1 22  ? -1.886  -17.954 -6.771  1.00 22.18 ? 22  GLU A CD    1 
ATOM   149  O OE1   . GLU A 1 22  ? -0.721  -17.903 -7.227  1.00 23.17 ? 22  GLU A OE1   1 
ATOM   150  O OE2   . GLU A 1 22  ? -2.738  -18.680 -7.324  1.00 24.72 ? 22  GLU A OE2   1 
ATOM   151  N N     . ALA A 1 23  ? -0.643  -12.844 -4.422  1.00 13.66 ? 23  ALA A N     1 
ATOM   152  C CA    . ALA A 1 23  ? 0.280   -11.867 -3.809  1.00 13.12 ? 23  ALA A CA    1 
ATOM   153  C C     . ALA A 1 23  ? -0.347  -11.112 -2.647  1.00 12.13 ? 23  ALA A C     1 
ATOM   154  O O     . ALA A 1 23  ? 0.314   -10.843 -1.648  1.00 12.73 ? 23  ALA A O     1 
ATOM   155  C CB    . ALA A 1 23  ? 0.836   -10.898 -4.845  1.00 13.51 ? 23  ALA A CB    1 
ATOM   156  N N     . ALA A 1 24  ? -1.623  -10.802 -2.751  1.00 11.16 ? 24  ALA A N     1 
ATOM   157  C CA    . ALA A 1 24  ? -2.336  -10.103 -1.670  1.00 10.76 ? 24  ALA A CA    1 
ATOM   158  C C     . ALA A 1 24  ? -2.494  -10.929 -0.396  1.00 10.07 ? 24  ALA A C     1 
ATOM   159  O O     . ALA A 1 24  ? -2.371  -10.426 0.744   1.00 9.75  ? 24  ALA A O     1 
ATOM   160  C CB    . ALA A 1 24  ? -3.713  -9.672  -2.153  1.00 10.78 ? 24  ALA A CB    1 
ATOM   161  N N     . VAL A 1 25  ? -2.861  -12.178 -0.616  1.00 9.56  ? 25  VAL A N     1 
ATOM   162  C CA    . VAL A 1 25  ? -2.864  -13.177 0.453   1.00 9.16  ? 25  VAL A CA    1 
ATOM   163  C C     . VAL A 1 25  ? -1.485  -13.304 1.097   1.00 9.04  ? 25  VAL A C     1 
ATOM   164  O O     . VAL A 1 25  ? -1.366  -13.261 2.322   1.00 8.95  ? 25  VAL A O     1 
ATOM   165  C CB    . VAL A 1 25  ? -3.391  -14.572 -0.007  1.00 8.75  ? 25  VAL A CB    1 
ATOM   166  C CG1   . VAL A 1 25  ? -3.264  -15.593 1.147   1.00 8.72  ? 25  VAL A CG1   1 
ATOM   167  C CG2   . VAL A 1 25  ? -4.851  -14.524 -0.501  1.00 8.38  ? 25  VAL A CG2   1 
ATOM   168  N N     . ALA A 1 26  ? -0.436  -13.487 0.303   1.00 9.09  ? 26  ALA A N     1 
ATOM   169  C CA    . ALA A 1 26  ? 0.894   -13.604 0.910   1.00 9.19  ? 26  ALA A CA    1 
ATOM   170  C C     . ALA A 1 26  ? 1.265   -12.382 1.782   1.00 9.32  ? 26  ALA A C     1 
ATOM   171  O O     . ALA A 1 26  ? 1.831   -12.500 2.874   1.00 9.45  ? 26  ALA A O     1 
ATOM   172  C CB    . ALA A 1 26  ? 1.945   -13.840 -0.151  1.00 9.15  ? 26  ALA A CB    1 
ATOM   173  N N     . LEU A 1 27  ? 0.944   -11.211 1.293   1.00 9.56  ? 27  LEU A N     1 
ATOM   174  C CA    . LEU A 1 27  ? 1.290   -9.989  1.984   1.00 9.62  ? 27  LEU A CA    1 
ATOM   175  C C     . LEU A 1 27  ? 0.474   -9.779  3.254   1.00 10.35 ? 27  LEU A C     1 
ATOM   176  O O     . LEU A 1 27  ? 1.032   -9.375  4.276   1.00 9.91  ? 27  LEU A O     1 
ATOM   177  C CB    . LEU A 1 27  ? 1.136   -8.780  1.070   1.00 9.11  ? 27  LEU A CB    1 
ATOM   178  C CG    . LEU A 1 27  ? 1.368   -7.373  1.677   1.00 8.82  ? 27  LEU A CG    1 
ATOM   179  C CD1   . LEU A 1 27  ? 2.756   -7.183  2.287   1.00 8.50  ? 27  LEU A CD1   1 
ATOM   180  C CD2   . LEU A 1 27  ? 1.071   -6.350  0.590   1.00 8.76  ? 27  LEU A CD2   1 
ATOM   181  N N     . GLY A 1 28  ? -0.836  -9.987  3.182   1.00 11.05 ? 28  GLY A N     1 
ATOM   182  C CA    . GLY A 1 28  ? -1.692  -9.845  4.366   1.00 12.05 ? 28  GLY A CA    1 
ATOM   183  C C     . GLY A 1 28  ? -1.259  -10.788 5.492   1.00 13.15 ? 28  GLY A C     1 
ATOM   184  O O     . GLY A 1 28  ? -1.155  -10.379 6.672   1.00 11.88 ? 28  GLY A O     1 
ATOM   185  N N     . ARG A 1 29  ? -1.015  -12.040 5.094   1.00 15.08 ? 29  ARG A N     1 
ATOM   186  C CA    . ARG A 1 29  ? -0.573  -13.093 5.985   1.00 17.75 ? 29  ARG A CA    1 
ATOM   187  C C     . ARG A 1 29  ? 0.790   -12.715 6.534   1.00 16.41 ? 29  ARG A C     1 
ATOM   188  O O     . ARG A 1 29  ? 0.996   -12.748 7.746   1.00 15.19 ? 29  ARG A O     1 
ATOM   189  C CB    . ARG A 1 29  ? -0.586  -14.456 5.270   1.00 21.88 ? 29  ARG A CB    1 
ATOM   190  C CG    . ARG A 1 29  ? 0.128   -15.585 6.000   1.00 27.93 ? 29  ARG A CG    1 
ATOM   191  C CD    . ARG A 1 29  ? -0.549  -16.934 5.791   1.00 34.00 ? 29  ARG A CD    1 
ATOM   192  N NE    . ARG A 1 29  ? 0.419   -18.015 5.563   1.00 42.22 ? 29  ARG A NE    1 
ATOM   193  C CZ    . ARG A 1 29  ? 0.567   -19.134 6.291   1.00 48.53 ? 29  ARG A CZ    1 
ATOM   194  N NH1   . ARG A 1 29  ? -0.170  -19.380 7.382   1.00 54.12 ? 29  ARG A NH1   1 
ATOM   195  N NH2   . ARG A 1 29  ? 1.484   -20.033 5.920   1.00 47.61 ? 29  ARG A NH2   1 
ATOM   196  N N     . HIS A 1 30  ? 1.698   -12.271 5.681   1.00 16.37 ? 30  HIS A N     1 
ATOM   197  C CA    . HIS A 1 30  ? 3.014   -11.893 6.195   1.00 17.03 ? 30  HIS A CA    1 
ATOM   198  C C     . HIS A 1 30  ? 2.981   -10.733 7.187   1.00 16.79 ? 30  HIS A C     1 
ATOM   199  O O     . HIS A 1 30  ? 3.709   -10.782 8.177   1.00 15.91 ? 30  HIS A O     1 
ATOM   200  C CB    . HIS A 1 30  ? 4.000   -11.568 5.105   1.00 18.35 ? 30  HIS A CB    1 
ATOM   201  C CG    . HIS A 1 30  ? 5.399   -11.436 5.614   1.00 19.51 ? 30  HIS A CG    1 
ATOM   202  N ND1   . HIS A 1 30  ? 6.084   -12.485 6.193   1.00 20.68 ? 30  HIS A ND1   1 
ATOM   203  C CD2   . HIS A 1 30  ? 6.226   -10.371 5.675   1.00 20.88 ? 30  HIS A CD2   1 
ATOM   204  C CE1   . HIS A 1 30  ? 7.287   -12.075 6.561   1.00 21.02 ? 30  HIS A CE1   1 
ATOM   205  N NE2   . HIS A 1 30  ? 7.401   -10.794 6.257   1.00 20.79 ? 30  HIS A NE2   1 
ATOM   206  N N     . LEU A 1 31  ? 2.150   -9.710  6.933   1.00 16.17 ? 31  LEU A N     1 
ATOM   207  C CA    . LEU A 1 31  ? 2.047   -8.566  7.851   1.00 15.91 ? 31  LEU A CA    1 
ATOM   208  C C     . LEU A 1 31  ? 1.615   -9.017  9.232   1.00 16.14 ? 31  LEU A C     1 
ATOM   209  O O     . LEU A 1 31  ? 2.275   -8.686  10.237  1.00 16.70 ? 31  LEU A O     1 
ATOM   210  C CB    . LEU A 1 31  ? 1.109   -7.477  7.352   1.00 14.98 ? 31  LEU A CB    1 
ATOM   211  C CG    . LEU A 1 31  ? 1.674   -6.735  6.142   1.00 15.17 ? 31  LEU A CG    1 
ATOM   212  C CD1   . LEU A 1 31  ? 0.641   -5.893  5.398   1.00 15.00 ? 31  LEU A CD1   1 
ATOM   213  C CD2   . LEU A 1 31  ? 2.888   -5.895  6.530   1.00 15.65 ? 31  LEU A CD2   1 
ATOM   214  N N     . ALA A 1 32  ? 0.540   -9.785  9.273   1.00 15.89 ? 32  ALA A N     1 
ATOM   215  C CA    . ALA A 1 32  ? 0.021   -10.355 10.513  1.00 16.84 ? 32  ALA A CA    1 
ATOM   216  C C     . ALA A 1 32  ? 1.068   -11.206 11.270  1.00 18.00 ? 32  ALA A C     1 
ATOM   217  O O     . ALA A 1 32  ? 1.357   -10.946 12.437  1.00 19.59 ? 32  ALA A O     1 
ATOM   218  C CB    . ALA A 1 32  ? -1.211  -11.181 10.208  1.00 17.70 ? 32  ALA A CB    1 
ATOM   219  N N     . GLU A 1 33  ? 1.683   -12.156 10.586  1.00 18.74 ? 33  GLU A N     1 
ATOM   220  C CA    . GLU A 1 33  ? 2.724   -13.002 11.174  1.00 19.97 ? 33  GLU A CA    1 
ATOM   221  C C     . GLU A 1 33  ? 3.881   -12.182 11.771  1.00 19.98 ? 33  GLU A C     1 
ATOM   222  O O     . GLU A 1 33  ? 4.484   -12.541 12.796  1.00 19.72 ? 33  GLU A O     1 
ATOM   223  C CB    . GLU A 1 33  ? 3.196   -14.044 10.157  1.00 20.67 ? 33  GLU A CB    1 
ATOM   224  C CG    . GLU A 1 33  ? 2.115   -15.108 9.996   1.00 23.00 ? 33  GLU A CG    1 
ATOM   225  C CD    . GLU A 1 33  ? 2.392   -16.176 8.933   1.00 26.32 ? 33  GLU A CD    1 
ATOM   226  O OE1   . GLU A 1 33  ? 3.465   -16.148 8.282   1.00 29.41 ? 33  GLU A OE1   1 
ATOM   227  O OE2   . GLU A 1 33  ? 1.500   -17.054 8.750   1.00 28.40 ? 33  GLU A OE2   1 
ATOM   228  N N     . ARG A 1 34  ? 4.137   -11.044 11.169  1.00 18.36 ? 34  ARG A N     1 
ATOM   229  C CA    . ARG A 1 34  ? 5.218   -10.191 11.616  1.00 18.30 ? 34  ARG A CA    1 
ATOM   230  C C     . ARG A 1 34  ? 4.862   -9.286  12.797  1.00 16.42 ? 34  ARG A C     1 
ATOM   231  O O     . ARG A 1 34  ? 5.744   -8.692  13.357  1.00 18.55 ? 34  ARG A O     1 
ATOM   232  C CB    . ARG A 1 34  ? 5.695   -9.392  10.415  1.00 18.87 ? 34  ARG A CB    1 
ATOM   233  C CG    . ARG A 1 34  ? 7.047   -8.777  10.542  1.00 19.78 ? 34  ARG A CG    1 
ATOM   234  C CD    . ARG A 1 34  ? 7.745   -8.954  9.207   1.00 20.79 ? 34  ARG A CD    1 
ATOM   235  N NE    . ARG A 1 34  ? 8.853   -8.021  9.065   1.00 20.86 ? 34  ARG A NE    1 
ATOM   236  C CZ    . ARG A 1 34  ? 9.803   -8.121  8.143   1.00 22.04 ? 34  ARG A CZ    1 
ATOM   237  N NH1   . ARG A 1 34  ? 10.776  -7.207  8.136   1.00 22.55 ? 34  ARG A NH1   1 
ATOM   238  N NH2   . ARG A 1 34  ? 9.795   -9.115  7.230   1.00 21.52 ? 34  ARG A NH2   1 
ATOM   239  N N     . GLY A 1 35  ? 3.602   -9.233  13.220  1.00 15.10 ? 35  GLY A N     1 
ATOM   240  C CA    . GLY A 1 35  ? 3.166   -8.337  14.276  1.00 13.99 ? 35  GLY A CA    1 
ATOM   241  C C     . GLY A 1 35  ? 2.718   -6.953  13.836  1.00 13.89 ? 35  GLY A C     1 
ATOM   242  O O     . GLY A 1 35  ? 2.396   -6.116  14.673  1.00 13.76 ? 35  GLY A O     1 
ATOM   243  N N     . LEU A 1 36  ? 2.670   -6.705  12.528  1.00 13.66 ? 36  LEU A N     1 
ATOM   244  C CA    . LEU A 1 36  ? 2.342   -5.381  11.992  1.00 13.53 ? 36  LEU A CA    1 
ATOM   245  C C     . LEU A 1 36  ? 0.846   -5.174  11.766  1.00 12.93 ? 36  LEU A C     1 
ATOM   246  O O     . LEU A 1 36  ? 0.153   -6.054  11.302  1.00 12.63 ? 36  LEU A O     1 
ATOM   247  C CB    . LEU A 1 36  ? 3.081   -5.156  10.672  1.00 13.73 ? 36  LEU A CB    1 
ATOM   248  C CG    . LEU A 1 36  ? 4.595   -5.270  10.766  1.00 13.65 ? 36  LEU A CG    1 
ATOM   249  C CD1   . LEU A 1 36  ? 5.252   -5.122  9.402   1.00 13.80 ? 36  LEU A CD1   1 
ATOM   250  C CD2   . LEU A 1 36  ? 5.131   -4.263  11.773  1.00 14.06 ? 36  LEU A CD2   1 
ATOM   251  N N     . THR A 1 37  ? 0.370   -3.988  12.106  1.00 12.68 ? 37  THR A N     1 
ATOM   252  C CA    . THR A 1 37  ? -0.978  -3.572  11.756  1.00 12.54 ? 37  THR A CA    1 
ATOM   253  C C     . THR A 1 37  ? -1.052  -3.184  10.247  1.00 12.67 ? 37  THR A C     1 
ATOM   254  O O     . THR A 1 37  ? -0.191  -2.446  9.730   1.00 12.53 ? 37  THR A O     1 
ATOM   255  C CB    . THR A 1 37  ? -1.380  -2.373  12.611  1.00 12.51 ? 37  THR A CB    1 
ATOM   256  O OG1   . THR A 1 37  ? -1.407  -2.793  13.973  1.00 12.94 ? 37  THR A OG1   1 
ATOM   257  C CG2   . THR A 1 37  ? -2.737  -1.840  12.229  1.00 12.70 ? 37  THR A CG2   1 
ATOM   258  N N     . LEU A 1 38  ? -2.096  -3.681  9.592   1.00 11.98 ? 38  LEU A N     1 
ATOM   259  C CA    . LEU A 1 38  ? -2.446  -3.353  8.244   1.00 12.07 ? 38  LEU A CA    1 
ATOM   260  C C     . LEU A 1 38  ? -3.342  -2.104  8.270   1.00 12.13 ? 38  LEU A C     1 
ATOM   261  O O     . LEU A 1 38  ? -4.361  -2.069  8.964   1.00 12.37 ? 38  LEU A O     1 
ATOM   262  C CB    . LEU A 1 38  ? -3.184  -4.534  7.585   1.00 11.76 ? 38  LEU A CB    1 
ATOM   263  C CG    . LEU A 1 38  ? -3.798  -4.301  6.202   1.00 12.13 ? 38  LEU A CG    1 
ATOM   264  C CD1   . LEU A 1 38  ? -2.784  -3.704  5.231   1.00 12.19 ? 38  LEU A CD1   1 
ATOM   265  C CD2   . LEU A 1 38  ? -4.375  -5.573  5.622   1.00 12.01 ? 38  LEU A CD2   1 
ATOM   266  N N     . VAL A 1 39  ? -2.947  -1.083  7.524   1.00 11.91 ? 39  VAL A N     1 
ATOM   267  C CA    . VAL A 1 39  ? -3.801  0.070   7.251   1.00 11.93 ? 39  VAL A CA    1 
ATOM   268  C C     . VAL A 1 39  ? -4.123  -0.016  5.779   1.00 11.71 ? 39  VAL A C     1 
ATOM   269  O O     . VAL A 1 39  ? -3.208  -0.307  4.955   1.00 12.72 ? 39  VAL A O     1 
ATOM   270  C CB    . VAL A 1 39  ? -3.078  1.369   7.604   1.00 12.48 ? 39  VAL A CB    1 
ATOM   271  C CG1   . VAL A 1 39  ? -3.917  2.583   7.218   1.00 13.34 ? 39  VAL A CG1   1 
ATOM   272  C CG2   . VAL A 1 39  ? -2.750  1.371   9.094   1.00 12.81 ? 39  VAL A CG2   1 
ATOM   273  N N     . TYR A 1 40  ? -5.404  0.165   5.428   1.00 10.34 ? 40  TYR A N     1 
ATOM   274  C CA    . TYR A 1 40  ? -5.829  0.053   4.040   1.00 9.72  ? 40  TYR A CA    1 
ATOM   275  C C     . TYR A 1 40  ? -7.089  0.850   3.808   1.00 9.79  ? 40  TYR A C     1 
ATOM   276  O O     . TYR A 1 40  ? -7.566  1.501   4.712   1.00 10.54 ? 40  TYR A O     1 
ATOM   277  C CB    . TYR A 1 40  ? -5.935  -1.444  3.559   1.00 9.33  ? 40  TYR A CB    1 
ATOM   278  C CG    . TYR A 1 40  ? -7.257  -2.140  3.758   1.00 8.93  ? 40  TYR A CG    1 
ATOM   279  C CD1   . TYR A 1 40  ? -7.814  -2.272  5.028   1.00 8.65  ? 40  TYR A CD1   1 
ATOM   280  C CD2   . TYR A 1 40  ? -7.982  -2.644  2.679   1.00 8.94  ? 40  TYR A CD2   1 
ATOM   281  C CE1   . TYR A 1 40  ? -9.052  -2.853  5.208   1.00 8.40  ? 40  TYR A CE1   1 
ATOM   282  C CE2   . TYR A 1 40  ? -9.217  -3.272  2.863   1.00 8.58  ? 40  TYR A CE2   1 
ATOM   283  C CZ    . TYR A 1 40  ? -9.743  -3.353  4.136   1.00 8.63  ? 40  TYR A CZ    1 
ATOM   284  O OH    . TYR A 1 40  ? -10.954 -3.957  4.333   1.00 8.81  ? 40  TYR A OH    1 
ATOM   285  N N     . GLY A 1 41  ? -7.618  0.845   2.589   1.00 9.83  ? 41  GLY A N     1 
ATOM   286  C CA    . GLY A 1 41  ? -8.788  1.655   2.259   1.00 9.78  ? 41  GLY A CA    1 
ATOM   287  C C     . GLY A 1 41  ? -10.139 1.207   2.786   1.00 10.07 ? 41  GLY A C     1 
ATOM   288  O O     . GLY A 1 41  ? -11.156 1.878   2.546   1.00 9.53  ? 41  GLY A O     1 
ATOM   289  N N     . GLY A 1 42  ? -10.172 0.085   3.496   1.00 10.51 ? 42  GLY A N     1 
ATOM   290  C CA    . GLY A 1 42  ? -11.361 -0.346  4.225   1.00 11.48 ? 42  GLY A CA    1 
ATOM   291  C C     . GLY A 1 42  ? -12.442 -1.068  3.401   1.00 12.31 ? 42  GLY A C     1 
ATOM   292  O O     . GLY A 1 42  ? -13.541 -1.329  3.907   1.00 13.14 ? 42  GLY A O     1 
ATOM   293  N N     . GLY A 1 43  ? -12.138 -1.406  2.159   1.00 12.44 ? 43  GLY A N     1 
ATOM   294  C CA    . GLY A 1 43  ? -13.094 -2.076  1.287   1.00 12.68 ? 43  GLY A CA    1 
ATOM   295  C C     . GLY A 1 43  ? -13.108 -3.584  1.452   1.00 12.66 ? 43  GLY A C     1 
ATOM   296  O O     . GLY A 1 43  ? -12.179 -4.204  2.033   1.00 12.33 ? 43  GLY A O     1 
ATOM   297  N N     . ALA A 1 44  ? -14.180 -4.180  0.959   1.00 13.32 ? 44  ALA A N     1 
ATOM   298  C CA    . ALA A 1 44  ? -14.261 -5.634  0.900   1.00 14.32 ? 44  ALA A CA    1 
ATOM   299  C C     . ALA A 1 44  ? -14.188 -6.157  -0.530  1.00 15.28 ? 44  ALA A C     1 
ATOM   300  O O     . ALA A 1 44  ? -14.286 -7.353  -0.727  1.00 14.72 ? 44  ALA A O     1 
ATOM   301  C CB    . ALA A 1 44  ? -15.512 -6.122  1.592   1.00 14.27 ? 44  ALA A CB    1 
ATOM   302  N N     . VAL A 1 45  ? -13.974 -5.271  -1.511  1.00 16.35 ? 45  VAL A N     1 
ATOM   303  C CA    . VAL A 1 45  ? -13.903 -5.653  -2.944  1.00 16.14 ? 45  VAL A CA    1 
ATOM   304  C C     . VAL A 1 45  ? -12.459 -5.886  -3.356  1.00 15.21 ? 45  VAL A C     1 
ATOM   305  O O     . VAL A 1 45  ? -11.544 -5.302  -2.786  1.00 14.09 ? 45  VAL A O     1 
ATOM   306  C CB    . VAL A 1 45  ? -14.510 -4.581  -3.909  1.00 16.94 ? 45  VAL A CB    1 
ATOM   307  C CG1   . VAL A 1 45  ? -16.021 -4.523  -3.793  1.00 17.79 ? 45  VAL A CG1   1 
ATOM   308  C CG2   . VAL A 1 45  ? -13.936 -3.172  -3.701  1.00 17.36 ? 45  VAL A CG2   1 
ATOM   309  N N     . GLY A 1 46  ? -12.266 -6.768  -4.319  1.00 14.08 ? 46  GLY A N     1 
ATOM   310  C CA    . GLY A 1 46  ? -11.009 -6.885  -5.022  1.00 13.57 ? 46  GLY A CA    1 
ATOM   311  C C     . GLY A 1 46  ? -9.876  -7.305  -4.116  1.00 13.05 ? 46  GLY A C     1 
ATOM   312  O O     . GLY A 1 46  ? -10.085 -8.009  -3.166  1.00 12.09 ? 46  GLY A O     1 
ATOM   313  N N     . LEU A 1 47  ? -8.677  -6.837  -4.439  1.00 12.83 ? 47  LEU A N     1 
ATOM   314  C CA    . LEU A 1 47  ? -7.485  -7.075  -3.659  1.00 12.73 ? 47  LEU A CA    1 
ATOM   315  C C     . LEU A 1 47  ? -7.482  -6.432  -2.285  1.00 13.81 ? 47  LEU A C     1 
ATOM   316  O O     . LEU A 1 47  ? -6.780  -6.926  -1.385  1.00 13.72 ? 47  LEU A O     1 
ATOM   317  C CB    . LEU A 1 47  ? -6.256  -6.625  -4.442  1.00 12.71 ? 47  LEU A CB    1 
ATOM   318  C CG    . LEU A 1 47  ? -5.998  -7.357  -5.763  1.00 12.30 ? 47  LEU A CG    1 
ATOM   319  C CD1   . LEU A 1 47  ? -4.652  -6.914  -6.281  1.00 12.56 ? 47  LEU A CD1   1 
ATOM   320  C CD2   . LEU A 1 47  ? -6.001  -8.847  -5.553  1.00 12.05 ? 47  LEU A CD2   1 
ATOM   321  N N     . MET A 1 48  ? -8.233  -5.335  -2.121  1.00 14.41 ? 48  MET A N     1 
ATOM   322  C CA    . MET A 1 48  ? -8.499  -4.758  -0.808  1.00 14.45 ? 48  MET A CA    1 
ATOM   323  C C     . MET A 1 48  ? -9.155  -5.767  0.132   1.00 13.07 ? 48  MET A C     1 
ATOM   324  O O     . MET A 1 48  ? -8.621  -6.060  1.175   1.00 12.54 ? 48  MET A O     1 
ATOM   325  C CB    . MET A 1 48  ? -9.360  -3.490  -0.922  1.00 16.13 ? 48  MET A CB    1 
ATOM   326  C CG    . MET A 1 48  ? -8.596  -2.227  -1.253  1.00 18.04 ? 48  MET A CG    1 
ATOM   327  S SD    . MET A 1 48  ? -9.629  -0.746  -0.949  1.00 22.82 ? 48  MET A SD    1 
ATOM   328  C CE    . MET A 1 48  ? -10.706 -0.857  -2.376  1.00 23.15 ? 48  MET A CE    1 
ATOM   329  N N     . GLY A 1 49  ? -10.307 -6.303  -0.224  1.00 12.88 ? 49  GLY A N     1 
ATOM   330  C CA    . GLY A 1 49  ? -10.885 -7.434  0.531   1.00 12.45 ? 49  GLY A CA    1 
ATOM   331  C C     . GLY A 1 49  ? -9.913  -8.594  0.763   1.00 12.33 ? 49  GLY A C     1 
ATOM   332  O O     . GLY A 1 49  ? -9.789  -9.107  1.868   1.00 12.66 ? 49  GLY A O     1 
ATOM   333  N N     . THR A 1 50  ? -9.195  -9.006  -0.270  1.00 11.92 ? 50  THR A N     1 
ATOM   334  C CA    . THR A 1 50  ? -8.291  -10.158 -0.126  1.00 11.59 ? 50  THR A CA    1 
ATOM   335  C C     . THR A 1 50  ? -7.191  -9.925  0.912   1.00 11.52 ? 50  THR A C     1 
ATOM   336  O O     . THR A 1 50  ? -6.976  -10.772 1.748   1.00 11.33 ? 50  THR A O     1 
ATOM   337  C CB    . THR A 1 50  ? -7.642  -10.475 -1.459  1.00 11.54 ? 50  THR A CB    1 
ATOM   338  O OG1   . THR A 1 50  ? -8.680  -10.688 -2.412  1.00 12.02 ? 50  THR A OG1   1 
ATOM   339  C CG2   . THR A 1 50  ? -6.756  -11.699 -1.384  1.00 11.14 ? 50  THR A CG2   1 
ATOM   340  N N     . VAL A 1 51  ? -6.515  -8.763  0.856   1.00 11.61 ? 51  VAL A N     1 
ATOM   341  C CA    . VAL A 1 51  ? -5.392  -8.465  1.768   1.00 11.31 ? 51  VAL A CA    1 
ATOM   342  C C     . VAL A 1 51  ? -5.900  -8.273  3.215   1.00 10.75 ? 51  VAL A C     1 
ATOM   343  O O     . VAL A 1 51  ? -5.239  -8.691  4.127   1.00 9.77  ? 51  VAL A O     1 
ATOM   344  C CB    . VAL A 1 51  ? -4.502  -7.259  1.298   1.00 11.31 ? 51  VAL A CB    1 
ATOM   345  C CG1   . VAL A 1 51  ? -5.228  -5.928  1.407   1.00 11.90 ? 51  VAL A CG1   1 
ATOM   346  C CG2   . VAL A 1 51  ? -3.257  -7.159  2.136   1.00 11.06 ? 51  VAL A CG2   1 
ATOM   347  N N     . ALA A 1 52  ? -7.047  -7.640  3.411   1.00 10.89 ? 52  ALA A N     1 
ATOM   348  C CA    . ALA A 1 52  ? -7.616  -7.536  4.769   1.00 11.70 ? 52  ALA A CA    1 
ATOM   349  C C     . ALA A 1 52  ? -7.979  -8.927  5.339   1.00 12.32 ? 52  ALA A C     1 
ATOM   350  O O     . ALA A 1 52  ? -7.560  -9.281  6.453   1.00 11.96 ? 52  ALA A O     1 
ATOM   351  C CB    . ALA A 1 52  ? -8.814  -6.616  4.795   1.00 10.90 ? 52  ALA A CB    1 
ATOM   352  N N     . ASP A 1 53  ? -8.712  -9.714  4.551   1.00 13.24 ? 53  ASP A N     1 
ATOM   353  C CA    . ASP A 1 53  ? -9.083  -11.073 4.950   1.00 14.37 ? 53  ASP A CA    1 
ATOM   354  C C     . ASP A 1 53  ? -7.884  -11.943 5.308   1.00 14.06 ? 53  ASP A C     1 
ATOM   355  O O     . ASP A 1 53  ? -7.939  -12.664 6.299   1.00 13.45 ? 53  ASP A O     1 
ATOM   356  C CB    . ASP A 1 53  ? -9.899  -11.765 3.863   1.00 15.65 ? 53  ASP A CB    1 
ATOM   357  C CG    . ASP A 1 53  ? -11.311 -11.211 3.751   1.00 16.44 ? 53  ASP A CG    1 
ATOM   358  O OD1   . ASP A 1 53  ? -11.693 -10.363 4.599   1.00 16.79 ? 53  ASP A OD1   1 
ATOM   359  O OD2   . ASP A 1 53  ? -12.025 -11.631 2.812   1.00 15.86 ? 53  ASP A OD2   1 
ATOM   360  N N     . ALA A 1 54  ? -6.801  -11.869 4.533   1.00 13.34 ? 54  ALA A N     1 
ATOM   361  C CA    . ALA A 1 54  ? -5.608  -12.668 4.842   1.00 12.98 ? 54  ALA A CA    1 
ATOM   362  C C     . ALA A 1 54  ? -4.942  -12.165 6.119   1.00 12.78 ? 54  ALA A C     1 
ATOM   363  O O     . ALA A 1 54  ? -4.401  -12.916 6.893   1.00 12.79 ? 54  ALA A O     1 
ATOM   364  C CB    . ALA A 1 54  ? -4.610  -12.629 3.685   1.00 13.12 ? 54  ALA A CB    1 
ATOM   365  N N     . ALA A 1 55  ? -4.947  -10.868 6.327   1.00 12.55 ? 55  ALA A N     1 
ATOM   366  C CA    . ALA A 1 55  ? -4.379  -10.332 7.545   1.00 12.56 ? 55  ALA A CA    1 
ATOM   367  C C     . ALA A 1 55  ? -5.205  -10.790 8.742   1.00 12.55 ? 55  ALA A C     1 
ATOM   368  O O     . ALA A 1 55  ? -4.648  -11.225 9.729   1.00 12.25 ? 55  ALA A O     1 
ATOM   369  C CB    . ALA A 1 55  ? -4.290  -8.826  7.477   1.00 12.31 ? 55  ALA A CB    1 
ATOM   370  N N     . LEU A 1 56  ? -6.523  -10.743 8.617   1.00 12.82 ? 56  LEU A N     1 
ATOM   371  C CA    . LEU A 1 56  ? -7.423  -11.148 9.712   1.00 13.83 ? 56  LEU A CA    1 
ATOM   372  C C     . LEU A 1 56  ? -7.434  -12.653 10.019  1.00 14.47 ? 56  LEU A C     1 
ATOM   373  O O     . LEU A 1 56  ? -7.448  -13.038 11.165  1.00 14.91 ? 56  LEU A O     1 
ATOM   374  C CB    . LEU A 1 56  ? -8.844  -10.746 9.378   1.00 13.61 ? 56  LEU A CB    1 
ATOM   375  C CG    . LEU A 1 56  ? -9.020  -9.255  9.313   1.00 14.23 ? 56  LEU A CG    1 
ATOM   376  C CD1   . LEU A 1 56  ? -10.314 -8.916  8.552   1.00 14.02 ? 56  LEU A CD1   1 
ATOM   377  C CD2   . LEU A 1 56  ? -8.994  -8.693  10.741  1.00 14.63 ? 56  LEU A CD2   1 
ATOM   378  N N     . ALA A 1 57  ? -7.453  -13.478 8.978   1.00 15.48 ? 57  ALA A N     1 
ATOM   379  C CA    . ALA A 1 57  ? -7.361  -14.941 9.085   1.00 15.40 ? 57  ALA A CA    1 
ATOM   380  C C     . ALA A 1 57  ? -6.117  -15.339 9.840   1.00 16.30 ? 57  ALA A C     1 
ATOM   381  O O     . ALA A 1 57  ? -6.143  -16.306 10.548  1.00 16.87 ? 57  ALA A O     1 
ATOM   382  C CB    . ALA A 1 57  ? -7.345  -15.598 7.705   1.00 14.33 ? 57  ALA A CB    1 
ATOM   383  N N     . ALA A 1 58  ? -5.022  -14.601 9.678   1.00 17.10 ? 58  ALA A N     1 
ATOM   384  C CA    . ALA A 1 58  ? -3.799  -14.899 10.401  1.00 17.22 ? 58  ALA A CA    1 
ATOM   385  C C     . ALA A 1 58  ? -3.698  -14.187 11.756  1.00 17.37 ? 58  ALA A C     1 
ATOM   386  O O     . ALA A 1 58  ? -2.642  -14.223 12.338  1.00 18.21 ? 58  ALA A O     1 
ATOM   387  C CB    . ALA A 1 58  ? -2.600  -14.557 9.540   1.00 17.53 ? 58  ALA A CB    1 
ATOM   388  N N     . GLY A 1 59  ? -4.756  -13.537 12.236  1.00 16.41 ? 59  GLY A N     1 
ATOM   389  C CA    . GLY A 1 59  ? -4.742  -12.878 13.553  1.00 16.86 ? 59  GLY A CA    1 
ATOM   390  C C     . GLY A 1 59  ? -4.223  -11.445 13.641  1.00 17.29 ? 59  GLY A C     1 
ATOM   391  O O     . GLY A 1 59  ? -4.036  -10.925 14.717  1.00 15.92 ? 59  GLY A O     1 
ATOM   392  N N     . GLY A 1 60  ? -3.971  -10.808 12.501  1.00 17.58 ? 60  GLY A N     1 
ATOM   393  C CA    . GLY A 1 60  ? -3.446  -9.459  12.466  1.00 17.30 ? 60  GLY A CA    1 
ATOM   394  C C     . GLY A 1 60  ? -4.493  -8.414  12.781  1.00 17.08 ? 60  GLY A C     1 
ATOM   395  O O     . GLY A 1 60  ? -5.689  -8.620  12.649  1.00 16.61 ? 60  GLY A O     1 
ATOM   396  N N     . GLU A 1 61  ? -4.022  -7.273  13.207  1.00 17.82 ? 61  GLU A N     1 
ATOM   397  C CA    . GLU A 1 61  ? -4.884  -6.116  13.345  1.00 19.79 ? 61  GLU A CA    1 
ATOM   398  C C     . GLU A 1 61  ? -5.063  -5.473  11.966  1.00 16.93 ? 61  GLU A C     1 
ATOM   399  O O     . GLU A 1 61  ? -4.084  -5.385  11.204  1.00 17.76 ? 61  GLU A O     1 
ATOM   400  C CB    . GLU A 1 61  ? -4.172  -5.168  14.278  1.00 23.58 ? 61  GLU A CB    1 
ATOM   401  C CG    . GLU A 1 61  ? -4.975  -3.985  14.726  1.00 28.53 ? 61  GLU A CG    1 
ATOM   402  C CD    . GLU A 1 61  ? -4.370  -3.384  15.972  1.00 31.60 ? 61  GLU A CD    1 
ATOM   403  O OE1   . GLU A 1 61  ? -4.454  -4.064  17.033  1.00 36.26 ? 61  GLU A OE1   1 
ATOM   404  O OE2   . GLU A 1 61  ? -3.810  -2.272  15.875  1.00 31.17 ? 61  GLU A OE2   1 
ATOM   405  N N     . VAL A 1 62  ? -6.270  -5.053  11.629  1.00 14.25 ? 62  VAL A N     1 
ATOM   406  C CA    . VAL A 1 62  ? -6.518  -4.322  10.402  1.00 14.01 ? 62  VAL A CA    1 
ATOM   407  C C     . VAL A 1 62  ? -7.375  -3.074  10.703  1.00 14.20 ? 62  VAL A C     1 
ATOM   408  O O     . VAL A 1 62  ? -8.415  -3.176  11.323  1.00 12.69 ? 62  VAL A O     1 
ATOM   409  C CB    . VAL A 1 62  ? -7.203  -5.192  9.314   1.00 13.94 ? 62  VAL A CB    1 
ATOM   410  C CG1   . VAL A 1 62  ? -7.441  -4.373  8.048   1.00 13.91 ? 62  VAL A CG1   1 
ATOM   411  C CG2   . VAL A 1 62  ? -6.358  -6.441  8.988   1.00 14.20 ? 62  VAL A CG2   1 
ATOM   412  N N     . ILE A 1 63  ? -6.922  -1.916  10.212  1.00 13.77 ? 63  ILE A N     1 
ATOM   413  C CA    . ILE A 1 63  ? -7.643  -0.663  10.287  1.00 13.51 ? 63  ILE A CA    1 
ATOM   414  C C     . ILE A 1 63  ? -7.974  -0.231  8.846   1.00 12.71 ? 63  ILE A C     1 
ATOM   415  O O     . ILE A 1 63  ? -7.072  -0.075  8.038   1.00 13.45 ? 63  ILE A O     1 
ATOM   416  C CB    . ILE A 1 63  ? -6.809  0.464   10.955  1.00 13.51 ? 63  ILE A CB    1 
ATOM   417  C CG1   . ILE A 1 63  ? -6.104  0.021   12.248  1.00 14.57 ? 63  ILE A CG1   1 
ATOM   418  C CG2   . ILE A 1 63  ? -7.669  1.671   11.226  1.00 13.77 ? 63  ILE A CG2   1 
ATOM   419  C CD1   . ILE A 1 63  ? -6.982  -0.464  13.381  1.00 15.08 ? 63  ILE A CD1   1 
ATOM   420  N N     . GLY A 1 64  ? -9.239  -0.007  8.553   1.00 12.17 ? 64  GLY A N     1 
ATOM   421  C CA    . GLY A 1 64  ? -9.690  0.419   7.241   1.00 12.66 ? 64  GLY A CA    1 
ATOM   422  C C     . GLY A 1 64  ? -10.045 1.895   7.283   1.00 12.91 ? 64  GLY A C     1 
ATOM   423  O O     . GLY A 1 64  ? -10.618 2.365   8.257   1.00 12.68 ? 64  GLY A O     1 
ATOM   424  N N     . ILE A 1 65  ? -9.657  2.646   6.255   1.00 13.02 ? 65  ILE A N     1 
ATOM   425  C CA    . ILE A 1 65  ? -9.955  4.084   6.190   1.00 13.81 ? 65  ILE A CA    1 
ATOM   426  C C     . ILE A 1 65  ? -10.781 4.404   4.954   1.00 14.07 ? 65  ILE A C     1 
ATOM   427  O O     . ILE A 1 65  ? -10.272 4.336   3.867   1.00 14.81 ? 65  ILE A O     1 
ATOM   428  C CB    . ILE A 1 65  ? -8.667  4.927   6.091   1.00 13.40 ? 65  ILE A CB    1 
ATOM   429  C CG1   . ILE A 1 65  ? -7.620  4.445   7.100   1.00 13.18 ? 65  ILE A CG1   1 
ATOM   430  C CG2   . ILE A 1 65  ? -9.017  6.412   6.209   1.00 13.27 ? 65  ILE A CG2   1 
ATOM   431  C CD1   . ILE A 1 65  ? -8.011  4.690   8.523   1.00 13.23 ? 65  ILE A CD1   1 
ATOM   432  N N     . ILE A 1 66  ? -12.017 4.835   5.116   1.00 15.67 ? 66  ILE A N     1 
ATOM   433  C CA    . ILE A 1 66  ? -12.939 4.968   3.968   1.00 16.68 ? 66  ILE A CA    1 
ATOM   434  C C     . ILE A 1 66  ? -13.674 6.319   3.987   1.00 17.01 ? 66  ILE A C     1 
ATOM   435  O O     . ILE A 1 66  ? -14.146 6.732   5.034   1.00 17.28 ? 66  ILE A O     1 
ATOM   436  C CB    . ILE A 1 66  ? -13.881 3.750   3.885   1.00 17.78 ? 66  ILE A CB    1 
ATOM   437  C CG1   . ILE A 1 66  ? -14.647 3.740   2.569   1.00 19.53 ? 66  ILE A CG1   1 
ATOM   438  C CG2   . ILE A 1 66  ? -14.843 3.672   5.051   1.00 18.77 ? 66  ILE A CG2   1 
ATOM   439  C CD1   . ILE A 1 66  ? -15.138 2.346   2.207   1.00 20.60 ? 66  ILE A CD1   1 
ATOM   440  N N     . PRO A 1 67  ? -13.691 7.052   2.847   1.00 17.03 ? 67  PRO A N     1 
ATOM   441  C CA    . PRO A 1 67  ? -14.574 8.210   2.753   1.00 17.98 ? 67  PRO A CA    1 
ATOM   442  C C     . PRO A 1 67  ? -16.031 7.787   2.842   1.00 18.82 ? 67  PRO A C     1 
ATOM   443  O O     . PRO A 1 67  ? -16.392 6.711   2.385   1.00 16.42 ? 67  PRO A O     1 
ATOM   444  C CB    . PRO A 1 67  ? -14.287 8.803   1.365   1.00 17.46 ? 67  PRO A CB    1 
ATOM   445  C CG    . PRO A 1 67  ? -13.166 8.029   0.801   1.00 17.29 ? 67  PRO A CG    1 
ATOM   446  C CD    . PRO A 1 67  ? -12.985 6.782   1.583   1.00 17.02 ? 67  PRO A CD    1 
ATOM   447  N N     . GLN A 1 68  ? -16.836 8.639   3.459   1.00 22.62 ? 68  GLN A N     1 
ATOM   448  C CA    . GLN A 1 68  ? -18.278 8.424   3.609   1.00 26.09 ? 68  GLN A CA    1 
ATOM   449  C C     . GLN A 1 68  ? -18.877 8.034   2.280   1.00 24.66 ? 68  GLN A C     1 
ATOM   450  O O     . GLN A 1 68  ? -19.621 7.061   2.173   1.00 23.71 ? 68  GLN A O     1 
ATOM   451  C CB    . GLN A 1 68  ? -18.919 9.751   4.065   1.00 29.96 ? 68  GLN A CB    1 
ATOM   452  C CG    . GLN A 1 68  ? -20.406 9.904   3.799   1.00 31.31 ? 68  GLN A CG    1 
ATOM   453  C CD    . GLN A 1 68  ? -21.167 9.364   4.940   1.00 36.58 ? 68  GLN A CD    1 
ATOM   454  O OE1   . GLN A 1 68  ? -21.156 8.163   5.183   1.00 41.83 ? 68  GLN A OE1   1 
ATOM   455  N NE2   . GLN A 1 68  ? -21.796 10.252  5.701   1.00 40.14 ? 68  GLN A NE2   1 
ATOM   456  N N     . SER A 1 69  ? -18.532 8.856   1.295   1.00 26.86 ? 69  SER A N     1 
ATOM   457  C CA    . SER A 1 69  ? -19.061 8.826   -0.071  1.00 29.60 ? 69  SER A CA    1 
ATOM   458  C C     . SER A 1 69  ? -18.781 7.564   -0.859  1.00 31.65 ? 69  SER A C     1 
ATOM   459  O O     . SER A 1 69  ? -19.332 7.413   -1.925  1.00 34.47 ? 69  SER A O     1 
ATOM   460  C CB    . SER A 1 69  ? -18.495 10.006  -0.884  1.00 29.95 ? 69  SER A CB    1 
ATOM   461  O OG    . SER A 1 69  ? -17.074 10.007  -0.846  1.00 29.31 ? 69  SER A OG    1 
ATOM   462  N N     . LEU A 1 70  ? -17.956 6.642   -0.378  1.00 33.74 ? 70  LEU A N     1 
ATOM   463  C CA    . LEU A 1 70  ? -17.859 5.393   -1.095  1.00 34.55 ? 70  LEU A CA    1 
ATOM   464  C C     . LEU A 1 70  ? -17.906 4.153   -0.224  1.00 33.00 ? 70  LEU A C     1 
ATOM   465  O O     . LEU A 1 70  ? -17.280 3.154   -0.546  1.00 30.81 ? 70  LEU A O     1 
ATOM   466  C CB    . LEU A 1 70  ? -16.707 5.455   -2.106  1.00 36.29 ? 70  LEU A CB    1 
ATOM   467  C CG    . LEU A 1 70  ? -15.345 5.938   -1.646  1.00 36.82 ? 70  LEU A CG    1 
ATOM   468  C CD1   . LEU A 1 70  ? -14.594 4.740   -1.160  1.00 40.67 ? 70  LEU A CD1   1 
ATOM   469  C CD2   . LEU A 1 70  ? -14.555 6.602   -2.757  1.00 37.23 ? 70  LEU A CD2   1 
ATOM   470  N N     . GLN A 1 71  ? -18.745 4.203   0.818   1.00 32.33 ? 71  GLN A N     1 
ATOM   471  C CA    . GLN A 1 71  ? -19.057 3.012   1.653   1.00 32.79 ? 71  GLN A CA    1 
ATOM   472  C C     . GLN A 1 71  ? -19.793 1.881   0.933   1.00 33.13 ? 71  GLN A C     1 
ATOM   473  O O     . GLN A 1 71  ? -19.485 0.698   1.128   1.00 32.02 ? 71  GLN A O     1 
ATOM   474  C CB    . GLN A 1 71  ? -19.893 3.395   2.884   1.00 31.40 ? 71  GLN A CB    1 
ATOM   475  C CG    . GLN A 1 71  ? -19.101 3.435   4.171   1.00 30.89 ? 71  GLN A CG    1 
ATOM   476  C CD    . GLN A 1 71  ? -19.797 4.244   5.242   1.00 32.11 ? 71  GLN A CD    1 
ATOM   477  O OE1   . GLN A 1 71  ? -19.968 5.455   5.112   1.00 32.56 ? 71  GLN A OE1   1 
ATOM   478  N NE2   . GLN A 1 71  ? -20.212 3.582   6.296   1.00 33.50 ? 71  GLN A NE2   1 
ATOM   479  N N     . GLU A 1 72  ? -20.792 2.240   0.140   1.00 36.91 ? 72  GLU A N     1 
ATOM   480  C CA    . GLU A 1 72  ? -21.586 1.244   -0.583  1.00 38.80 ? 72  GLU A CA    1 
ATOM   481  C C     . GLU A 1 72  ? -20.817 0.785   -1.827  1.00 35.52 ? 72  GLU A C     1 
ATOM   482  O O     . GLU A 1 72  ? -20.877 -0.374  -2.173  1.00 35.71 ? 72  GLU A O     1 
ATOM   483  C CB    . GLU A 1 72  ? -22.982 1.784   -0.945  1.00 41.49 ? 72  GLU A CB    1 
ATOM   484  C CG    . GLU A 1 72  ? -24.040 0.678   -1.039  1.00 46.96 ? 72  GLU A CG    1 
ATOM   485  C CD    . GLU A 1 72  ? -25.113 0.903   -2.118  1.00 50.89 ? 72  GLU A CD    1 
ATOM   486  O OE1   . GLU A 1 72  ? -25.323 2.062   -2.560  1.00 54.11 ? 72  GLU A OE1   1 
ATOM   487  O OE2   . GLU A 1 72  ? -25.758 -0.093  -2.531  1.00 45.65 ? 72  GLU A OE2   1 
ATOM   488  N N     . ALA A 1 73  ? -20.083 1.698   -2.472  1.00 34.17 ? 73  ALA A N     1 
ATOM   489  C CA    . ALA A 1 73  ? -19.383 1.398   -3.718  1.00 31.56 ? 73  ALA A CA    1 
ATOM   490  C C     . ALA A 1 73  ? -18.314 0.351   -3.483  1.00 32.63 ? 73  ALA A C     1 
ATOM   491  O O     . ALA A 1 73  ? -18.309 -0.654  -4.164  1.00 37.56 ? 73  ALA A O     1 
ATOM   492  C CB    . ALA A 1 73  ? -18.770 2.641   -4.330  1.00 30.56 ? 73  ALA A CB    1 
ATOM   493  N N     . GLU A 1 74  ? -17.434 0.538   -2.503  1.00 32.04 ? 74  GLU A N     1 
ATOM   494  C CA    . GLU A 1 74  ? -16.402 -0.483  -2.257  1.00 31.00 ? 74  GLU A CA    1 
ATOM   495  C C     . GLU A 1 74  ? -16.669 -1.411  -1.057  1.00 28.17 ? 74  GLU A C     1 
ATOM   496  O O     . GLU A 1 74  ? -15.844 -2.264  -0.733  1.00 23.00 ? 74  GLU A O     1 
ATOM   497  C CB    . GLU A 1 74  ? -14.957 0.058   -2.347  1.00 31.40 ? 74  GLU A CB    1 
ATOM   498  C CG    . GLU A 1 74  ? -14.616 1.357   -1.654  1.00 34.02 ? 74  GLU A CG    1 
ATOM   499  C CD    . GLU A 1 74  ? -13.372 2.033   -2.258  1.00 35.88 ? 74  GLU A CD    1 
ATOM   500  O OE1   . GLU A 1 74  ? -12.318 2.135   -1.601  1.00 36.75 ? 74  GLU A OE1   1 
ATOM   501  O OE2   . GLU A 1 74  ? -13.460 2.504   -3.407  1.00 37.99 ? 74  GLU A OE2   1 
ATOM   502  N N     . ILE A 1 75  ? -17.865 -1.288  -0.471  1.00 27.82 ? 75  ILE A N     1 
ATOM   503  C CA    . ILE A 1 75  ? -18.356 -2.223  0.554   1.00 27.33 ? 75  ILE A CA    1 
ATOM   504  C C     . ILE A 1 75  ? -17.491 -2.193  1.821   1.00 25.74 ? 75  ILE A C     1 
ATOM   505  O O     . ILE A 1 75  ? -16.603 -3.037  2.028   1.00 28.07 ? 75  ILE A O     1 
ATOM   506  C CB    . ILE A 1 75  ? -18.525 -3.667  0.000   1.00 27.24 ? 75  ILE A CB    1 
ATOM   507  C CG1   . ILE A 1 75  ? -19.282 -3.627  -1.327  1.00 28.63 ? 75  ILE A CG1   1 
ATOM   508  C CG2   . ILE A 1 75  ? -19.245 -4.543  1.012   1.00 28.13 ? 75  ILE A CG2   1 
ATOM   509  C CD1   . ILE A 1 75  ? -19.376 -4.960  -2.029  1.00 29.81 ? 75  ILE A CD1   1 
ATOM   510  N N     . GLY A 1 76  ? -17.742 -1.221  2.676   1.00 22.98 ? 76  GLY A N     1 
ATOM   511  C CA    . GLY A 1 76  ? -17.030 -1.179  3.948   1.00 21.36 ? 76  GLY A CA    1 
ATOM   512  C C     . GLY A 1 76  ? -16.991 -2.547  4.620   1.00 19.42 ? 76  GLY A C     1 
ATOM   513  O O     . GLY A 1 76  ? -18.028 -3.178  4.864   1.00 19.83 ? 76  GLY A O     1 
ATOM   514  N N     . HIS A 1 77  ? -15.785 -2.996  4.930   1.00 17.91 ? 77  HIS A N     1 
ATOM   515  C CA    . HIS A 1 77  ? -15.567 -4.316  5.519   1.00 17.16 ? 77  HIS A CA    1 
ATOM   516  C C     . HIS A 1 77  ? -16.106 -4.334  6.933   1.00 17.94 ? 77  HIS A C     1 
ATOM   517  O O     . HIS A 1 77  ? -15.760 -3.484  7.773   1.00 16.50 ? 77  HIS A O     1 
ATOM   518  C CB    . HIS A 1 77  ? -14.061 -4.601  5.545   1.00 17.04 ? 77  HIS A CB    1 
ATOM   519  C CG    . HIS A 1 77  ? -13.693 -6.044  5.594   1.00 16.17 ? 77  HIS A CG    1 
ATOM   520  N ND1   . HIS A 1 77  ? -14.028 -6.863  6.643   1.00 15.87 ? 77  HIS A ND1   1 
ATOM   521  C CD2   . HIS A 1 77  ? -12.947 -6.795  4.750   1.00 16.46 ? 77  HIS A CD2   1 
ATOM   522  C CE1   . HIS A 1 77  ? -13.537 -8.070  6.427   1.00 16.55 ? 77  HIS A CE1   1 
ATOM   523  N NE2   . HIS A 1 77  ? -12.878 -8.056  5.282   1.00 16.65 ? 77  HIS A NE2   1 
ATOM   524  N N     . LYS A 1 78  ? -16.930 -5.329  7.212   1.00 20.29 ? 78  LYS A N     1 
ATOM   525  C CA    . LYS A 1 78  ? -17.592 -5.446  8.513   1.00 21.19 ? 78  LYS A CA    1 
ATOM   526  C C     . LYS A 1 78  ? -16.762 -6.168  9.614   1.00 19.77 ? 78  LYS A C     1 
ATOM   527  O O     . LYS A 1 78  ? -17.087 -6.019  10.786  1.00 19.96 ? 78  LYS A O     1 
ATOM   528  C CB    . LYS A 1 78  ? -18.945 -6.120  8.328   1.00 24.20 ? 78  LYS A CB    1 
ATOM   529  C CG    . LYS A 1 78  ? -19.925 -5.291  7.524   1.00 26.99 ? 78  LYS A CG    1 
ATOM   530  C CD    . LYS A 1 78  ? -21.030 -6.221  7.069   1.00 33.06 ? 78  LYS A CD    1 
ATOM   531  C CE    . LYS A 1 78  ? -22.074 -5.533  6.214   1.00 35.85 ? 78  LYS A CE    1 
ATOM   532  N NZ    . LYS A 1 78  ? -23.047 -4.823  7.079   1.00 37.75 ? 78  LYS A NZ    1 
ATOM   533  N N     . GLY A 1 79  ? -15.717 -6.928  9.265   1.00 16.55 ? 79  GLY A N     1 
ATOM   534  C CA    . GLY A 1 79  ? -14.915 -7.633  10.257  1.00 15.05 ? 79  GLY A CA    1 
ATOM   535  C C     . GLY A 1 79  ? -13.504 -7.101  10.539  1.00 14.71 ? 79  GLY A C     1 
ATOM   536  O O     . GLY A 1 79  ? -12.612 -7.873  10.834  1.00 15.10 ? 79  GLY A O     1 
ATOM   537  N N     . LEU A 1 80  ? -13.285 -5.796  10.463  1.00 14.04 ? 80  LEU A N     1 
ATOM   538  C CA    . LEU A 1 80  ? -11.985 -5.204  10.767  1.00 13.59 ? 80  LEU A CA    1 
ATOM   539  C C     . LEU A 1 80  ? -11.836 -4.935  12.253  1.00 13.43 ? 80  LEU A C     1 
ATOM   540  O O     . LEU A 1 80  ? -12.811 -4.960  13.003  1.00 13.89 ? 80  LEU A O     1 
ATOM   541  C CB    . LEU A 1 80  ? -11.817 -3.875  10.022  1.00 13.40 ? 80  LEU A CB    1 
ATOM   542  C CG    . LEU A 1 80  ? -11.975 -3.894  8.504   1.00 13.11 ? 80  LEU A CG    1 
ATOM   543  C CD1   . LEU A 1 80  ? -11.725 -2.491  8.016   1.00 13.49 ? 80  LEU A CD1   1 
ATOM   544  C CD2   . LEU A 1 80  ? -11.059 -4.889  7.829   1.00 12.87 ? 80  LEU A CD2   1 
ATOM   545  N N     . THR A 1 81  ? -10.608 -4.686  12.687  1.00 12.89 ? 81  THR A N     1 
ATOM   546  C CA    . THR A 1 81  ? -10.382 -4.220  14.041  1.00 13.13 ? 81  THR A CA    1 
ATOM   547  C C     . THR A 1 81  ? -11.082 -2.885  14.155  1.00 13.22 ? 81  THR A C     1 
ATOM   548  O O     . THR A 1 81  ? -11.800 -2.619  15.124  1.00 12.96 ? 81  THR A O     1 
ATOM   549  C CB    . THR A 1 81  ? -8.920  -4.016  14.353  1.00 12.67 ? 81  THR A CB    1 
ATOM   550  O OG1   . THR A 1 81  ? -8.196  -5.133  13.875  1.00 12.37 ? 81  THR A OG1   1 
ATOM   551  C CG2   . THR A 1 81  ? -8.723  -3.892  15.839  1.00 13.58 ? 81  THR A CG2   1 
ATOM   552  N N     . ARG A 1 82  ? -10.923 -2.068  13.128  1.00 13.72 ? 82  ARG A N     1 
ATOM   553  C CA    . ARG A 1 82  ? -11.573 -0.767  13.128  1.00 15.17 ? 82  ARG A CA    1 
ATOM   554  C C     . ARG A 1 82  ? -11.742 -0.280  11.697  1.00 15.28 ? 82  ARG A C     1 
ATOM   555  O O     . ARG A 1 82  ? -10.853 -0.507  10.844  1.00 15.47 ? 82  ARG A O     1 
ATOM   556  C CB    . ARG A 1 82  ? -10.681 0.169   13.937  1.00 15.95 ? 82  ARG A CB    1 
ATOM   557  C CG    . ARG A 1 82  ? -11.252 1.513   14.255  1.00 16.49 ? 82  ARG A CG    1 
ATOM   558  C CD    . ARG A 1 82  ? -10.386 2.172   15.340  1.00 16.75 ? 82  ARG A CD    1 
ATOM   559  N NE    . ARG A 1 82  ? -9.240  2.921   14.817  1.00 16.48 ? 82  ARG A NE    1 
ATOM   560  C CZ    . ARG A 1 82  ? -7.960  2.786   15.185  1.00 15.74 ? 82  ARG A CZ    1 
ATOM   561  N NH1   . ARG A 1 82  ? -7.579  1.916   16.092  1.00 16.13 ? 82  ARG A NH1   1 
ATOM   562  N NH2   . ARG A 1 82  ? -7.047  3.563   14.635  1.00 15.47 ? 82  ARG A NH2   1 
ATOM   563  N N     . LEU A 1 83  ? -12.884 0.358   11.435  1.00 15.22 ? 83  LEU A N     1 
ATOM   564  C CA    . LEU A 1 83  ? -13.182 0.979   10.151  1.00 14.54 ? 83  LEU A CA    1 
ATOM   565  C C     . LEU A 1 83  ? -13.486 2.438   10.417  1.00 14.27 ? 83  LEU A C     1 
ATOM   566  O O     . LEU A 1 83  ? -14.485 2.765   11.044  1.00 14.67 ? 83  LEU A O     1 
ATOM   567  C CB    . LEU A 1 83  ? -14.380 0.317   9.481   1.00 14.83 ? 83  LEU A CB    1 
ATOM   568  C CG    . LEU A 1 83  ? -14.853 1.050   8.212   1.00 15.18 ? 83  LEU A CG    1 
ATOM   569  C CD1   . LEU A 1 83  ? -13.832 0.901   7.092   1.00 15.60 ? 83  LEU A CD1   1 
ATOM   570  C CD2   . LEU A 1 83  ? -16.217 0.585   7.746   1.00 15.79 ? 83  LEU A CD2   1 
ATOM   571  N N     . GLU A 1 84  ? -12.612 3.306   9.935   1.00 14.33 ? 84  GLU A N     1 
ATOM   572  C CA    . GLU A 1 84  ? -12.702 4.749   10.184  1.00 14.98 ? 84  GLU A CA    1 
ATOM   573  C C     . GLU A 1 84  ? -13.301 5.368   8.969   1.00 14.09 ? 84  GLU A C     1 
ATOM   574  O O     . GLU A 1 84  ? -12.810 5.132   7.869   1.00 14.63 ? 84  GLU A O     1 
ATOM   575  C CB    . GLU A 1 84  ? -11.300 5.348   10.471  1.00 15.10 ? 84  GLU A CB    1 
ATOM   576  C CG    . GLU A 1 84  ? -10.557 4.640   11.609  1.00 15.31 ? 84  GLU A CG    1 
ATOM   577  C CD    . GLU A 1 84  ? -9.320  5.410   12.098  1.00 15.91 ? 84  GLU A CD    1 
ATOM   578  O OE1   . GLU A 1 84  ? -8.885  6.357   11.436  1.00 15.95 ? 84  GLU A OE1   1 
ATOM   579  O OE2   . GLU A 1 84  ? -8.781  5.093   13.176  1.00 15.98 ? 84  GLU A OE2   1 
ATOM   580  N N     . VAL A 1 85  ? -14.389 6.099   9.158   1.00 14.23 ? 85  VAL A N     1 
ATOM   581  C CA    . VAL A 1 85  ? -15.103 6.731   8.065   1.00 13.92 ? 85  VAL A CA    1 
ATOM   582  C C     . VAL A 1 85  ? -14.835 8.202   8.141   1.00 14.74 ? 85  VAL A C     1 
ATOM   583  O O     . VAL A 1 85  ? -15.187 8.835   9.112   1.00 14.38 ? 85  VAL A O     1 
ATOM   584  C CB    . VAL A 1 85  ? -16.613 6.485   8.096   1.00 13.71 ? 85  VAL A CB    1 
ATOM   585  C CG1   . VAL A 1 85  ? -17.248 7.123   6.882   1.00 13.81 ? 85  VAL A CG1   1 
ATOM   586  C CG2   . VAL A 1 85  ? -16.949 4.995   8.170   1.00 13.79 ? 85  VAL A CG2   1 
ATOM   587  N N     . VAL A 1 86  ? -14.226 8.745   7.093   1.00 16.94 ? 86  VAL A N     1 
ATOM   588  C CA    . VAL A 1 86  ? -13.781 10.140  7.073   1.00 18.62 ? 86  VAL A CA    1 
ATOM   589  C C     . VAL A 1 86  ? -14.534 10.971  6.024   1.00 20.74 ? 86  VAL A C     1 
ATOM   590  O O     . VAL A 1 86  ? -15.310 10.455  5.200   1.00 20.89 ? 86  VAL A O     1 
ATOM   591  C CB    . VAL A 1 86  ? -12.257 10.263  6.823   1.00 18.80 ? 86  VAL A CB    1 
ATOM   592  C CG1   . VAL A 1 86  ? -11.489 9.422   7.829   1.00 19.55 ? 86  VAL A CG1   1 
ATOM   593  C CG2   . VAL A 1 86  ? -11.890 9.879   5.401   1.00 18.34 ? 86  VAL A CG2   1 
ATOM   594  N N     . ASP A 1 87  ? -14.269 12.263  6.085   1.00 23.36 ? 87  ASP A N     1 
ATOM   595  C CA    . ASP A 1 87  ? -14.840 13.260  5.194   1.00 27.30 ? 87  ASP A CA    1 
ATOM   596  C C     . ASP A 1 87  ? -13.991 13.392  3.890   1.00 26.05 ? 87  ASP A C     1 
ATOM   597  O O     . ASP A 1 87  ? -13.082 14.212  3.823   1.00 28.16 ? 87  ASP A O     1 
ATOM   598  C CB    . ASP A 1 87  ? -14.853 14.585  5.983   1.00 30.56 ? 87  ASP A CB    1 
ATOM   599  C CG    . ASP A 1 87  ? -15.500 15.731  5.234   1.00 34.58 ? 87  ASP A CG    1 
ATOM   600  O OD1   . ASP A 1 87  ? -16.133 15.511  4.162   1.00 37.62 ? 87  ASP A OD1   1 
ATOM   601  O OD2   . ASP A 1 87  ? -15.371 16.868  5.754   1.00 34.30 ? 87  ASP A OD2   1 
ATOM   602  N N     . GLY A 1 88  ? -14.259 12.585  2.871   1.00 24.06 ? 88  GLY A N     1 
ATOM   603  C CA    . GLY A 1 88  ? -13.581 12.762  1.587   1.00 23.12 ? 88  GLY A CA    1 
ATOM   604  C C     . GLY A 1 88  ? -12.211 12.114  1.358   1.00 22.88 ? 88  GLY A C     1 
ATOM   605  O O     . GLY A 1 88  ? -11.589 11.518  2.251   1.00 20.16 ? 88  GLY A O     1 
ATOM   606  N N     . MET A 1 89  ? -11.772 12.232  0.102   1.00 23.34 ? 89  MET A N     1 
ATOM   607  C CA    . MET A 1 89  ? -10.626 11.526  -0.451  1.00 22.94 ? 89  MET A CA    1 
ATOM   608  C C     . MET A 1 89  ? -9.318  11.972  0.161   1.00 20.77 ? 89  MET A C     1 
ATOM   609  O O     . MET A 1 89  ? -8.470  11.118  0.493   1.00 19.26 ? 89  MET A O     1 
ATOM   610  C CB    . MET A 1 89  ? -10.531 11.764  -1.970  1.00 25.98 ? 89  MET A CB    1 
ATOM   611  C CG    . MET A 1 89  ? -11.726 11.333  -2.808  1.00 30.34 ? 89  MET A CG    1 
ATOM   612  S SD    . MET A 1 89  ? -12.317 9.726   -2.263  1.00 39.13 ? 89  MET A SD    1 
ATOM   613  C CE    . MET A 1 89  ? -11.760 8.646   -3.558  1.00 41.32 ? 89  MET A CE    1 
ATOM   614  N N     . HIS A 1 90  ? -9.140  13.293  0.248   1.00 18.58 ? 90  HIS A N     1 
ATOM   615  C CA    . HIS A 1 90  ? -7.951  13.873  0.870   1.00 19.16 ? 90  HIS A CA    1 
ATOM   616  C C     . HIS A 1 90  ? -7.827  13.439  2.328   1.00 17.49 ? 90  HIS A C     1 
ATOM   617  O O     . HIS A 1 90  ? -6.749  13.057  2.735   1.00 18.78 ? 90  HIS A O     1 
ATOM   618  C CB    . HIS A 1 90  ? -7.875  15.409  0.756   1.00 20.49 ? 90  HIS A CB    1 
ATOM   619  C CG    . HIS A 1 90  ? -6.561  15.959  1.221   1.00 23.39 ? 90  HIS A CG    1 
ATOM   620  N ND1   . HIS A 1 90  ? -5.405  15.855  0.472   1.00 25.07 ? 90  HIS A ND1   1 
ATOM   621  C CD2   . HIS A 1 90  ? -6.195  16.527  2.397   1.00 25.00 ? 90  HIS A CD2   1 
ATOM   622  C CE1   . HIS A 1 90  ? -4.394  16.369  1.153   1.00 26.39 ? 90  HIS A CE1   1 
ATOM   623  N NE2   . HIS A 1 90  ? -4.845  16.783  2.326   1.00 25.61 ? 90  HIS A NE2   1 
ATOM   624  N N     . ALA A 1 91  ? -8.916  13.484  3.092   1.00 15.76 ? 91  ALA A N     1 
ATOM   625  C CA    . ALA A 1 91  ? -8.906  13.070  4.480   1.00 15.10 ? 91  ALA A CA    1 
ATOM   626  C C     . ALA A 1 91  ? -8.461  11.608  4.627   1.00 15.06 ? 91  ALA A C     1 
ATOM   627  O O     . ALA A 1 91  ? -7.694  11.286  5.520   1.00 14.83 ? 91  ALA A O     1 
ATOM   628  C CB    . ALA A 1 91  ? -10.270 13.250  5.101   1.00 15.02 ? 91  ALA A CB    1 
ATOM   629  N N     . ARG A 1 92  ? -8.944  10.740  3.741   1.00 15.14 ? 92  ARG A N     1 
ATOM   630  C CA    . ARG A 1 92  ? -8.589  9.319   3.743   1.00 14.80 ? 92  ARG A CA    1 
ATOM   631  C C     . ARG A 1 92  ? -7.099  9.073   3.636   1.00 14.80 ? 92  ARG A C     1 
ATOM   632  O O     . ARG A 1 92  ? -6.540  8.345   4.440   1.00 13.86 ? 92  ARG A O     1 
ATOM   633  C CB    . ARG A 1 92  ? -9.274  8.615   2.597   1.00 15.25 ? 92  ARG A CB    1 
ATOM   634  C CG    . ARG A 1 92  ? -8.950  7.139   2.467   1.00 15.43 ? 92  ARG A CG    1 
ATOM   635  C CD    . ARG A 1 92  ? -9.189  6.627   1.064   1.00 15.07 ? 92  ARG A CD    1 
ATOM   636  N NE    . ARG A 1 92  ? -9.824  5.315   1.136   1.00 14.92 ? 92  ARG A NE    1 
ATOM   637  C CZ    . ARG A 1 92  ? -10.526 4.746   0.162   1.00 14.18 ? 92  ARG A CZ    1 
ATOM   638  N NH1   . ARG A 1 92  ? -10.708 5.316   -1.018  1.00 13.39 ? 92  ARG A NH1   1 
ATOM   639  N NH2   . ARG A 1 92  ? -11.068 3.571   0.392   1.00 14.12 ? 92  ARG A NH2   1 
ATOM   640  N N     . LYS A 1 93  ? -6.468  9.661   2.629   1.00 15.44 ? 93  LYS A N     1 
ATOM   641  C CA    . LYS A 1 93  ? -5.029  9.526   2.454   1.00 15.45 ? 93  LYS A CA    1 
ATOM   642  C C     . LYS A 1 93  ? -4.218  10.176  3.560   1.00 14.75 ? 93  LYS A C     1 
ATOM   643  O O     . LYS A 1 93  ? -3.197  9.626   3.941   1.00 14.77 ? 93  LYS A O     1 
ATOM   644  C CB    . LYS A 1 93  ? -4.579  10.049  1.092   1.00 17.32 ? 93  LYS A CB    1 
ATOM   645  C CG    . LYS A 1 93  ? -5.104  9.172   -0.086  1.00 19.16 ? 93  LYS A CG    1 
ATOM   646  C CD    . LYS A 1 93  ? -5.092  9.854   -1.461  1.00 20.20 ? 93  LYS A CD    1 
ATOM   647  C CE    . LYS A 1 93  ? -5.647  11.281  -1.361  1.00 22.04 ? 93  LYS A CE    1 
ATOM   648  N NZ    . LYS A 1 93  ? -6.193  11.822  -2.617  1.00 23.73 ? 93  LYS A NZ    1 
ATOM   649  N N     . ALA A 1 94  ? -4.647  11.338  4.066   1.00 13.50 ? 94  ALA A N     1 
ATOM   650  C CA    . ALA A 1 94  ? -3.961  11.998  5.183   1.00 12.88 ? 94  ALA A CA    1 
ATOM   651  C C     . ALA A 1 94  ? -4.003  11.129  6.456   1.00 12.02 ? 94  ALA A C     1 
ATOM   652  O O     . ALA A 1 94  ? -3.037  11.076  7.191   1.00 11.87 ? 94  ALA A O     1 
ATOM   653  C CB    . ALA A 1 94  ? -4.544  13.393  5.444   1.00 12.16 ? 94  ALA A CB    1 
ATOM   654  N N     . ARG A 1 95  ? -5.104  10.409  6.665   1.00 11.62 ? 95  ARG A N     1 
ATOM   655  C CA    . ARG A 1 95  ? -5.267  9.554   7.836   1.00 11.81 ? 95  ARG A CA    1 
ATOM   656  C C     . ARG A 1 95  ? -4.485  8.238   7.726   1.00 12.28 ? 95  ARG A C     1 
ATOM   657  O O     . ARG A 1 95  ? -3.872  7.798   8.668   1.00 12.47 ? 95  ARG A O     1 
ATOM   658  C CB    . ARG A 1 95  ? -6.754  9.241   8.036   1.00 11.58 ? 95  ARG A CB    1 
ATOM   659  C CG    . ARG A 1 95  ? -7.059  8.292   9.184   1.00 11.11 ? 95  ARG A CG    1 
ATOM   660  C CD    . ARG A 1 95  ? -6.543  8.855   10.502  1.00 11.02 ? 95  ARG A CD    1 
ATOM   661  N NE    . ARG A 1 95  ? -7.031  8.075   11.625  1.00 10.42 ? 95  ARG A NE    1 
ATOM   662  C CZ    . ARG A 1 95  ? -6.522  8.092   12.837  1.00 10.07 ? 95  ARG A CZ    1 
ATOM   663  N NH1   . ARG A 1 95  ? -5.500  8.873   13.149  1.00 9.61  ? 95  ARG A NH1   1 
ATOM   664  N NH2   . ARG A 1 95  ? -7.039  7.286   13.738  1.00 9.96  ? 95  ARG A NH2   1 
ATOM   665  N N     . MET A 1 96  ? -4.512  7.612   6.570   1.00 13.15 ? 96  MET A N     1 
ATOM   666  C CA    . MET A 1 96  ? -3.698  6.415   6.315   1.00 14.02 ? 96  MET A CA    1 
ATOM   667  C C     . MET A 1 96  ? -2.227  6.689   6.550   1.00 13.40 ? 96  MET A C     1 
ATOM   668  O O     . MET A 1 96  ? -1.564  5.902   7.168   1.00 13.39 ? 96  MET A O     1 
ATOM   669  C CB    . MET A 1 96  ? -3.874  5.958   4.876   1.00 15.73 ? 96  MET A CB    1 
ATOM   670  C CG    . MET A 1 96  ? -5.262  5.434   4.558   1.00 17.07 ? 96  MET A CG    1 
ATOM   671  S SD    . MET A 1 96  ? -5.520  5.270   2.784   1.00 19.28 ? 96  MET A SD    1 
ATOM   672  C CE    . MET A 1 96  ? -5.713  3.520   2.606   1.00 19.14 ? 96  MET A CE    1 
ATOM   673  N N     . ALA A 1 97  ? -1.743  7.830   6.075   1.00 13.86 ? 97  ALA A N     1 
ATOM   674  C CA    . ALA A 1 97  ? -0.380  8.280   6.332   1.00 14.36 ? 97  ALA A CA    1 
ATOM   675  C C     . ALA A 1 97  ? -0.069  8.549   7.789   1.00 15.24 ? 97  ALA A C     1 
ATOM   676  O O     . ALA A 1 97  ? 0.991   8.164   8.252   1.00 15.00 ? 97  ALA A O     1 
ATOM   677  C CB    . ALA A 1 97  ? -0.047  9.508   5.513   1.00 13.89 ? 97  ALA A CB    1 
ATOM   678  N N     . GLU A 1 98  ? -0.971  9.215   8.507   1.00 16.24 ? 98  GLU A N     1 
ATOM   679  C CA    . GLU A 1 98  ? -0.775  9.437   9.952   1.00 17.34 ? 98  GLU A CA    1 
ATOM   680  C C     . GLU A 1 98  ? -0.632  8.102   10.716  1.00 15.83 ? 98  GLU A C     1 
ATOM   681  O O     . GLU A 1 98  ? 0.181   7.985   11.592  1.00 15.34 ? 98  GLU A O     1 
ATOM   682  C CB    . GLU A 1 98  ? -1.912  10.326  10.442  1.00 20.31 ? 98  GLU A CB    1 
ATOM   683  C CG    . GLU A 1 98  ? -2.104  10.611  11.910  1.00 23.86 ? 98  GLU A CG    1 
ATOM   684  C CD    . GLU A 1 98  ? -3.358  11.499  12.072  1.00 27.76 ? 98  GLU A CD    1 
ATOM   685  O OE1   . GLU A 1 98  ? -3.281  12.680  11.712  1.00 35.89 ? 98  GLU A OE1   1 
ATOM   686  O OE2   . GLU A 1 98  ? -4.450  11.033  12.451  1.00 27.85 ? 98  GLU A OE2   1 
ATOM   687  N N     . LEU A 1 99  ? -1.361  7.066   10.327  1.00 14.95 ? 99  LEU A N     1 
ATOM   688  C CA    . LEU A 1 99  ? -1.267  5.792   11.013  1.00 14.83 ? 99  LEU A CA    1 
ATOM   689  C C     . LEU A 1 99  ? -0.149  4.866   10.538  1.00 14.59 ? 99  LEU A C     1 
ATOM   690  O O     . LEU A 1 99  ? 0.192   3.958   11.259  1.00 14.59 ? 99  LEU A O     1 
ATOM   691  C CB    . LEU A 1 99  ? -2.578  5.016   10.887  1.00 14.85 ? 99  LEU A CB    1 
ATOM   692  C CG    . LEU A 1 99  ? -3.807  5.705   11.465  1.00 14.61 ? 99  LEU A CG    1 
ATOM   693  C CD1   . LEU A 1 99  ? -5.054  4.925   11.046  1.00 14.14 ? 99  LEU A CD1   1 
ATOM   694  C CD2   . LEU A 1 99  ? -3.676  5.891   12.981  1.00 14.90 ? 99  LEU A CD2   1 
ATOM   695  N N     . ALA A 1 100 ? 0.406   5.056   9.343   1.00 13.99 ? 100 ALA A N     1 
ATOM   696  C CA    . ALA A 1 100 ? 1.441   4.119   8.806   1.00 13.64 ? 100 ALA A CA    1 
ATOM   697  C C     . ALA A 1 100 ? 2.913   4.528   9.056   1.00 12.57 ? 100 ALA A C     1 
ATOM   698  O O     . ALA A 1 100 ? 3.237   5.701   9.058   1.00 11.45 ? 100 ALA A O     1 
ATOM   699  C CB    . ALA A 1 100 ? 1.241   3.954   7.314   1.00 13.90 ? 100 ALA A CB    1 
ATOM   700  N N     . ASP A 1 101 ? 3.784   3.537   9.243   1.00 11.99 ? 101 ASP A N     1 
ATOM   701  C CA    . ASP A 1 101 ? 5.241   3.759   9.248   1.00 11.98 ? 101 ASP A CA    1 
ATOM   702  C C     . ASP A 1 101 ? 5.832   3.588   7.852   1.00 11.84 ? 101 ASP A C     1 
ATOM   703  O O     . ASP A 1 101 ? 6.957   4.022   7.581   1.00 11.62 ? 101 ASP A O     1 
ATOM   704  C CB    . ASP A 1 101 ? 5.903   2.796   10.230  1.00 12.16 ? 101 ASP A CB    1 
ATOM   705  C CG    . ASP A 1 101 ? 5.363   2.960   11.660  1.00 12.33 ? 101 ASP A CG    1 
ATOM   706  O OD1   . ASP A 1 101 ? 5.302   4.091   12.138  1.00 13.34 ? 101 ASP A OD1   1 
ATOM   707  O OD2   . ASP A 1 101 ? 5.004   1.990   12.325  1.00 12.89 ? 101 ASP A OD2   1 
ATOM   708  N N     . ALA A 1 102 ? 5.089   2.902   6.982   1.00 11.48 ? 102 ALA A N     1 
ATOM   709  C CA    . ALA A 1 102 ? 5.507   2.648   5.609   1.00 11.37 ? 102 ALA A CA    1 
ATOM   710  C C     . ALA A 1 102 ? 4.305   2.372   4.731   1.00 10.64 ? 102 ALA A C     1 
ATOM   711  O O     . ALA A 1 102 ? 3.211   2.146   5.230   1.00 9.80  ? 102 ALA A O     1 
ATOM   712  C CB    . ALA A 1 102 ? 6.471   1.470   5.552   1.00 11.47 ? 102 ALA A CB    1 
ATOM   713  N N     . PHE A 1 103 ? 4.562   2.392   3.428   1.00 10.72 ? 103 PHE A N     1 
ATOM   714  C CA    . PHE A 1 103 ? 3.545   2.206   2.397   1.00 11.51 ? 103 PHE A CA    1 
ATOM   715  C C     . PHE A 1 103 ? 3.961   1.127   1.405   1.00 11.66 ? 103 PHE A C     1 
ATOM   716  O O     . PHE A 1 103 ? 5.089   1.108   0.944   1.00 11.86 ? 103 PHE A O     1 
ATOM   717  C CB    . PHE A 1 103 ? 3.279   3.512   1.661   1.00 11.47 ? 103 PHE A CB    1 
ATOM   718  C CG    . PHE A 1 103 ? 2.923   4.649   2.570   1.00 12.01 ? 103 PHE A CG    1 
ATOM   719  C CD1   . PHE A 1 103 ? 3.906   5.454   3.100   1.00 12.17 ? 103 PHE A CD1   1 
ATOM   720  C CD2   . PHE A 1 103 ? 1.591   4.912   2.918   1.00 12.59 ? 103 PHE A CD2   1 
ATOM   721  C CE1   . PHE A 1 103 ? 3.576   6.516   3.948   1.00 12.47 ? 103 PHE A CE1   1 
ATOM   722  C CE2   . PHE A 1 103 ? 1.263   5.970   3.782   1.00 12.20 ? 103 PHE A CE2   1 
ATOM   723  C CZ    . PHE A 1 103 ? 2.265   6.767   4.294   1.00 11.88 ? 103 PHE A CZ    1 
ATOM   724  N N     . ILE A 1 104 ? 3.045   0.219   1.107   1.00 11.94 ? 104 ILE A N     1 
ATOM   725  C CA    . ILE A 1 104 ? 3.247   -0.781  0.078   1.00 12.21 ? 104 ILE A CA    1 
ATOM   726  C C     . ILE A 1 104 ? 2.117   -0.705  -0.960  1.00 12.14 ? 104 ILE A C     1 
ATOM   727  O O     . ILE A 1 104 ? 0.949   -0.741  -0.604  1.00 12.96 ? 104 ILE A O     1 
ATOM   728  C CB    . ILE A 1 104 ? 3.278   -2.207  0.655   1.00 12.53 ? 104 ILE A CB    1 
ATOM   729  C CG1   . ILE A 1 104 ? 4.496   -2.376  1.587   1.00 12.74 ? 104 ILE A CG1   1 
ATOM   730  C CG2   . ILE A 1 104 ? 3.281   -3.248  -0.497  1.00 11.85 ? 104 ILE A CG2   1 
ATOM   731  C CD1   . ILE A 1 104 ? 4.444   -3.596  2.479   1.00 12.74 ? 104 ILE A CD1   1 
ATOM   732  N N     . ALA A 1 105 ? 2.488   -0.628  -2.232  1.00 11.57 ? 105 ALA A N     1 
ATOM   733  C CA    . ALA A 1 105 ? 1.548   -0.778  -3.337  1.00 10.96 ? 105 ALA A CA    1 
ATOM   734  C C     . ALA A 1 105 ? 1.641   -2.201  -3.907  1.00 11.02 ? 105 ALA A C     1 
ATOM   735  O O     . ALA A 1 105 ? 2.664   -2.632  -4.428  1.00 10.67 ? 105 ALA A O     1 
ATOM   736  C CB    . ALA A 1 105 ? 1.790   0.267   -4.406  1.00 10.24 ? 105 ALA A CB    1 
ATOM   737  N N     . LEU A 1 106 ? 0.532   -2.916  -3.771  1.00 11.76 ? 106 LEU A N     1 
ATOM   738  C CA    . LEU A 1 106 ? 0.207   -4.118  -4.551  1.00 12.06 ? 106 LEU A CA    1 
ATOM   739  C C     . LEU A 1 106 ? -0.270  -3.614  -5.888  1.00 11.81 ? 106 LEU A C     1 
ATOM   740  O O     . LEU A 1 106 ? -0.533  -2.408  -6.017  1.00 11.81 ? 106 LEU A O     1 
ATOM   741  C CB    . LEU A 1 106 ? -0.980  -4.887  -3.904  1.00 12.59 ? 106 LEU A CB    1 
ATOM   742  C CG    . LEU A 1 106 ? -0.681  -5.873  -2.788  1.00 13.13 ? 106 LEU A CG    1 
ATOM   743  C CD1   . LEU A 1 106 ? -1.987  -6.202  -2.050  1.00 13.45 ? 106 LEU A CD1   1 
ATOM   744  C CD2   . LEU A 1 106 ? 0.036   -7.146  -3.284  1.00 12.98 ? 106 LEU A CD2   1 
ATOM   745  N N     . PRO A 1 107 ? -0.419  -4.519  -6.882  1.00 11.74 ? 107 PRO A N     1 
ATOM   746  C CA    . PRO A 1 107 ? -1.050  -4.168  -8.150  1.00 11.38 ? 107 PRO A CA    1 
ATOM   747  C C     . PRO A 1 107 ? -2.442  -3.599  -7.926  1.00 11.08 ? 107 PRO A C     1 
ATOM   748  O O     . PRO A 1 107 ? -3.124  -3.945  -6.960  1.00 11.28 ? 107 PRO A O     1 
ATOM   749  C CB    . PRO A 1 107 ? -1.142  -5.506  -8.867  1.00 12.12 ? 107 PRO A CB    1 
ATOM   750  C CG    . PRO A 1 107 ? 0.053   -6.262  -8.337  1.00 12.01 ? 107 PRO A CG    1 
ATOM   751  C CD    . PRO A 1 107 ? 0.043   -5.918  -6.885  1.00 11.79 ? 107 PRO A CD    1 
ATOM   752  N N     . GLY A 1 108 ? -2.812  -2.667  -8.796  1.00 11.02 ? 108 GLY A N     1 
ATOM   753  C CA    . GLY A 1 108 ? -4.080  -1.951  -8.731  1.00 10.20 ? 108 GLY A CA    1 
ATOM   754  C C     . GLY A 1 108 ? -4.192  -1.056  -9.942  1.00 9.75  ? 108 GLY A C     1 
ATOM   755  O O     . GLY A 1 108 ? -3.410  -1.196  -10.914 1.00 9.70  ? 108 GLY A O     1 
ATOM   756  N N     . GLY A 1 109 ? -5.161  -0.156  -9.889  1.00 9.10  ? 109 GLY A N     1 
ATOM   757  C CA    . GLY A 1 109 ? -5.427  0.780   -10.978 1.00 9.03  ? 109 GLY A CA    1 
ATOM   758  C C     . GLY A 1 109 ? -4.999  2.214   -10.681 1.00 8.88  ? 109 GLY A C     1 
ATOM   759  O O     . GLY A 1 109 ? -4.001  2.479   -9.978  1.00 8.83  ? 109 GLY A O     1 
ATOM   760  N N     . LEU A 1 110 ? -5.799  3.144   -11.191 1.00 9.13  ? 110 LEU A N     1 
ATOM   761  C CA    . LEU A 1 110 ? -5.498  4.559   -11.109 1.00 9.01  ? 110 LEU A CA    1 
ATOM   762  C C     . LEU A 1 110 ? -5.540  5.070   -9.680  1.00 8.57  ? 110 LEU A C     1 
ATOM   763  O O     . LEU A 1 110 ? -4.781  5.960   -9.360  1.00 8.10  ? 110 LEU A O     1 
ATOM   764  C CB    . LEU A 1 110 ? -6.468  5.367   -11.967 1.00 9.43  ? 110 LEU A CB    1 
ATOM   765  C CG    . LEU A 1 110 ? -6.572  5.046   -13.470 1.00 9.95  ? 110 LEU A CG    1 
ATOM   766  C CD1   . LEU A 1 110 ? -7.513  6.037   -14.144 1.00 9.87  ? 110 LEU A CD1   1 
ATOM   767  C CD2   . LEU A 1 110 ? -5.223  5.033   -14.136 1.00 10.19 ? 110 LEU A CD2   1 
ATOM   768  N N     . GLY A 1 111 ? -6.467  4.566   -8.866  1.00 8.45  ? 111 GLY A N     1 
ATOM   769  C CA    . GLY A 1 111 ? -6.538  4.903   -7.458  1.00 8.77  ? 111 GLY A CA    1 
ATOM   770  C C     . GLY A 1 111 ? -5.293  4.464   -6.686  1.00 8.83  ? 111 GLY A C     1 
ATOM   771  O O     . GLY A 1 111 ? -4.736  5.209   -5.911  1.00 8.11  ? 111 GLY A O     1 
ATOM   772  N N     . THR A 1 112 ? -4.877  3.218   -6.888  1.00 9.52  ? 112 THR A N     1 
ATOM   773  C CA    . THR A 1 112 ? -3.667  2.685   -6.229  1.00 9.87  ? 112 THR A CA    1 
ATOM   774  C C     . THR A 1 112 ? -2.502  3.581   -6.618  1.00 10.46 ? 112 THR A C     1 
ATOM   775  O O     . THR A 1 112 ? -1.778  4.049   -5.738  1.00 9.99  ? 112 THR A O     1 
ATOM   776  C CB    . THR A 1 112 ? -3.441  1.232   -6.669  1.00 9.92  ? 112 THR A CB    1 
ATOM   777  O OG1   . THR A 1 112 ? -4.613  0.479   -6.353  1.00 10.19 ? 112 THR A OG1   1 
ATOM   778  C CG2   . THR A 1 112 ? -2.256  0.586   -6.008  1.00 9.78  ? 112 THR A CG2   1 
ATOM   779  N N     . LEU A 1 113 ? -2.378  3.882   -7.916  1.00 11.02 ? 113 LEU A N     1 
ATOM   780  C CA    . LEU A 1 113 ? -1.290  4.759   -8.399  1.00 12.32 ? 113 LEU A CA    1 
ATOM   781  C C     . LEU A 1 113 ? -1.350  6.220   -7.909  1.00 12.06 ? 113 LEU A C     1 
ATOM   782  O O     . LEU A 1 113 ? -0.322  6.822   -7.594  1.00 11.00 ? 113 LEU A O     1 
ATOM   783  C CB    . LEU A 1 113 ? -1.263  4.828   -9.922  1.00 13.58 ? 113 LEU A CB    1 
ATOM   784  C CG    . LEU A 1 113 ? -0.719  3.646   -10.693 1.00 14.67 ? 113 LEU A CG    1 
ATOM   785  C CD1   . LEU A 1 113 ? -0.970  3.896   -12.183 1.00 16.27 ? 113 LEU A CD1   1 
ATOM   786  C CD2   . LEU A 1 113 ? 0.758   3.476   -10.469 1.00 14.99 ? 113 LEU A CD2   1 
ATOM   787  N N     . GLU A 1 114 ? -2.540  6.799   -7.850  1.00 11.65 ? 114 GLU A N     1 
ATOM   788  C CA    . GLU A 1 114 ? -2.587  8.163   -7.372  1.00 11.92 ? 114 GLU A CA    1 
ATOM   789  C C     . GLU A 1 114 ? -2.184  8.193   -5.896  1.00 11.08 ? 114 GLU A C     1 
ATOM   790  O O     . GLU A 1 114 ? -1.412  9.065   -5.521  1.00 10.08 ? 114 GLU A O     1 
ATOM   791  C CB    . GLU A 1 114 ? -3.861  8.931   -7.782  1.00 12.20 ? 114 GLU A CB    1 
ATOM   792  C CG    . GLU A 1 114 ? -4.916  9.213   -6.792  1.00 12.76 ? 114 GLU A CG    1 
ATOM   793  C CD    . GLU A 1 114 ? -4.497  10.005  -5.584  1.00 13.10 ? 114 GLU A CD    1 
ATOM   794  O OE1   . GLU A 1 114 ? -3.993  11.151  -5.654  1.00 14.48 ? 114 GLU A OE1   1 
ATOM   795  O OE2   . GLU A 1 114 ? -4.720  9.432   -4.513  1.00 14.63 ? 114 GLU A OE2   1 
ATOM   796  N N     . ALA A 1 115 ? -2.608  7.200   -5.111  1.00 10.30 ? 115 ALA A N     1 
ATOM   797  C CA    . ALA A 1 115 ? -2.231  7.173   -3.702  1.00 10.73 ? 115 ALA A CA    1 
ATOM   798  C C     . ALA A 1 115 ? -0.739  7.060   -3.486  1.00 10.09 ? 115 ALA A C     1 
ATOM   799  O O     . ALA A 1 115 ? -0.175  7.808   -2.685  1.00 10.02 ? 115 ALA A O     1 
ATOM   800  C CB    . ALA A 1 115 ? -2.955  6.068   -2.941  1.00 11.61 ? 115 ALA A CB    1 
ATOM   801  N N     . LEU A 1 116 ? -0.120  6.165   -4.234  1.00 10.01 ? 116 LEU A N     1 
ATOM   802  C CA    . LEU A 1 116 ? 1.314   5.970   -4.235  1.00 10.36 ? 116 LEU A CA    1 
ATOM   803  C C     . LEU A 1 116 ? 2.064   7.230   -4.553  1.00 10.63 ? 116 LEU A C     1 
ATOM   804  O O     . LEU A 1 116 ? 2.983   7.601   -3.846  1.00 10.31 ? 116 LEU A O     1 
ATOM   805  C CB    . LEU A 1 116 ? 1.689   4.938   -5.288  1.00 11.03 ? 116 LEU A CB    1 
ATOM   806  C CG    . LEU A 1 116 ? 3.182   4.710   -5.588  1.00 11.68 ? 116 LEU A CG    1 
ATOM   807  C CD1   . LEU A 1 116 ? 3.831   4.164   -4.324  1.00 12.08 ? 116 LEU A CD1   1 
ATOM   808  C CD2   . LEU A 1 116 ? 3.328   3.727   -6.734  1.00 11.87 ? 116 LEU A CD2   1 
ATOM   809  N N     . PHE A 1 117 ? 1.705   7.860   -5.665  1.00 11.47 ? 117 PHE A N     1 
ATOM   810  C CA    . PHE A 1 117 ? 2.351   9.090   -6.075  1.00 12.26 ? 117 PHE A CA    1 
ATOM   811  C C     . PHE A 1 117 ? 2.109   10.247  -5.104  1.00 11.21 ? 117 PHE A C     1 
ATOM   812  O O     . PHE A 1 117 ? 3.034   11.010  -4.811  1.00 9.34  ? 117 PHE A O     1 
ATOM   813  C CB    . PHE A 1 117 ? 2.001   9.433   -7.551  1.00 13.93 ? 117 PHE A CB    1 
ATOM   814  C CG    . PHE A 1 117 ? 2.790   8.603   -8.522  1.00 16.19 ? 117 PHE A CG    1 
ATOM   815  C CD1   . PHE A 1 117 ? 4.158   8.749   -8.588  1.00 17.79 ? 117 PHE A CD1   1 
ATOM   816  C CD2   . PHE A 1 117 ? 2.185   7.630   -9.294  1.00 17.62 ? 117 PHE A CD2   1 
ATOM   817  C CE1   . PHE A 1 117 ? 4.908   7.953   -9.436  1.00 20.10 ? 117 PHE A CE1   1 
ATOM   818  C CE2   . PHE A 1 117 ? 2.913   6.833   -10.127 1.00 18.78 ? 117 PHE A CE2   1 
ATOM   819  C CZ    . PHE A 1 117 ? 4.276   6.990   -10.213 1.00 19.47 ? 117 PHE A CZ    1 
ATOM   820  N N     . GLU A 1 118 ? 0.898   10.327  -4.552  1.00 11.21 ? 118 GLU A N     1 
ATOM   821  C CA    . GLU A 1 118 ? 0.626   11.431  -3.611  1.00 12.54 ? 118 GLU A CA    1 
ATOM   822  C C     . GLU A 1 118 ? 1.504   11.337  -2.369  1.00 11.47 ? 118 GLU A C     1 
ATOM   823  O O     . GLU A 1 118 ? 2.166   12.294  -1.976  1.00 11.46 ? 118 GLU A O     1 
ATOM   824  C CB    . GLU A 1 118 ? -0.847  11.588  -3.230  1.00 13.55 ? 118 GLU A CB    1 
ATOM   825  C CG    . GLU A 1 118 ? -1.146  13.034  -2.838  1.00 14.86 ? 118 GLU A CG    1 
ATOM   826  C CD    . GLU A 1 118 ? -2.610  13.317  -2.596  1.00 16.59 ? 118 GLU A CD    1 
ATOM   827  O OE1   . GLU A 1 118 ? -3.403  12.417  -3.000  1.00 18.08 ? 118 GLU A OE1   1 
ATOM   828  O OE2   . GLU A 1 118 ? -2.954  14.423  -2.011  1.00 17.36 ? 118 GLU A OE2   1 
ATOM   829  N N     . VAL A 1 119 ? 1.539   10.156  -1.794  1.00 11.21 ? 119 VAL A N     1 
ATOM   830  C CA    . VAL A 1 119 ? 2.313   9.934   -0.590  1.00 10.70 ? 119 VAL A CA    1 
ATOM   831  C C     . VAL A 1 119 ? 3.809   10.063  -0.918  1.00 9.43  ? 119 VAL A C     1 
ATOM   832  O O     . VAL A 1 119 ? 4.549   10.542  -0.107  1.00 8.56  ? 119 VAL A O     1 
ATOM   833  C CB    . VAL A 1 119 ? 1.962   8.581   0.046   1.00 11.26 ? 119 VAL A CB    1 
ATOM   834  C CG1   . VAL A 1 119 ? 2.860   8.286   1.212   1.00 11.99 ? 119 VAL A CG1   1 
ATOM   835  C CG2   . VAL A 1 119 ? 0.547   8.602   0.562   1.00 11.74 ? 119 VAL A CG2   1 
ATOM   836  N N     . TRP A 1 120 ? 4.233   9.653   -2.101  1.00 8.82  ? 120 TRP A N     1 
ATOM   837  C CA    . TRP A 1 120 ? 5.632   9.805   -2.480  1.00 8.36  ? 120 TRP A CA    1 
ATOM   838  C C     . TRP A 1 120 ? 6.049   11.276  -2.510  1.00 8.35  ? 120 TRP A C     1 
ATOM   839  O O     . TRP A 1 120 ? 7.136   11.634  -1.984  1.00 7.76  ? 120 TRP A O     1 
ATOM   840  C CB    . TRP A 1 120 ? 5.868   9.157   -3.836  1.00 8.22  ? 120 TRP A CB    1 
ATOM   841  C CG    . TRP A 1 120 ? 7.273   8.823   -4.165  1.00 8.22  ? 120 TRP A CG    1 
ATOM   842  C CD1   . TRP A 1 120 ? 8.422   9.264   -3.543  1.00 8.04  ? 120 TRP A CD1   1 
ATOM   843  C CD2   . TRP A 1 120 ? 7.697   8.032   -5.262  1.00 8.20  ? 120 TRP A CD2   1 
ATOM   844  N NE1   . TRP A 1 120 ? 9.511   8.735   -4.162  1.00 8.19  ? 120 TRP A NE1   1 
ATOM   845  C CE2   . TRP A 1 120 ? 9.096   7.968   -5.216  1.00 8.13  ? 120 TRP A CE2   1 
ATOM   846  C CE3   . TRP A 1 120 ? 7.023   7.330   -6.257  1.00 8.46  ? 120 TRP A CE3   1 
ATOM   847  C CZ2   . TRP A 1 120 ? 9.833   7.288   -6.155  1.00 8.46  ? 120 TRP A CZ2   1 
ATOM   848  C CZ3   . TRP A 1 120 ? 7.783   6.600   -7.207  1.00 8.45  ? 120 TRP A CZ3   1 
ATOM   849  C CH2   . TRP A 1 120 ? 9.158   6.611   -7.152  1.00 8.45  ? 120 TRP A CH2   1 
ATOM   850  N N     . THR A 1 121 ? 5.187   12.133  -3.085  1.00 8.45  ? 121 THR A N     1 
ATOM   851  C CA    . THR A 1 121 ? 5.454   13.582  -3.106  1.00 8.77  ? 121 THR A CA    1 
ATOM   852  C C     . THR A 1 121 ? 5.508   14.181  -1.711  1.00 9.11  ? 121 THR A C     1 
ATOM   853  O O     . THR A 1 121 ? 6.295   15.085  -1.445  1.00 9.00  ? 121 THR A O     1 
ATOM   854  C CB    . THR A 1 121 ? 4.456   14.423  -3.991  1.00 8.83  ? 121 THR A CB    1 
ATOM   855  O OG1   . THR A 1 121 ? 3.103   14.385  -3.479  1.00 8.64  ? 121 THR A OG1   1 
ATOM   856  C CG2   . THR A 1 121 ? 4.475   13.948  -5.446  1.00 8.44  ? 121 THR A CG2   1 
ATOM   857  N N     . TRP A 1 122 ? 4.656   13.703  -0.818  1.00 9.35  ? 122 TRP A N     1 
ATOM   858  C CA    . TRP A 1 122 ? 4.704   14.219  0.541   1.00 10.00 ? 122 TRP A CA    1 
ATOM   859  C C     . TRP A 1 122 ? 6.087   14.002  1.200   1.00 10.68 ? 122 TRP A C     1 
ATOM   860  O O     . TRP A 1 122 ? 6.506   14.832  2.024   1.00 10.26 ? 122 TRP A O     1 
ATOM   861  C CB    . TRP A 1 122 ? 3.625   13.585  1.407   1.00 9.94  ? 122 TRP A CB    1 
ATOM   862  C CG    . TRP A 1 122 ? 2.250   13.926  1.004   1.00 10.07 ? 122 TRP A CG    1 
ATOM   863  C CD1   . TRP A 1 122 ? 1.848   14.824  0.040   1.00 9.88  ? 122 TRP A CD1   1 
ATOM   864  C CD2   . TRP A 1 122 ? 1.062   13.355  1.543   1.00 10.15 ? 122 TRP A CD2   1 
ATOM   865  N NE1   . TRP A 1 122 ? 0.481   14.831  -0.044  1.00 9.80  ? 122 TRP A NE1   1 
ATOM   866  C CE2   . TRP A 1 122 ? -0.025  13.944  0.868   1.00 9.90  ? 122 TRP A CE2   1 
ATOM   867  C CE3   . TRP A 1 122 ? 0.807   12.384  2.535   1.00 10.10 ? 122 TRP A CE3   1 
ATOM   868  C CZ2   . TRP A 1 122 ? -1.344  13.611  1.165   1.00 10.07 ? 122 TRP A CZ2   1 
ATOM   869  C CZ3   . TRP A 1 122 ? -0.492  12.043  2.801   1.00 10.18 ? 122 TRP A CZ3   1 
ATOM   870  C CH2   . TRP A 1 122 ? -1.558  12.649  2.126   1.00 9.93  ? 122 TRP A CH2   1 
ATOM   871  N N     . GLY A 1 123 ? 6.758   12.880  0.850   1.00 10.86 ? 123 GLY A N     1 
ATOM   872  C CA    . GLY A 1 123 ? 8.117   12.625  1.263   1.00 11.42 ? 123 GLY A CA    1 
ATOM   873  C C     . GLY A 1 123 ? 9.050   13.581  0.541   1.00 12.03 ? 123 GLY A C     1 
ATOM   874  O O     . GLY A 1 123 ? 9.884   14.220  1.105   1.00 12.29 ? 123 GLY A O     1 
ATOM   875  N N     . GLN A 1 124 ? 8.859   13.712  -0.738  1.00 13.30 ? 124 GLN A N     1 
ATOM   876  C CA    . GLN A 1 124 ? 9.610   14.673  -1.504  1.00 14.42 ? 124 GLN A CA    1 
ATOM   877  C C     . GLN A 1 124 ? 9.541   16.080  -0.886  1.00 13.72 ? 124 GLN A C     1 
ATOM   878  O O     . GLN A 1 124 ? 10.541  16.711  -0.721  1.00 13.38 ? 124 GLN A O     1 
ATOM   879  C CB    . GLN A 1 124 ? 9.060   14.649  -2.918  1.00 15.12 ? 124 GLN A CB    1 
ATOM   880  C CG    . GLN A 1 124 ? 9.960   15.246  -3.937  1.00 15.86 ? 124 GLN A CG    1 
ATOM   881  C CD    . GLN A 1 124 ? 9.476   14.879  -5.295  1.00 15.63 ? 124 GLN A CD    1 
ATOM   882  O OE1   . GLN A 1 124 ? 10.288  14.669  -6.191  1.00 17.28 ? 124 GLN A OE1   1 
ATOM   883  N NE2   . GLN A 1 124 ? 8.158   14.800  -5.467  1.00 14.36 ? 124 GLN A NE2   1 
ATOM   884  N N     . LEU A 1 125 ? 8.367   16.516  -0.452  1.00 14.53 ? 125 LEU A N     1 
ATOM   885  C CA    . LEU A 1 125 ? 8.199   17.863  0.080   1.00 14.59 ? 125 LEU A CA    1 
ATOM   886  C C     . LEU A 1 125 ? 8.573   17.973  1.546   1.00 15.35 ? 125 LEU A C     1 
ATOM   887  O O     . LEU A 1 125 ? 8.434   19.021  2.109   1.00 15.84 ? 125 LEU A O     1 
ATOM   888  C CB    . LEU A 1 125 ? 6.779   18.322  -0.103  1.00 14.46 ? 125 LEU A CB    1 
ATOM   889  C CG    . LEU A 1 125 ? 6.221   18.440  -1.532  1.00 14.78 ? 125 LEU A CG    1 
ATOM   890  C CD1   . LEU A 1 125 ? 4.730   18.104  -1.601  1.00 14.46 ? 125 LEU A CD1   1 
ATOM   891  C CD2   . LEU A 1 125 ? 6.450   19.820  -2.125  1.00 14.84 ? 125 LEU A CD2   1 
ATOM   892  N N     . GLY A 1 126 ? 9.019   16.900  2.177   1.00 15.85 ? 126 GLY A N     1 
ATOM   893  C CA    . GLY A 1 126 ? 9.501   16.970  3.542   1.00 16.61 ? 126 GLY A CA    1 
ATOM   894  C C     . GLY A 1 126 ? 8.458   16.791  4.627   1.00 17.44 ? 126 GLY A C     1 
ATOM   895  O O     . GLY A 1 126 ? 8.756   17.047  5.782   1.00 17.36 ? 126 GLY A O     1 
ATOM   896  N N     . TYR A 1 127 ? 7.250   16.344  4.274   1.00 18.43 ? 127 TYR A N     1 
ATOM   897  C CA    . TYR A 1 127 ? 6.196   16.112  5.270   1.00 18.97 ? 127 TYR A CA    1 
ATOM   898  C C     . TYR A 1 127 ? 6.363   14.865  6.081   1.00 17.46 ? 127 TYR A C     1 
ATOM   899  O O     . TYR A 1 127 ? 5.794   14.790  7.152   1.00 17.14 ? 127 TYR A O     1 
ATOM   900  C CB    . TYR A 1 127 ? 4.810   16.049  4.649   1.00 20.20 ? 127 TYR A CB    1 
ATOM   901  C CG    . TYR A 1 127 ? 4.418   17.289  3.892   1.00 23.72 ? 127 TYR A CG    1 
ATOM   902  C CD1   . TYR A 1 127 ? 5.005   18.556  4.143   1.00 24.22 ? 127 TYR A CD1   1 
ATOM   903  C CD2   . TYR A 1 127 ? 3.424   17.201  2.912   1.00 26.17 ? 127 TYR A CD2   1 
ATOM   904  C CE1   . TYR A 1 127 ? 4.613   19.675  3.420   1.00 25.72 ? 127 TYR A CE1   1 
ATOM   905  C CE2   . TYR A 1 127 ? 3.027   18.309  2.196   1.00 28.10 ? 127 TYR A CE2   1 
ATOM   906  C CZ    . TYR A 1 127 ? 3.612   19.529  2.443   1.00 29.02 ? 127 TYR A CZ    1 
ATOM   907  O OH    . TYR A 1 127 ? 3.119   20.563  1.684   1.00 32.37 ? 127 TYR A OH    1 
ATOM   908  N N     . HIS A 1 128 ? 7.067   13.875  5.526   1.00 16.60 ? 128 HIS A N     1 
ATOM   909  C CA    . HIS A 1 128 ? 7.349   12.605  6.188   1.00 15.01 ? 128 HIS A CA    1 
ATOM   910  C C     . HIS A 1 128 ? 8.619   12.067  5.636   1.00 14.45 ? 128 HIS A C     1 
ATOM   911  O O     . HIS A 1 128 ? 9.129   12.562  4.634   1.00 14.95 ? 128 HIS A O     1 
ATOM   912  C CB    . HIS A 1 128 ? 6.185   11.586  6.046   1.00 15.23 ? 128 HIS A CB    1 
ATOM   913  C CG    . HIS A 1 128 ? 5.984   11.024  4.661   1.00 16.29 ? 128 HIS A CG    1 
ATOM   914  N ND1   . HIS A 1 128 ? 6.722   9.969   4.161   1.00 15.56 ? 128 HIS A ND1   1 
ATOM   915  C CD2   . HIS A 1 128 ? 5.095   11.347  3.686   1.00 16.37 ? 128 HIS A CD2   1 
ATOM   916  C CE1   . HIS A 1 128 ? 6.314   9.689   2.935   1.00 15.64 ? 128 HIS A CE1   1 
ATOM   917  N NE2   . HIS A 1 128 ? 5.317   10.498  2.631   1.00 15.06 ? 128 HIS A NE2   1 
ATOM   918  N N     . ALA A 1 129 ? 9.158   11.060  6.303   1.00 14.27 ? 129 ALA A N     1 
ATOM   919  C CA    . ALA A 1 129 ? 10.277  10.305  5.774   1.00 14.00 ? 129 ALA A CA    1 
ATOM   920  C C     . ALA A 1 129 ? 9.927   8.853   5.991   1.00 13.80 ? 129 ALA A C     1 
ATOM   921  O O     . ALA A 1 129 ? 10.589  8.132   6.660   1.00 14.88 ? 129 ALA A O     1 
ATOM   922  C CB    . ALA A 1 129 ? 11.541  10.696  6.506   1.00 14.68 ? 129 ALA A CB    1 
ATOM   923  N N     . LYS A 1 130 ? 8.818   8.439   5.444   1.00 14.24 ? 130 LYS A N     1 
ATOM   924  C CA    . LYS A 1 130 ? 8.397   7.071   5.523   1.00 14.70 ? 130 LYS A CA    1 
ATOM   925  C C     . LYS A 1 130 ? 8.645   6.418   4.158   1.00 14.95 ? 130 LYS A C     1 
ATOM   926  O O     . LYS A 1 130 ? 8.318   7.017   3.112   1.00 17.37 ? 130 LYS A O     1 
ATOM   927  C CB    . LYS A 1 130 ? 6.958   7.026   5.915   1.00 14.57 ? 130 LYS A CB    1 
ATOM   928  C CG    . LYS A 1 130 ? 6.726   7.628   7.294   1.00 15.16 ? 130 LYS A CG    1 
ATOM   929  C CD    . LYS A 1 130 ? 5.271   8.029   7.463   1.00 15.80 ? 130 LYS A CD    1 
ATOM   930  C CE    . LYS A 1 130 ? 4.937   8.310   8.910   1.00 16.02 ? 130 LYS A CE    1 
ATOM   931  N NZ    . LYS A 1 130 ? 3.455   8.388   9.041   1.00 15.84 ? 130 LYS A NZ    1 
ATOM   932  N N     . PRO A 1 131 ? 9.256   5.214   4.147   1.00 13.53 ? 131 PRO A N     1 
ATOM   933  C CA    . PRO A 1 131 ? 9.587   4.604   2.863   1.00 12.93 ? 131 PRO A CA    1 
ATOM   934  C C     . PRO A 1 131 ? 8.341   3.988   2.158   1.00 12.42 ? 131 PRO A C     1 
ATOM   935  O O     . PRO A 1 131 ? 7.340   3.700   2.802   1.00 12.14 ? 131 PRO A O     1 
ATOM   936  C CB    . PRO A 1 131 ? 10.609  3.560   3.239   1.00 13.03 ? 131 PRO A CB    1 
ATOM   937  C CG    . PRO A 1 131 ? 10.247  3.153   4.623   1.00 13.21 ? 131 PRO A CG    1 
ATOM   938  C CD    . PRO A 1 131 ? 9.626   4.353   5.287   1.00 13.31 ? 131 PRO A CD    1 
ATOM   939  N N     . LEU A 1 132 ? 8.416   3.851   0.838   1.00 11.87 ? 132 LEU A N     1 
ATOM   940  C CA    . LEU A 1 132 ? 7.364   3.262   0.034   1.00 11.70 ? 132 LEU A CA    1 
ATOM   941  C C     . LEU A 1 132 ? 7.964   2.060   -0.650  1.00 11.52 ? 132 LEU A C     1 
ATOM   942  O O     . LEU A 1 132 ? 9.195   2.000   -0.809  1.00 11.03 ? 132 LEU A O     1 
ATOM   943  C CB    . LEU A 1 132 ? 6.827   4.234   -1.000  1.00 11.87 ? 132 LEU A CB    1 
ATOM   944  C CG    . LEU A 1 132 ? 6.216   5.485   -0.390  1.00 12.14 ? 132 LEU A CG    1 
ATOM   945  C CD1   . LEU A 1 132 ? 7.245   6.584   -0.308  1.00 12.23 ? 132 LEU A CD1   1 
ATOM   946  C CD2   . LEU A 1 132 ? 5.073   6.007   -1.213  1.00 13.08 ? 132 LEU A CD2   1 
ATOM   947  N N     . GLY A 1 133 ? 7.092   1.123   -1.021  1.00 11.08 ? 133 GLY A N     1 
ATOM   948  C CA    . GLY A 1 133 ? 7.488   -0.116  -1.653  1.00 11.96 ? 133 GLY A CA    1 
ATOM   949  C C     . GLY A 1 133 ? 6.526   -0.606  -2.725  1.00 12.11 ? 133 GLY A C     1 
ATOM   950  O O     . GLY A 1 133 ? 5.321   -0.360  -2.664  1.00 12.43 ? 133 GLY A O     1 
ATOM   951  N N     . LEU A 1 134 ? 7.073   -1.276  -3.733  1.00 11.95 ? 134 LEU A N     1 
ATOM   952  C CA    . LEU A 1 134 ? 6.271   -1.994  -4.710  1.00 11.80 ? 134 LEU A CA    1 
ATOM   953  C C     . LEU A 1 134 ? 6.364   -3.502  -4.490  1.00 12.07 ? 134 LEU A C     1 
ATOM   954  O O     . LEU A 1 134 ? 7.455   -4.063  -4.510  1.00 11.83 ? 134 LEU A O     1 
ATOM   955  C CB    . LEU A 1 134 ? 6.741   -1.683  -6.106  1.00 11.46 ? 134 LEU A CB    1 
ATOM   956  C CG    . LEU A 1 134 ? 6.428   -0.305  -6.660  1.00 11.40 ? 134 LEU A CG    1 
ATOM   957  C CD1   . LEU A 1 134 ? 6.801   -0.302  -8.143  1.00 11.36 ? 134 LEU A CD1   1 
ATOM   958  C CD2   . LEU A 1 134 ? 4.977   0.117   -6.487  1.00 11.38 ? 134 LEU A CD2   1 
ATOM   959  N N     . LEU A 1 135 ? 5.226   -4.150  -4.240  1.00 12.24 ? 135 LEU A N     1 
ATOM   960  C CA    . LEU A 1 135 ? 5.198   -5.606  -4.317  1.00 12.42 ? 135 LEU A CA    1 
ATOM   961  C C     . LEU A 1 135 ? 5.005   -6.038  -5.767  1.00 11.90 ? 135 LEU A C     1 
ATOM   962  O O     . LEU A 1 135 ? 3.936   -5.830  -6.354  1.00 11.22 ? 135 LEU A O     1 
ATOM   963  C CB    . LEU A 1 135 ? 4.164   -6.225  -3.371  1.00 12.55 ? 135 LEU A CB    1 
ATOM   964  C CG    . LEU A 1 135 ? 4.418   -7.739  -3.282  1.00 12.79 ? 135 LEU A CG    1 
ATOM   965  C CD1   . LEU A 1 135 ? 5.571   -8.082  -2.354  1.00 12.79 ? 135 LEU A CD1   1 
ATOM   966  C CD2   . LEU A 1 135 ? 3.163   -8.462  -2.873  1.00 13.25 ? 135 LEU A CD2   1 
ATOM   967  N N     . GLU A 1 136 ? 6.061   -6.641  -6.303  1.00 12.46 ? 136 GLU A N     1 
ATOM   968  C CA    . GLU A 1 136 ? 6.165   -7.011  -7.706  1.00 13.41 ? 136 GLU A CA    1 
ATOM   969  C C     . GLU A 1 136 ? 5.461   -8.352  -7.923  1.00 13.58 ? 136 GLU A C     1 
ATOM   970  O O     . GLU A 1 136 ? 5.692   -9.338  -7.217  1.00 13.68 ? 136 GLU A O     1 
ATOM   971  C CB    . GLU A 1 136 ? 7.616   -7.089  -8.181  1.00 14.39 ? 136 GLU A CB    1 
ATOM   972  C CG    . GLU A 1 136 ? 8.525   -5.934  -7.750  1.00 15.99 ? 136 GLU A CG    1 
ATOM   973  C CD    . GLU A 1 136 ? 9.954   -6.011  -8.304  1.00 16.53 ? 136 GLU A CD    1 
ATOM   974  O OE1   . GLU A 1 136 ? 10.914  -6.261  -7.561  1.00 19.33 ? 136 GLU A OE1   1 
ATOM   975  O OE2   . GLU A 1 136 ? 10.155  -5.794  -9.493  1.00 17.69 ? 136 GLU A OE2   1 
ATOM   976  N N     . VAL A 1 137 ? 4.564   -8.370  -8.891  1.00 13.64 ? 137 VAL A N     1 
ATOM   977  C CA    . VAL A 1 137 ? 3.835   -9.570  -9.200  1.00 14.61 ? 137 VAL A CA    1 
ATOM   978  C C     . VAL A 1 137 ? 4.052   -9.786  -10.646 1.00 15.22 ? 137 VAL A C     1 
ATOM   979  O O     . VAL A 1 137 ? 3.643   -8.974  -11.459 1.00 15.10 ? 137 VAL A O     1 
ATOM   980  C CB    . VAL A 1 137 ? 2.355   -9.446  -8.850  1.00 14.40 ? 137 VAL A CB    1 
ATOM   981  C CG1   . VAL A 1 137 ? 1.641   -10.770 -9.074  1.00 14.87 ? 137 VAL A CG1   1 
ATOM   982  C CG2   . VAL A 1 137 ? 2.246   -9.014  -7.392  1.00 14.22 ? 137 VAL A CG2   1 
ATOM   983  N N     . ASN A 1 138 ? 4.749   -10.870 -10.959 1.00 17.07 ? 138 ASN A N     1 
ATOM   984  C CA    . ASN A 1 138 ? 5.229   -11.112 -12.321 1.00 18.76 ? 138 ASN A CA    1 
ATOM   985  C C     . ASN A 1 138 ? 5.945   -9.869  -12.837 1.00 17.77 ? 138 ASN A C     1 
ATOM   986  O O     . ASN A 1 138 ? 6.794   -9.323  -12.099 1.00 18.90 ? 138 ASN A O     1 
ATOM   987  C CB    . ASN A 1 138 ? 4.067   -11.627 -13.171 1.00 20.64 ? 138 ASN A CB    1 
ATOM   988  C CG    . ASN A 1 138 ? 3.642   -13.014 -12.733 1.00 22.64 ? 138 ASN A CG    1 
ATOM   989  O OD1   . ASN A 1 138 ? 2.495   -13.408 -12.884 1.00 30.13 ? 138 ASN A OD1   1 
ATOM   990  N ND2   . ASN A 1 138 ? 4.568   -13.754 -12.156 1.00 22.51 ? 138 ASN A ND2   1 
ATOM   991  N N     . GLY A 1 139 ? 5.629   -9.398  -14.034 1.00 16.92 ? 139 GLY A N     1 
ATOM   992  C CA    . GLY A 1 139 ? 6.262   -8.176  -14.538 1.00 15.94 ? 139 GLY A CA    1 
ATOM   993  C C     . GLY A 1 139 ? 5.285   -7.021  -14.567 1.00 14.66 ? 139 GLY A C     1 
ATOM   994  O O     . GLY A 1 139 ? 5.424   -6.099  -15.374 1.00 15.07 ? 139 GLY A O     1 
ATOM   995  N N     . PHE A 1 140 ? 4.316   -7.046  -13.657 1.00 13.38 ? 140 PHE A N     1 
ATOM   996  C CA    . PHE A 1 140 ? 3.272   -6.045  -13.632 1.00 12.48 ? 140 PHE A CA    1 
ATOM   997  C C     . PHE A 1 140 ? 3.856   -4.637  -13.614 1.00 12.35 ? 140 PHE A C     1 
ATOM   998  O O     . PHE A 1 140 ? 3.492   -3.824  -14.436 1.00 12.55 ? 140 PHE A O     1 
ATOM   999  C CB    . PHE A 1 140 ? 2.375   -6.253  -12.435 1.00 12.01 ? 140 PHE A CB    1 
ATOM   1000 C CG    . PHE A 1 140 ? 1.171   -5.341  -12.407 1.00 11.86 ? 140 PHE A CG    1 
ATOM   1001 C CD1   . PHE A 1 140 ? 0.047   -5.636  -13.167 1.00 11.76 ? 140 PHE A CD1   1 
ATOM   1002 C CD2   . PHE A 1 140 ? 1.178   -4.196  -11.611 1.00 11.83 ? 140 PHE A CD2   1 
ATOM   1003 C CE1   . PHE A 1 140 ? -1.065  -4.811  -13.148 1.00 12.42 ? 140 PHE A CE1   1 
ATOM   1004 C CE2   . PHE A 1 140 ? 0.091   -3.339  -11.592 1.00 12.22 ? 140 PHE A CE2   1 
ATOM   1005 C CZ    . PHE A 1 140 ? -1.051  -3.650  -12.352 1.00 12.50 ? 140 PHE A CZ    1 
ATOM   1006 N N     . TYR A 1 141 ? 4.769   -4.383  -12.686 1.00 11.67 ? 141 TYR A N     1 
ATOM   1007 C CA    . TYR A 1 141 ? 5.323   -3.078  -12.466 1.00 11.59 ? 141 TYR A CA    1 
ATOM   1008 C C     . TYR A 1 141 ? 6.580   -2.788  -13.274 1.00 11.98 ? 141 TYR A C     1 
ATOM   1009 O O     . TYR A 1 141 ? 7.082   -1.669  -13.200 1.00 11.46 ? 141 TYR A O     1 
ATOM   1010 C CB    . TYR A 1 141 ? 5.598   -2.868  -10.964 1.00 11.82 ? 141 TYR A CB    1 
ATOM   1011 C CG    . TYR A 1 141 ? 4.363   -2.427  -10.137 1.00 11.80 ? 141 TYR A CG    1 
ATOM   1012 C CD1   . TYR A 1 141 ? 3.704   -1.247  -10.437 1.00 11.58 ? 141 TYR A CD1   1 
ATOM   1013 C CD2   . TYR A 1 141 ? 3.887   -3.184  -9.041  1.00 11.63 ? 141 TYR A CD2   1 
ATOM   1014 C CE1   . TYR A 1 141 ? 2.586   -0.823  -9.701  1.00 11.94 ? 141 TYR A CE1   1 
ATOM   1015 C CE2   . TYR A 1 141 ? 2.749   -2.769  -8.299  1.00 11.56 ? 141 TYR A CE2   1 
ATOM   1016 C CZ    . TYR A 1 141 ? 2.099   -1.574  -8.628  1.00 12.16 ? 141 TYR A CZ    1 
ATOM   1017 O OH    . TYR A 1 141 ? 0.930   -1.071  -7.935  1.00 13.34 ? 141 TYR A OH    1 
ATOM   1018 N N     . ASP A 1 142 ? 7.098   -3.770  -14.036 1.00 12.42 ? 142 ASP A N     1 
ATOM   1019 C CA    . ASP A 1 142 ? 8.318   -3.560  -14.853 1.00 12.61 ? 142 ASP A CA    1 
ATOM   1020 C C     . ASP A 1 142 ? 8.318   -2.263  -15.685 1.00 11.62 ? 142 ASP A C     1 
ATOM   1021 O O     . ASP A 1 142 ? 9.295   -1.517  -15.639 1.00 11.64 ? 142 ASP A O     1 
ATOM   1022 C CB    . ASP A 1 142 ? 8.598   -4.757  -15.798 1.00 13.71 ? 142 ASP A CB    1 
ATOM   1023 C CG    . ASP A 1 142 ? 9.123   -5.987  -15.058 1.00 14.90 ? 142 ASP A CG    1 
ATOM   1024 O OD1   . ASP A 1 142 ? 9.332   -5.883  -13.833 1.00 15.74 ? 142 ASP A OD1   1 
ATOM   1025 O OD2   . ASP A 1 142 ? 9.301   -7.051  -15.689 1.00 14.73 ? 142 ASP A OD2   1 
ATOM   1026 N N     . PRO A 1 143 ? 7.253   -2.012  -16.458 1.00 10.60 ? 143 PRO A N     1 
ATOM   1027 C CA    . PRO A 1 143 ? 7.304   -0.785  -17.239 1.00 10.70 ? 143 PRO A CA    1 
ATOM   1028 C C     . PRO A 1 143 ? 7.201   0.489   -16.402 1.00 10.58 ? 143 PRO A C     1 
ATOM   1029 O O     . PRO A 1 143 ? 7.731   1.525   -16.807 1.00 10.56 ? 143 PRO A O     1 
ATOM   1030 C CB    . PRO A 1 143 ? 6.135   -0.928  -18.253 1.00 10.41 ? 143 PRO A CB    1 
ATOM   1031 C CG    . PRO A 1 143 ? 5.249   -1.951  -17.685 1.00 10.62 ? 143 PRO A CG    1 
ATOM   1032 C CD    . PRO A 1 143 ? 6.130   -2.867  -16.865 1.00 10.61 ? 143 PRO A CD    1 
ATOM   1033 N N     . LEU A 1 144 ? 6.550   0.429   -15.248 1.00 11.10 ? 144 LEU A N     1 
ATOM   1034 C CA    . LEU A 1 144 ? 6.511   1.582   -14.343 1.00 11.55 ? 144 LEU A CA    1 
ATOM   1035 C C     . LEU A 1 144 ? 7.909   1.865   -13.808 1.00 12.69 ? 144 LEU A C     1 
ATOM   1036 O O     . LEU A 1 144 ? 8.324   3.045   -13.684 1.00 12.68 ? 144 LEU A O     1 
ATOM   1037 C CB    . LEU A 1 144 ? 5.543   1.378   -13.166 1.00 11.63 ? 144 LEU A CB    1 
ATOM   1038 C CG    . LEU A 1 144 ? 5.432   2.611   -12.228 1.00 11.64 ? 144 LEU A CG    1 
ATOM   1039 C CD1   . LEU A 1 144 ? 4.909   3.812   -13.002 1.00 11.79 ? 144 LEU A CD1   1 
ATOM   1040 C CD2   . LEU A 1 144 ? 4.605   2.406   -10.960 1.00 11.47 ? 144 LEU A CD2   1 
ATOM   1041 N N     . LEU A 1 145 ? 8.640   0.803   -13.464 1.00 13.50 ? 145 LEU A N     1 
ATOM   1042 C CA    . LEU A 1 145 ? 9.960   0.997   -12.879 1.00 14.34 ? 145 LEU A CA    1 
ATOM   1043 C C     . LEU A 1 145 ? 10.887  1.553   -13.950 1.00 14.30 ? 145 LEU A C     1 
ATOM   1044 O O     . LEU A 1 145 ? 11.750  2.402   -13.652 1.00 14.94 ? 145 LEU A O     1 
ATOM   1045 C CB    . LEU A 1 145 ? 10.536  -0.306  -12.289 1.00 15.19 ? 145 LEU A CB    1 
ATOM   1046 C CG    . LEU A 1 145 ? 9.834   -0.709  -10.988 1.00 15.63 ? 145 LEU A CG    1 
ATOM   1047 C CD1   . LEU A 1 145 ? 9.999   -2.188  -10.705 1.00 16.01 ? 145 LEU A CD1   1 
ATOM   1048 C CD2   . LEU A 1 145 ? 10.372  0.093   -9.803  1.00 16.10 ? 145 LEU A CD2   1 
ATOM   1049 N N     . THR A 1 146 ? 10.741  1.042   -15.172 1.00 13.02 ? 146 THR A N     1 
ATOM   1050 C CA    . THR A 1 146 ? 11.514  1.534   -16.288 1.00 12.75 ? 146 THR A CA    1 
ATOM   1051 C C     . THR A 1 146 ? 11.289  3.061   -16.461 1.00 12.49 ? 146 THR A C     1 
ATOM   1052 O O     . THR A 1 146 ? 12.244  3.813   -16.643 1.00 11.04 ? 146 THR A O     1 
ATOM   1053 C CB    . THR A 1 146 ? 11.121  0.785   -17.576 1.00 12.97 ? 146 THR A CB    1 
ATOM   1054 O OG1   . THR A 1 146 ? 11.462  -0.590  -17.430 1.00 12.88 ? 146 THR A OG1   1 
ATOM   1055 C CG2   . THR A 1 146 ? 11.792  1.355   -18.852 1.00 12.65 ? 146 THR A CG2   1 
ATOM   1056 N N     . PHE A 1 147 ? 10.020  3.478   -16.366 1.00 12.35 ? 147 PHE A N     1 
ATOM   1057 C CA    . PHE A 1 147 ? 9.642   4.885   -16.480 1.00 12.08 ? 147 PHE A CA    1 
ATOM   1058 C C     . PHE A 1 147 ? 10.206  5.723   -15.334 1.00 12.42 ? 147 PHE A C     1 
ATOM   1059 O O     . PHE A 1 147 ? 10.782  6.784   -15.564 1.00 11.99 ? 147 PHE A O     1 
ATOM   1060 C CB    . PHE A 1 147 ? 8.113   4.999   -16.583 1.00 12.21 ? 147 PHE A CB    1 
ATOM   1061 C CG    . PHE A 1 147 ? 7.619   6.388   -16.653 1.00 11.40 ? 147 PHE A CG    1 
ATOM   1062 C CD1   . PHE A 1 147 ? 8.069   7.237   -17.642 1.00 11.42 ? 147 PHE A CD1   1 
ATOM   1063 C CD2   . PHE A 1 147 ? 6.732   6.859   -15.709 1.00 11.26 ? 147 PHE A CD2   1 
ATOM   1064 C CE1   . PHE A 1 147 ? 7.639   8.547   -17.700 1.00 10.91 ? 147 PHE A CE1   1 
ATOM   1065 C CE2   . PHE A 1 147 ? 6.293   8.168   -15.758 1.00 11.55 ? 147 PHE A CE2   1 
ATOM   1066 C CZ    . PHE A 1 147 ? 6.765   9.023   -16.758 1.00 11.04 ? 147 PHE A CZ    1 
ATOM   1067 N N     . LEU A 1 148 ? 10.101  5.230   -14.115 1.00 12.91 ? 148 LEU A N     1 
ATOM   1068 C CA    . LEU A 1 148 ? 10.596  5.976   -12.963 1.00 13.67 ? 148 LEU A CA    1 
ATOM   1069 C C     . LEU A 1 148 ? 12.112  6.147   -12.987 1.00 14.13 ? 148 LEU A C     1 
ATOM   1070 O O     . LEU A 1 148 ? 12.643  7.172   -12.568 1.00 12.78 ? 148 LEU A O     1 
ATOM   1071 C CB    . LEU A 1 148 ? 10.174  5.319   -11.646 1.00 14.32 ? 148 LEU A CB    1 
ATOM   1072 C CG    . LEU A 1 148 ? 8.664   5.223   -11.367 1.00 15.29 ? 148 LEU A CG    1 
ATOM   1073 C CD1   . LEU A 1 148 ? 8.388   4.227   -10.245 1.00 15.80 ? 148 LEU A CD1   1 
ATOM   1074 C CD2   . LEU A 1 148 ? 8.072   6.574   -11.033 1.00 15.62 ? 148 LEU A CD2   1 
ATOM   1075 N N     . ASP A 1 149 ? 12.804  5.140   -13.487 1.00 16.09 ? 149 ASP A N     1 
ATOM   1076 C CA    . ASP A 1 149 ? 14.248  5.222   -13.610 1.00 17.59 ? 149 ASP A CA    1 
ATOM   1077 C C     . ASP A 1 149 ? 14.647  6.212   -14.656 1.00 18.47 ? 149 ASP A C     1 
ATOM   1078 O O     . ASP A 1 149 ? 15.550  7.006   -14.404 1.00 20.39 ? 149 ASP A O     1 
ATOM   1079 C CB    . ASP A 1 149 ? 14.819  3.873   -13.917 1.00 18.45 ? 149 ASP A CB    1 
ATOM   1080 C CG    . ASP A 1 149 ? 14.740  2.949   -12.731 1.00 20.02 ? 149 ASP A CG    1 
ATOM   1081 O OD1   . ASP A 1 149 ? 14.436  3.397   -11.578 1.00 20.77 ? 149 ASP A OD1   1 
ATOM   1082 O OD2   . ASP A 1 149 ? 14.993  1.768   -12.976 1.00 21.60 ? 149 ASP A OD2   1 
ATOM   1083 N N     . HIS A 1 150 ? 13.946  6.190   -15.788 1.00 18.24 ? 150 HIS A N     1 
ATOM   1084 C CA    . HIS A 1 150 ? 14.044  7.255   -16.797 1.00 20.38 ? 150 HIS A CA    1 
ATOM   1085 C C     . HIS A 1 150 ? 13.860  8.697   -16.260 1.00 18.64 ? 150 HIS A C     1 
ATOM   1086 O O     . HIS A 1 150 ? 14.540  9.619   -16.708 1.00 18.11 ? 150 HIS A O     1 
ATOM   1087 C CB    . HIS A 1 150 ? 13.030  7.021   -17.924 1.00 21.75 ? 150 HIS A CB    1 
ATOM   1088 C CG    . HIS A 1 150 ? 13.349  7.764   -19.176 1.00 25.78 ? 150 HIS A CG    1 
ATOM   1089 N ND1   . HIS A 1 150 ? 14.552  7.616   -19.842 1.00 28.95 ? 150 HIS A ND1   1 
ATOM   1090 C CD2   . HIS A 1 150 ? 12.618  8.641   -19.909 1.00 27.74 ? 150 HIS A CD2   1 
ATOM   1091 C CE1   . HIS A 1 150 ? 14.544  8.365   -20.937 1.00 29.39 ? 150 HIS A CE1   1 
ATOM   1092 N NE2   . HIS A 1 150 ? 13.389  9.007   -20.994 1.00 29.08 ? 150 HIS A NE2   1 
ATOM   1093 N N     . LEU A 1 151 ? 12.937  8.885   -15.314 1.00 17.20 ? 151 LEU A N     1 
ATOM   1094 C CA    . LEU A 1 151 ? 12.756  10.210  -14.671 1.00 16.28 ? 151 LEU A CA    1 
ATOM   1095 C C     . LEU A 1 151 ? 14.042  10.660  -14.013 1.00 14.48 ? 151 LEU A C     1 
ATOM   1096 O O     . LEU A 1 151 ? 14.380  11.826  -14.104 1.00 13.49 ? 151 LEU A O     1 
ATOM   1097 C CB    . LEU A 1 151 ? 11.629  10.221  -13.625 1.00 16.52 ? 151 LEU A CB    1 
ATOM   1098 C CG    . LEU A 1 151 ? 10.217  9.803   -14.061 1.00 16.12 ? 151 LEU A CG    1 
ATOM   1099 C CD1   . LEU A 1 151 ? 9.238   10.066  -12.968 1.00 15.92 ? 151 LEU A CD1   1 
ATOM   1100 C CD2   . LEU A 1 151 ? 9.803   10.526  -15.328 1.00 16.31 ? 151 LEU A CD2   1 
ATOM   1101 N N     . VAL A 1 152 ? 14.783  9.733   -13.401 1.00 13.49 ? 152 VAL A N     1 
ATOM   1102 C CA    . VAL A 1 152 ? 16.076  10.097  -12.780 1.00 13.33 ? 152 VAL A CA    1 
ATOM   1103 C C     . VAL A 1 152 ? 17.159  10.358  -13.842 1.00 12.93 ? 152 VAL A C     1 
ATOM   1104 O O     . VAL A 1 152 ? 17.944  11.260  -13.695 1.00 12.49 ? 152 VAL A O     1 
ATOM   1105 C CB    . VAL A 1 152 ? 16.587  9.049   -11.769 1.00 13.09 ? 152 VAL A CB    1 
ATOM   1106 C CG1   . VAL A 1 152 ? 17.823  9.569   -11.042 1.00 12.52 ? 152 VAL A CG1   1 
ATOM   1107 C CG2   . VAL A 1 152 ? 15.492  8.674   -10.790 1.00 13.24 ? 152 VAL A CG2   1 
ATOM   1108 N N     . ASP A 1 153 ? 17.193  9.564   -14.898 1.00 13.30 ? 153 ASP A N     1 
ATOM   1109 C CA    . ASP A 1 153 ? 18.169  9.767   -15.997 1.00 14.27 ? 153 ASP A CA    1 
ATOM   1110 C C     . ASP A 1 153 ? 17.933  11.109  -16.611 1.00 13.98 ? 153 ASP A C     1 
ATOM   1111 O O     . ASP A 1 153 ? 18.846  11.882  -16.771 1.00 15.53 ? 153 ASP A O     1 
ATOM   1112 C CB    . ASP A 1 153 ? 18.085  8.648   -17.065 1.00 13.84 ? 153 ASP A CB    1 
ATOM   1113 C CG    . ASP A 1 153 ? 18.524  7.292   -16.521 1.00 13.84 ? 153 ASP A CG    1 
ATOM   1114 O OD1   . ASP A 1 153 ? 19.244  7.281   -15.534 1.00 13.58 ? 153 ASP A OD1   1 
ATOM   1115 O OD2   . ASP A 1 153 ? 18.137  6.216   -17.034 1.00 14.26 ? 153 ASP A OD2   1 
ATOM   1116 N N     . GLU A 1 154 ? 16.687  11.439  -16.847 1.00 14.06 ? 154 GLU A N     1 
ATOM   1117 C CA    . GLU A 1 154 ? 16.380  12.699  -17.482 1.00 14.56 ? 154 GLU A CA    1 
ATOM   1118 C C     . GLU A 1 154 ? 16.354  13.861  -16.507 1.00 13.89 ? 154 GLU A C     1 
ATOM   1119 O O     . GLU A 1 154 ? 16.046  14.973  -16.904 1.00 12.89 ? 154 GLU A O     1 
ATOM   1120 C CB    . GLU A 1 154 ? 15.101  12.581  -18.306 1.00 15.09 ? 154 GLU A CB    1 
ATOM   1121 C CG    . GLU A 1 154 ? 15.170  11.522  -19.394 1.00 16.26 ? 154 GLU A CG    1 
ATOM   1122 C CD    . GLU A 1 154 ? 16.316  11.733  -20.374 1.00 17.49 ? 154 GLU A CD    1 
ATOM   1123 O OE1   . GLU A 1 154 ? 17.190  10.809  -20.482 1.00 17.68 ? 154 GLU A OE1   1 
ATOM   1124 O OE2   . GLU A 1 154 ? 16.323  12.820  -21.021 1.00 17.90 ? 154 GLU A OE2   1 
ATOM   1125 N N     . ARG A 1 155 ? 16.735  13.614  -15.252 1.00 14.34 ? 155 ARG A N     1 
ATOM   1126 C CA    . ARG A 1 155 ? 16.879  14.656  -14.213 1.00 14.95 ? 155 ARG A CA    1 
ATOM   1127 C C     . ARG A 1 155 ? 15.565  15.422  -13.853 1.00 13.81 ? 155 ARG A C     1 
ATOM   1128 O O     . ARG A 1 155 ? 15.574  16.656  -13.637 1.00 14.06 ? 155 ARG A O     1 
ATOM   1129 C CB    . ARG A 1 155 ? 18.038  15.622  -14.547 1.00 16.21 ? 155 ARG A CB    1 
ATOM   1130 C CG    . ARG A 1 155 ? 19.394  14.952  -14.795 1.00 17.86 ? 155 ARG A CG    1 
ATOM   1131 C CD    . ARG A 1 155 ? 20.508  15.981  -14.956 1.00 18.76 ? 155 ARG A CD    1 
ATOM   1132 N NE    . ARG A 1 155 ? 20.690  16.788  -13.736 1.00 20.79 ? 155 ARG A NE    1 
ATOM   1133 C CZ    . ARG A 1 155 ? 21.314  16.374  -12.634 1.00 22.90 ? 155 ARG A CZ    1 
ATOM   1134 N NH1   . ARG A 1 155 ? 21.862  15.157  -12.583 1.00 25.24 ? 155 ARG A NH1   1 
ATOM   1135 N NH2   . ARG A 1 155 ? 21.392  17.166  -11.566 1.00 22.23 ? 155 ARG A NH2   1 
ATOM   1136 N N     . PHE A 1 156 ? 14.453  14.685  -13.791 1.00 12.29 ? 156 PHE A N     1 
ATOM   1137 C CA    . PHE A 1 156 ? 13.192  15.216  -13.305 1.00 11.94 ? 156 PHE A CA    1 
ATOM   1138 C C     . PHE A 1 156 ? 12.940  14.813  -11.880 1.00 11.98 ? 156 PHE A C     1 
ATOM   1139 O O     . PHE A 1 156 ? 12.104  15.409  -11.207 1.00 11.76 ? 156 PHE A O     1 
ATOM   1140 C CB    . PHE A 1 156 ? 12.007  14.809  -14.189 1.00 11.93 ? 156 PHE A CB    1 
ATOM   1141 C CG    . PHE A 1 156 ? 11.961  15.535  -15.516 1.00 12.10 ? 156 PHE A CG    1 
ATOM   1142 C CD1   . PHE A 1 156 ? 11.735  16.904  -15.568 1.00 12.17 ? 156 PHE A CD1   1 
ATOM   1143 C CD2   . PHE A 1 156 ? 12.184  14.851  -16.707 1.00 11.97 ? 156 PHE A CD2   1 
ATOM   1144 C CE1   . PHE A 1 156 ? 11.721  17.568  -16.794 1.00 12.33 ? 156 PHE A CE1   1 
ATOM   1145 C CE2   . PHE A 1 156 ? 12.178  15.504  -17.925 1.00 11.90 ? 156 PHE A CE2   1 
ATOM   1146 C CZ    . PHE A 1 156 ? 11.947  16.862  -17.977 1.00 11.90 ? 156 PHE A CZ    1 
ATOM   1147 N N     . VAL A 1 157 ? 13.669  13.818  -11.424 1.00 12.19 ? 157 VAL A N     1 
ATOM   1148 C CA    . VAL A 1 157 ? 13.576  13.307  -10.075 1.00 12.85 ? 157 VAL A CA    1 
ATOM   1149 C C     . VAL A 1 157 ? 15.021  13.101  -9.544  1.00 13.31 ? 157 VAL A C     1 
ATOM   1150 O O     . VAL A 1 157 ? 15.833  12.461  -10.189 1.00 13.10 ? 157 VAL A O     1 
ATOM   1151 C CB    . VAL A 1 157 ? 12.768  11.966  -10.069 1.00 12.31 ? 157 VAL A CB    1 
ATOM   1152 C CG1   . VAL A 1 157 ? 12.717  11.346  -8.685  1.00 12.25 ? 157 VAL A CG1   1 
ATOM   1153 C CG2   . VAL A 1 157 ? 11.341  12.168  -10.626 1.00 12.74 ? 157 VAL A CG2   1 
ATOM   1154 N N     . ARG A 1 158 ? 15.334  13.675  -8.389  1.00 14.32 ? 158 ARG A N     1 
ATOM   1155 C CA    . ARG A 1 158 ? 16.608  13.400  -7.690  1.00 15.24 ? 158 ARG A CA    1 
ATOM   1156 C C     . ARG A 1 158 ? 16.718  11.933  -7.204  1.00 15.59 ? 158 ARG A C     1 
ATOM   1157 O O     . ARG A 1 158 ? 15.697  11.308  -6.864  1.00 15.02 ? 158 ARG A O     1 
ATOM   1158 C CB    . ARG A 1 158 ? 16.739  14.310  -6.475  1.00 16.46 ? 158 ARG A CB    1 
ATOM   1159 C CG    . ARG A 1 158 ? 16.875  15.780  -6.819  1.00 16.82 ? 158 ARG A CG    1 
ATOM   1160 C CD    . ARG A 1 158 ? 16.857  16.616  -5.565  1.00 18.07 ? 158 ARG A CD    1 
ATOM   1161 N NE    . ARG A 1 158 ? 16.910  18.010  -5.936  1.00 20.12 ? 158 ARG A NE    1 
ATOM   1162 C CZ    . ARG A 1 158 ? 17.999  18.658  -6.385  1.00 20.61 ? 158 ARG A CZ    1 
ATOM   1163 N NH1   . ARG A 1 158 ? 19.176  18.054  -6.511  1.00 19.23 ? 158 ARG A NH1   1 
ATOM   1164 N NH2   . ARG A 1 158 ? 17.904  19.945  -6.715  1.00 20.95 ? 158 ARG A NH2   1 
ATOM   1165 N N     . ALA A 1 159 ? 17.953  11.430  -7.136  1.00 15.01 ? 159 ALA A N     1 
ATOM   1166 C CA    . ALA A 1 159 ? 18.241  10.018  -6.846  1.00 14.90 ? 159 ALA A CA    1 
ATOM   1167 C C     . ALA A 1 159 ? 17.698  9.666   -5.481  1.00 14.53 ? 159 ALA A C     1 
ATOM   1168 O O     . ALA A 1 159 ? 16.977  8.670   -5.304  1.00 13.74 ? 159 ALA A O     1 
ATOM   1169 C CB    . ALA A 1 159 ? 19.750  9.728   -6.939  1.00 14.16 ? 159 ALA A CB    1 
ATOM   1170 N N     . GLU A 1 160 ? 17.946  10.546  -4.534  1.00 15.14 ? 160 GLU A N     1 
ATOM   1171 C CA    . GLU A 1 160 ? 17.434  10.342  -3.181  1.00 16.21 ? 160 GLU A CA    1 
ATOM   1172 C C     . GLU A 1 160 ? 15.893  10.313  -3.118  1.00 15.04 ? 160 GLU A C     1 
ATOM   1173 O O     . GLU A 1 160 ? 15.316  9.614   -2.296  1.00 14.08 ? 160 GLU A O     1 
ATOM   1174 C CB    . GLU A 1 160 ? 18.032  11.349  -2.208  1.00 18.56 ? 160 GLU A CB    1 
ATOM   1175 C CG    . GLU A 1 160 ? 17.659  12.788  -2.472  1.00 21.67 ? 160 GLU A CG    1 
ATOM   1176 C CD    . GLU A 1 160 ? 18.686  13.575  -3.275  1.00 26.49 ? 160 GLU A CD    1 
ATOM   1177 O OE1   . GLU A 1 160 ? 19.324  13.051  -4.242  1.00 26.37 ? 160 GLU A OE1   1 
ATOM   1178 O OE2   . GLU A 1 160 ? 18.831  14.773  -2.929  1.00 33.72 ? 160 GLU A OE2   1 
ATOM   1179 N N     . HIS A 1 161 ? 15.205  11.049  -3.988  1.00 14.13 ? 161 HIS A N     1 
ATOM   1180 C CA    . HIS A 1 161 ? 13.734  10.888  -4.066  1.00 13.24 ? 161 HIS A CA    1 
ATOM   1181 C C     . HIS A 1 161 ? 13.311  9.564   -4.700  1.00 12.73 ? 161 HIS A C     1 
ATOM   1182 O O     . HIS A 1 161 ? 12.462  8.879   -4.159  1.00 13.33 ? 161 HIS A O     1 
ATOM   1183 C CB    . HIS A 1 161 ? 13.082  12.102  -4.686  1.00 13.29 ? 161 HIS A CB    1 
ATOM   1184 C CG    . HIS A 1 161 ? 13.326  13.334  -3.894  1.00 13.81 ? 161 HIS A CG    1 
ATOM   1185 N ND1   . HIS A 1 161 ? 13.489  14.571  -4.468  1.00 15.17 ? 161 HIS A ND1   1 
ATOM   1186 C CD2   . HIS A 1 161 ? 13.468  13.514  -2.555  1.00 14.61 ? 161 HIS A CD2   1 
ATOM   1187 C CE1   . HIS A 1 161 ? 13.728  15.466  -3.515  1.00 15.31 ? 161 HIS A CE1   1 
ATOM   1188 N NE2   . HIS A 1 161 ? 13.724  14.849  -2.346  1.00 15.02 ? 161 HIS A NE2   1 
ATOM   1189 N N     . ARG A 1 162 ? 13.957  9.165   -5.785  1.00 12.18 ? 162 ARG A N     1 
ATOM   1190 C CA    . ARG A 1 162 ? 13.778  7.829   -6.346  1.00 12.12 ? 162 ARG A CA    1 
ATOM   1191 C C     . ARG A 1 162 ? 13.962  6.678   -5.326  1.00 11.95 ? 162 ARG A C     1 
ATOM   1192 O O     . ARG A 1 162 ? 13.205  5.686   -5.358  1.00 10.80 ? 162 ARG A O     1 
ATOM   1193 C CB    . ARG A 1 162 ? 14.749  7.622   -7.515  1.00 12.22 ? 162 ARG A CB    1 
ATOM   1194 C CG    . ARG A 1 162 ? 14.733  6.234   -8.117  1.00 12.40 ? 162 ARG A CG    1 
ATOM   1195 C CD    . ARG A 1 162 ? 13.331  5.931   -8.596  1.00 12.93 ? 162 ARG A CD    1 
ATOM   1196 N NE    . ARG A 1 162 ? 13.186  4.579   -9.107  1.00 13.56 ? 162 ARG A NE    1 
ATOM   1197 C CZ    . ARG A 1 162 ? 12.966  3.503   -8.366  1.00 13.81 ? 162 ARG A CZ    1 
ATOM   1198 N NH1   . ARG A 1 162 ? 12.899  3.567   -7.039  1.00 14.15 ? 162 ARG A NH1   1 
ATOM   1199 N NH2   . ARG A 1 162 ? 12.814  2.341   -8.977  1.00 14.23 ? 162 ARG A NH2   1 
ATOM   1200 N N     . GLY A 1 163 ? 14.962  6.843   -4.450  1.00 11.92 ? 163 GLY A N     1 
ATOM   1201 C CA    . GLY A 1 163 ? 15.346  5.816   -3.513  1.00 12.59 ? 163 GLY A CA    1 
ATOM   1202 C C     . GLY A 1 163 ? 14.365  5.614   -2.375  1.00 12.90 ? 163 GLY A C     1 
ATOM   1203 O O     . GLY A 1 163 ? 14.486  4.642   -1.666  1.00 12.97 ? 163 GLY A O     1 
ATOM   1204 N N     . MET A 1 164 ? 13.383  6.507   -2.216  1.00 13.31 ? 164 MET A N     1 
ATOM   1205 C CA    . MET A 1 164 ? 12.288  6.257   -1.276  1.00 14.16 ? 164 MET A CA    1 
ATOM   1206 C C     . MET A 1 164 ? 11.406  5.081   -1.635  1.00 13.20 ? 164 MET A C     1 
ATOM   1207 O O     . MET A 1 164 ? 10.707  4.614   -0.770  1.00 12.78 ? 164 MET A O     1 
ATOM   1208 C CB    . MET A 1 164 ? 11.399  7.483   -1.076  1.00 15.90 ? 164 MET A CB    1 
ATOM   1209 C CG    . MET A 1 164 ? 12.147  8.698   -0.577  1.00 18.12 ? 164 MET A CG    1 
ATOM   1210 S SD    . MET A 1 164 ? 11.051  10.123  -0.336  1.00 22.93 ? 164 MET A SD    1 
ATOM   1211 C CE    . MET A 1 164 ? 10.192  9.580   1.174   1.00 22.02 ? 164 MET A CE    1 
ATOM   1212 N N     . LEU A 1 165 ? 11.397  4.663   -2.905  1.00 12.92 ? 165 LEU A N     1 
ATOM   1213 C CA    . LEU A 1 165 ? 10.575  3.562   -3.405  1.00 12.60 ? 165 LEU A CA    1 
ATOM   1214 C C     . LEU A 1 165 ? 11.421  2.306   -3.493  1.00 13.22 ? 165 LEU A C     1 
ATOM   1215 O O     . LEU A 1 165 ? 12.279  2.216   -4.322  1.00 13.78 ? 165 LEU A O     1 
ATOM   1216 C CB    . LEU A 1 165 ? 10.027  3.846   -4.799  1.00 12.24 ? 165 LEU A CB    1 
ATOM   1217 C CG    . LEU A 1 165 ? 9.018   2.823   -5.354  1.00 11.91 ? 165 LEU A CG    1 
ATOM   1218 C CD1   . LEU A 1 165 ? 7.752   2.828   -4.539  1.00 11.64 ? 165 LEU A CD1   1 
ATOM   1219 C CD2   . LEU A 1 165 ? 8.614   3.083   -6.807  1.00 12.20 ? 165 LEU A CD2   1 
ATOM   1220 N N     . GLN A 1 166 ? 11.163  1.331   -2.633  1.00 13.64 ? 166 GLN A N     1 
ATOM   1221 C CA    . GLN A 1 166 ? 11.860  0.054   -2.653  1.00 13.90 ? 166 GLN A CA    1 
ATOM   1222 C C     . GLN A 1 166 ? 10.994  -0.862  -3.477  1.00 13.96 ? 166 GLN A C     1 
ATOM   1223 O O     . GLN A 1 166 ? 9.937   -0.481  -3.944  1.00 13.80 ? 166 GLN A O     1 
ATOM   1224 C CB    . GLN A 1 166 ? 12.041  -0.489  -1.248  1.00 13.80 ? 166 GLN A CB    1 
ATOM   1225 C CG    . GLN A 1 166 ? 12.569  0.535   -0.262  1.00 14.57 ? 166 GLN A CG    1 
ATOM   1226 C CD    . GLN A 1 166 ? 13.958  1.032   -0.645  1.00 14.93 ? 166 GLN A CD    1 
ATOM   1227 O OE1   . GLN A 1 166 ? 14.854  0.235   -0.788  1.00 15.37 ? 166 GLN A OE1   1 
ATOM   1228 N NE2   . GLN A 1 166 ? 14.132  2.341   -0.791  1.00 14.72 ? 166 GLN A NE2   1 
ATOM   1229 N N     . ARG A 1 167 ? 11.442  -2.072  -3.679  1.00 15.12 ? 167 ARG A N     1 
ATOM   1230 C CA    . ARG A 1 167 ? 10.678  -3.022  -4.481  1.00 16.90 ? 167 ARG A CA    1 
ATOM   1231 C C     . ARG A 1 167 ? 11.100  -4.470  -4.165  1.00 15.66 ? 167 ARG A C     1 
ATOM   1232 O O     . ARG A 1 167 ? 12.228  -4.711  -3.850  1.00 14.14 ? 167 ARG A O     1 
ATOM   1233 C CB    . ARG A 1 167 ? 10.865  -2.701  -5.970  1.00 18.51 ? 167 ARG A CB    1 
ATOM   1234 C CG    . ARG A 1 167 ? 12.252  -3.017  -6.474  1.00 20.60 ? 167 ARG A CG    1 
ATOM   1235 C CD    . ARG A 1 167 ? 12.504  -2.408  -7.829  1.00 23.76 ? 167 ARG A CD    1 
ATOM   1236 N NE    . ARG A 1 167 ? 13.621  -3.041  -8.520  1.00 26.84 ? 167 ARG A NE    1 
ATOM   1237 C CZ    . ARG A 1 167 ? 13.534  -4.027  -9.413  1.00 30.47 ? 167 ARG A CZ    1 
ATOM   1238 N NH1   . ARG A 1 167 ? 14.638  -4.504  -9.963  1.00 36.34 ? 167 ARG A NH1   1 
ATOM   1239 N NH2   . ARG A 1 167 ? 12.388  -4.577  -9.748  1.00 31.98 ? 167 ARG A NH2   1 
ATOM   1240 N N     . GLY A 1 168 ? 10.179  -5.415  -4.242  1.00 15.27 ? 168 GLY A N     1 
ATOM   1241 C CA    . GLY A 1 168 ? 10.514  -6.813  -4.058  1.00 15.15 ? 168 GLY A CA    1 
ATOM   1242 C C     . GLY A 1 168 ? 9.363   -7.654  -4.533  1.00 15.74 ? 168 GLY A C     1 
ATOM   1243 O O     . GLY A 1 168 ? 8.240   -7.188  -4.540  1.00 16.10 ? 168 GLY A O     1 
ATOM   1244 N N     . ALA A 1 169 ? 9.635   -8.900  -4.921  1.00 16.80 ? 169 ALA A N     1 
ATOM   1245 C CA    . ALA A 1 169 ? 8.561   -9.872  -5.171  1.00 16.89 ? 169 ALA A CA    1 
ATOM   1246 C C     . ALA A 1 169 ? 8.196   -10.716 -3.924  1.00 16.97 ? 169 ALA A C     1 
ATOM   1247 O O     . ALA A 1 169 ? 7.141   -11.330 -3.879  1.00 17.82 ? 169 ALA A O     1 
ATOM   1248 C CB    . ALA A 1 169 ? 8.929   -10.771 -6.338  1.00 16.91 ? 169 ALA A CB    1 
ATOM   1249 N N     . SER A 1 170 ? 9.050   -10.731 -2.910  1.00 16.02 ? 170 SER A N     1 
ATOM   1250 C CA    . SER A 1 170 ? 8.802   -11.482 -1.657  1.00 15.91 ? 170 SER A CA    1 
ATOM   1251 C C     . SER A 1 170 ? 8.268   -10.484 -0.603  1.00 14.72 ? 170 SER A C     1 
ATOM   1252 O O     . SER A 1 170 ? 8.857   -9.445  -0.428  1.00 14.15 ? 170 SER A O     1 
ATOM   1253 C CB    . SER A 1 170 ? 10.116  -12.143 -1.219  1.00 15.14 ? 170 SER A CB    1 
ATOM   1254 O OG    . SER A 1 170 ? 10.270  -12.090 0.166   1.00 15.60 ? 170 SER A OG    1 
ATOM   1255 N N     . PRO A 1 171 ? 7.117   -10.762 0.040   1.00 14.19 ? 171 PRO A N     1 
ATOM   1256 C CA    . PRO A 1 171 ? 6.733   -9.841  1.124   1.00 13.46 ? 171 PRO A CA    1 
ATOM   1257 C C     . PRO A 1 171 ? 7.807   -9.677  2.247   1.00 12.74 ? 171 PRO A C     1 
ATOM   1258 O O     . PRO A 1 171 ? 7.984   -8.582  2.748   1.00 11.49 ? 171 PRO A O     1 
ATOM   1259 C CB    . PRO A 1 171 ? 5.435   -10.474 1.679   1.00 13.51 ? 171 PRO A CB    1 
ATOM   1260 C CG    . PRO A 1 171 ? 4.846   -11.215 0.518   1.00 13.69 ? 171 PRO A CG    1 
ATOM   1261 C CD    . PRO A 1 171 ? 6.056   -11.769 -0.210  1.00 14.46 ? 171 PRO A CD    1 
ATOM   1262 N N     . GLU A 1 172 ? 8.517   -10.741 2.599   1.00 12.56 ? 172 GLU A N     1 
ATOM   1263 C CA    . GLU A 1 172 ? 9.497   -10.671 3.650   1.00 13.92 ? 172 GLU A CA    1 
ATOM   1264 C C     . GLU A 1 172 ? 10.638  -9.741  3.273   1.00 13.34 ? 172 GLU A C     1 
ATOM   1265 O O     . GLU A 1 172 ? 11.002  -8.877  4.064   1.00 13.23 ? 172 GLU A O     1 
ATOM   1266 C CB    . GLU A 1 172 ? 10.050  -12.061 4.020   1.00 15.23 ? 172 GLU A CB    1 
ATOM   1267 C CG    . GLU A 1 172 ? 10.973  -12.083 5.239   1.00 16.87 ? 172 GLU A CG    1 
ATOM   1268 C CD    . GLU A 1 172 ? 11.396  -13.502 5.649   1.00 18.25 ? 172 GLU A CD    1 
ATOM   1269 O OE1   . GLU A 1 172 ? 12.280  -14.069 4.972   1.00 18.88 ? 172 GLU A OE1   1 
ATOM   1270 O OE2   . GLU A 1 172 ? 10.838  -14.051 6.648   1.00 19.86 ? 172 GLU A OE2   1 
ATOM   1271 N N     . ALA A 1 173 ? 11.182  -9.918  2.076   1.00 13.07 ? 173 ALA A N     1 
ATOM   1272 C CA    . ALA A 1 173 ? 12.310  -9.113  1.600   1.00 13.35 ? 173 ALA A CA    1 
ATOM   1273 C C     . ALA A 1 173 ? 11.913  -7.649  1.425   1.00 13.37 ? 173 ALA A C     1 
ATOM   1274 O O     . ALA A 1 173 ? 12.672  -6.790  1.825   1.00 14.25 ? 173 ALA A O     1 
ATOM   1275 C CB    . ALA A 1 173 ? 12.866  -9.667  0.291   1.00 13.38 ? 173 ALA A CB    1 
ATOM   1276 N N     . LEU A 1 174 ? 10.738  -7.357  0.872   1.00 12.54 ? 174 LEU A N     1 
ATOM   1277 C CA    . LEU A 1 174 ? 10.302  -5.971  0.773   1.00 12.96 ? 174 LEU A CA    1 
ATOM   1278 C C     . LEU A 1 174 ? 10.117  -5.286  2.169   1.00 13.66 ? 174 LEU A C     1 
ATOM   1279 O O     . LEU A 1 174 ? 10.495  -4.116  2.350   1.00 12.59 ? 174 LEU A O     1 
ATOM   1280 C CB    . LEU A 1 174 ? 8.970   -5.918  0.007   1.00 13.31 ? 174 LEU A CB    1 
ATOM   1281 C CG    . LEU A 1 174 ? 8.317   -4.534  -0.194  1.00 12.83 ? 174 LEU A CG    1 
ATOM   1282 C CD1   . LEU A 1 174 ? 9.324   -3.622  -0.865  1.00 12.57 ? 174 LEU A CD1   1 
ATOM   1283 C CD2   . LEU A 1 174 ? 7.015   -4.649  -0.990  1.00 12.97 ? 174 LEU A CD2   1 
ATOM   1284 N N     . LEU A 1 175 ? 9.525   -6.015  3.136   1.00 13.96 ? 175 LEU A N     1 
ATOM   1285 C CA    . LEU A 1 175 ? 9.307   -5.463  4.470   1.00 15.20 ? 175 LEU A CA    1 
ATOM   1286 C C     . LEU A 1 175 ? 10.631  -5.194  5.193   1.00 14.76 ? 175 LEU A C     1 
ATOM   1287 O O     . LEU A 1 175 ? 10.761  -4.222  5.924   1.00 14.02 ? 175 LEU A O     1 
ATOM   1288 C CB    . LEU A 1 175 ? 8.393   -6.362  5.329   1.00 16.03 ? 175 LEU A CB    1 
ATOM   1289 C CG    . LEU A 1 175 ? 6.893   -6.012  5.360   1.00 17.20 ? 175 LEU A CG    1 
ATOM   1290 C CD1   . LEU A 1 175 ? 6.599   -4.647  5.966   1.00 17.46 ? 175 LEU A CD1   1 
ATOM   1291 C CD2   . LEU A 1 175 ? 6.270   -6.049  3.985   1.00 18.33 ? 175 LEU A CD2   1 
ATOM   1292 N N     . ASP A 1 176 ? 11.602  -6.063  4.967   1.00 15.99 ? 176 ASP A N     1 
ATOM   1293 C CA    . ASP A 1 176 ? 12.975  -5.862  5.443   1.00 16.96 ? 176 ASP A CA    1 
ATOM   1294 C C     . ASP A 1 176 ? 13.598  -4.598  4.836   1.00 16.64 ? 176 ASP A C     1 
ATOM   1295 O O     . ASP A 1 176 ? 14.325  -3.925  5.514   1.00 18.39 ? 176 ASP A O     1 
ATOM   1296 C CB    . ASP A 1 176 ? 13.883  -7.072  5.083   1.00 17.99 ? 176 ASP A CB    1 
ATOM   1297 C CG    . ASP A 1 176 ? 13.553  -8.346  5.875   1.00 20.23 ? 176 ASP A CG    1 
ATOM   1298 O OD1   . ASP A 1 176 ? 12.775  -8.295  6.863   1.00 21.33 ? 176 ASP A OD1   1 
ATOM   1299 O OD2   . ASP A 1 176 ? 14.112  -9.420  5.512   1.00 23.24 ? 176 ASP A OD2   1 
ATOM   1300 N N     . ALA A 1 177 ? 13.382  -4.344  3.539   1.00 15.36 ? 177 ALA A N     1 
ATOM   1301 C CA    . ALA A 1 177 ? 13.924  -3.170  2.854   1.00 14.70 ? 177 ALA A CA    1 
ATOM   1302 C C     . ALA A 1 177 ? 13.267  -1.871  3.403   1.00 14.00 ? 177 ALA A C     1 
ATOM   1303 O O     . ALA A 1 177 ? 13.927  -0.856  3.598   1.00 13.20 ? 177 ALA A O     1 
ATOM   1304 C CB    . ALA A 1 177 ? 13.738  -3.292  1.339   1.00 14.31 ? 177 ALA A CB    1 
ATOM   1305 N N     . LEU A 1 178 ? 11.966  -1.945  3.658   1.00 13.41 ? 178 LEU A N     1 
ATOM   1306 C CA    . LEU A 1 178 ? 11.227  -0.833  4.198   1.00 12.70 ? 178 LEU A CA    1 
ATOM   1307 C C     . LEU A 1 178 ? 11.651  -0.549  5.604   1.00 13.09 ? 178 LEU A C     1 
ATOM   1308 O O     . LEU A 1 178 ? 11.815  0.622   5.955   1.00 12.07 ? 178 LEU A O     1 
ATOM   1309 C CB    . LEU A 1 178 ? 9.734   -1.117  4.145   1.00 12.53 ? 178 LEU A CB    1 
ATOM   1310 C CG    . LEU A 1 178 ? 9.110   -1.205  2.748   1.00 12.53 ? 178 LEU A CG    1 
ATOM   1311 C CD1   . LEU A 1 178 ? 7.724   -1.820  2.832   1.00 12.63 ? 178 LEU A CD1   1 
ATOM   1312 C CD2   . LEU A 1 178 ? 9.011   0.160   2.098   1.00 12.38 ? 178 LEU A CD2   1 
ATOM   1313 N N     . ALA A 1 179 ? 11.880  -1.606  6.408   1.00 13.97 ? 179 ALA A N     1 
ATOM   1314 C CA    . ALA A 1 179 ? 12.214  -1.406  7.829   1.00 13.77 ? 179 ALA A CA    1 
ATOM   1315 C C     . ALA A 1 179 ? 13.599  -0.862  8.003   1.00 13.57 ? 179 ALA A C     1 
ATOM   1316 O O     . ALA A 1 179 ? 13.882  -0.139  8.961   1.00 12.75 ? 179 ALA A O     1 
ATOM   1317 C CB    . ALA A 1 179 ? 12.027  -2.684  8.624   1.00 14.23 ? 179 ALA A CB    1 
ATOM   1318 N N     . ALA A 1 180 ? 14.473  -1.178  7.059   1.00 14.22 ? 180 ALA A N     1 
ATOM   1319 C CA    . ALA A 1 180 ? 15.867  -0.715  7.108   1.00 14.18 ? 180 ALA A CA    1 
ATOM   1320 C C     . ALA A 1 180 ? 16.160  0.570   6.368   1.00 14.98 ? 180 ALA A C     1 
ATOM   1321 O O     . ALA A 1 180 ? 17.241  1.133   6.581   1.00 14.96 ? 180 ALA A O     1 
ATOM   1322 C CB    . ALA A 1 180 ? 16.810  -1.784  6.587   1.00 14.21 ? 180 ALA A CB    1 
ATOM   1323 N N     . TRP A 1 181 ? 15.263  1.035   5.495   1.00 15.13 ? 181 TRP A N     1 
ATOM   1324 C CA    . TRP A 1 181 ? 15.575  2.191   4.621   1.00 15.75 ? 181 TRP A CA    1 
ATOM   1325 C C     . TRP A 1 181 ? 15.929  3.471   5.407   1.00 16.16 ? 181 TRP A C     1 
ATOM   1326 O O     . TRP A 1 181 ? 15.337  3.718   6.449   1.00 15.07 ? 181 TRP A O     1 
ATOM   1327 C CB    . TRP A 1 181 ? 14.373  2.489   3.695   1.00 15.97 ? 181 TRP A CB    1 
ATOM   1328 C CG    . TRP A 1 181 ? 14.591  3.733   2.847   1.00 15.58 ? 181 TRP A CG    1 
ATOM   1329 C CD1   . TRP A 1 181 ? 15.261  3.799   1.684   1.00 15.58 ? 181 TRP A CD1   1 
ATOM   1330 C CD2   . TRP A 1 181 ? 14.172  5.065   3.163   1.00 15.62 ? 181 TRP A CD2   1 
ATOM   1331 N NE1   . TRP A 1 181 ? 15.280  5.089   1.228   1.00 16.60 ? 181 TRP A NE1   1 
ATOM   1332 C CE2   . TRP A 1 181 ? 14.621  5.893   2.123   1.00 16.61 ? 181 TRP A CE2   1 
ATOM   1333 C CE3   . TRP A 1 181 ? 13.449  5.633   4.224   1.00 15.91 ? 181 TRP A CE3   1 
ATOM   1334 C CZ2   . TRP A 1 181 ? 14.380  7.283   2.102   1.00 16.76 ? 181 TRP A CZ2   1 
ATOM   1335 C CZ3   . TRP A 1 181 ? 13.185  7.006   4.204   1.00 16.45 ? 181 TRP A CZ3   1 
ATOM   1336 C CH2   . TRP A 1 181 ? 13.663  7.820   3.148   1.00 16.76 ? 181 TRP A CH2   1 
ATOM   1337 N N     . THR A 1 182 ? 16.818  4.316   4.882   1.00 18.62 ? 182 THR A N     1 
ATOM   1338 C CA    . THR A 1 182 ? 17.146  5.578   5.588   1.00 21.45 ? 182 THR A CA    1 
ATOM   1339 C C     . THR A 1 182 ? 17.363  6.855   4.733   1.00 24.46 ? 182 THR A C     1 
ATOM   1340 O O     . THR A 1 182 ? 18.015  6.778   3.687   1.00 22.89 ? 182 THR A O     1 
ATOM   1341 C CB    . THR A 1 182 ? 18.304  5.348   6.581   1.00 21.97 ? 182 THR A CB    1 
ATOM   1342 O OG1   . THR A 1 182 ? 18.718  6.607   7.135   1.00 22.38 ? 182 THR A OG1   1 
ATOM   1343 C CG2   . THR A 1 182 ? 19.448  4.599   5.941   1.00 20.96 ? 182 THR A CG2   1 
ATOM   1344 N N     . PRO A 1 183 ? 16.802  8.033   5.182   1.00 30.86 ? 183 PRO A N     1 
ATOM   1345 C CA    . PRO A 1 183 ? 16.854  9.271   4.366   1.00 33.12 ? 183 PRO A CA    1 
ATOM   1346 C C     . PRO A 1 183 ? 18.264  9.707   4.049   1.00 35.69 ? 183 PRO A C     1 
ATOM   1347 O O     . PRO A 1 183 ? 18.808  9.221   3.060   1.00 41.84 ? 183 PRO A O     1 
ATOM   1348 C CB    . PRO A 1 183 ? 16.134  10.336  5.237   1.00 33.69 ? 183 PRO A CB    1 
ATOM   1349 C CG    . PRO A 1 183 ? 15.382  9.574   6.278   1.00 33.93 ? 183 PRO A CG    1 
ATOM   1350 C CD    . PRO A 1 183 ? 16.148  8.294   6.494   1.00 34.00 ? 183 PRO A CD    1 
HETATM 1351 C C1    . GOL B 2 .   ? -15.535 -2.552  11.365  1.00 36.41 ? 301 GOL A C1    1 
HETATM 1352 O O1    . GOL B 2 .   ? -15.381 -3.406  10.240  1.00 31.20 ? 301 GOL A O1    1 
HETATM 1353 C C2    . GOL B 2 .   ? -16.454 -3.171  12.412  1.00 37.67 ? 301 GOL A C2    1 
HETATM 1354 O O2    . GOL B 2 .   ? -17.701 -3.562  11.784  1.00 41.71 ? 301 GOL A O2    1 
HETATM 1355 C C3    . GOL B 2 .   ? -15.794 -4.369  13.089  1.00 37.94 ? 301 GOL A C3    1 
HETATM 1356 O O3    . GOL B 2 .   ? -14.939 -3.950  14.157  1.00 37.90 ? 301 GOL A O3    1 
HETATM 1357 C C1    . GOL C 2 .   ? 17.914  17.131  -10.698 1.00 54.51 ? 302 GOL A C1    1 
HETATM 1358 O O1    . GOL C 2 .   ? 16.766  16.269  -10.671 1.00 56.94 ? 302 GOL A O1    1 
HETATM 1359 C C2    . GOL C 2 .   ? 17.548  18.554  -10.253 1.00 53.13 ? 302 GOL A C2    1 
HETATM 1360 O O2    . GOL C 2 .   ? 16.133  18.763  -10.264 1.00 50.48 ? 302 GOL A O2    1 
HETATM 1361 C C3    . GOL C 2 .   ? 18.108  19.602  -11.192 1.00 50.64 ? 302 GOL A C3    1 
HETATM 1362 O O3    . GOL C 2 .   ? 19.471  19.303  -11.452 1.00 46.59 ? 302 GOL A O3    1 
HETATM 1363 C C1    . EDO D 3 .   ? 23.283  16.434  -7.687  1.00 45.27 ? 303 EDO A C1    1 
HETATM 1364 O O1    . EDO D 3 .   ? 22.542  16.739  -8.892  1.00 44.23 ? 303 EDO A O1    1 
HETATM 1365 C C2    . EDO D 3 .   ? 24.263  15.276  -7.901  1.00 44.07 ? 303 EDO A C2    1 
HETATM 1366 O O2    . EDO D 3 .   ? 23.964  14.551  -9.111  1.00 42.60 ? 303 EDO A O2    1 
HETATM 1367 P P     . AMP E 4 .   ? -8.101  1.287   -8.078  1.00 11.69 ? 304 AMP A P     1 
HETATM 1368 O O1P   . AMP E 4 .   ? -9.017  0.101   -8.070  1.00 10.32 ? 304 AMP A O1P   1 
HETATM 1369 O O2P   . AMP E 4 .   ? -6.607  1.016   -7.912  1.00 11.44 ? 304 AMP A O2P   1 
HETATM 1370 O O3P   . AMP E 4 .   ? -8.408  2.252   -9.204  1.00 11.47 ? 304 AMP A O3P   1 
HETATM 1371 O "O5'" . AMP E 4 .   ? -8.524  2.133   -6.797  1.00 12.85 ? 304 AMP A "O5'" 1 
HETATM 1372 C "C5'" . AMP E 4 .   ? -8.279  1.719   -5.455  1.00 15.86 ? 304 AMP A "C5'" 1 
HETATM 1373 C "C4'" . AMP E 4 .   ? -9.159  2.573   -4.564  1.00 19.06 ? 304 AMP A "C4'" 1 
HETATM 1374 O "O4'" . AMP E 4 .   ? -8.563  3.872   -4.463  1.00 20.71 ? 304 AMP A "O4'" 1 
HETATM 1375 C "C3'" . AMP E 4 .   ? -10.573 2.805   -5.158  1.00 22.38 ? 304 AMP A "C3'" 1 
HETATM 1376 O "O3'" . AMP E 4 .   ? -11.580 1.898   -4.675  1.00 26.47 ? 304 AMP A "O3'" 1 
HETATM 1377 C "C2'" . AMP E 4 .   ? -10.961 4.249   -4.891  1.00 22.90 ? 304 AMP A "C2'" 1 
HETATM 1378 O "O2'" . AMP E 4 .   ? -12.100 4.449   -4.034  1.00 25.56 ? 304 AMP A "O2'" 1 
HETATM 1379 C "C1'" . AMP E 4 .   ? -9.667  4.808   -4.301  1.00 22.01 ? 304 AMP A "C1'" 1 
HETATM 1380 N N9    . AMP E 4 .   ? -9.397  6.111   -4.925  1.00 21.63 ? 304 AMP A N9    1 
HETATM 1381 C C8    . AMP E 4 .   ? -9.489  6.443   -6.221  1.00 20.39 ? 304 AMP A C8    1 
HETATM 1382 N N7    . AMP E 4 .   ? -9.157  7.709   -6.412  1.00 20.16 ? 304 AMP A N7    1 
HETATM 1383 C C5    . AMP E 4 .   ? -8.856  8.226   -5.210  1.00 22.36 ? 304 AMP A C5    1 
HETATM 1384 C C6    . AMP E 4 .   ? -8.439  9.541   -4.683  1.00 22.26 ? 304 AMP A C6    1 
HETATM 1385 N N6    . AMP E 4 .   ? -8.244  10.617  -5.496  1.00 21.78 ? 304 AMP A N6    1 
HETATM 1386 N N1    . AMP E 4 .   ? -8.227  9.609   -3.345  1.00 24.59 ? 304 AMP A N1    1 
HETATM 1387 C C2    . AMP E 4 .   ? -8.392  8.580   -2.489  1.00 24.78 ? 304 AMP A C2    1 
HETATM 1388 N N3    . AMP E 4 .   ? -8.782  7.371   -2.921  1.00 24.31 ? 304 AMP A N3    1 
HETATM 1389 C C4    . AMP E 4 .   ? -9.009  7.150   -4.233  1.00 22.46 ? 304 AMP A C4    1 
HETATM 1390 O O     . HOH F 5 .   ? -1.239  16.361  -1.951  1.00 6.96  ? 401 HOH A O     1 
HETATM 1391 O O     . HOH F 5 .   ? -9.994  4.313   -8.856  1.00 3.01  ? 402 HOH A O     1 
HETATM 1392 O O     . HOH F 5 .   ? -8.597  2.062   -11.837 1.00 9.60  ? 403 HOH A O     1 
HETATM 1393 O O     . HOH F 5 .   ? -8.799  -1.801  -9.995  1.00 6.48  ? 404 HOH A O     1 
HETATM 1394 O O     . HOH F 5 .   ? -6.161  -0.152  0.439   1.00 8.23  ? 405 HOH A O     1 
HETATM 1395 O O     . HOH F 5 .   ? -11.546 0.358   -9.081  1.00 12.29 ? 406 HOH A O     1 
HETATM 1396 O O     . HOH F 5 .   ? -1.273  -7.233  13.567  1.00 11.39 ? 407 HOH A O     1 
HETATM 1397 O O     . HOH F 5 .   ? 13.217  15.351  -7.262  1.00 12.86 ? 408 HOH A O     1 
HETATM 1398 O O     . HOH F 5 .   ? -6.806  5.139   -1.216  1.00 24.11 ? 409 HOH A O     1 
HETATM 1399 O O     . HOH F 5 .   ? 12.030  17.771  -7.406  1.00 17.12 ? 410 HOH A O     1 
# 
loop_
_pdbx_poly_seq_scheme.asym_id 
_pdbx_poly_seq_scheme.entity_id 
_pdbx_poly_seq_scheme.seq_id 
_pdbx_poly_seq_scheme.mon_id 
_pdbx_poly_seq_scheme.ndb_seq_num 
_pdbx_poly_seq_scheme.pdb_seq_num 
_pdbx_poly_seq_scheme.auth_seq_num 
_pdbx_poly_seq_scheme.pdb_mon_id 
_pdbx_poly_seq_scheme.auth_mon_id 
_pdbx_poly_seq_scheme.pdb_strand_id 
_pdbx_poly_seq_scheme.pdb_ins_code 
_pdbx_poly_seq_scheme.hetero 
A 1 1   MET 1   1   ?   ?   ?   A . n 
A 1 2   THR 2   2   2   THR THR A . n 
A 1 3   LEU 3   3   3   LEU LEU A . n 
A 1 4   ARG 4   4   4   ARG ARG A . n 
A 1 5   SER 5   5   5   SER SER A . n 
A 1 6   VAL 6   6   6   VAL VAL A . n 
A 1 7   CYS 7   7   7   CYS CYS A . n 
A 1 8   VAL 8   8   8   VAL VAL A . n 
A 1 9   PHE 9   9   9   PHE PHE A . n 
A 1 10  CYS 10  10  10  CYS CYS A . n 
A 1 11  GLY 11  11  11  GLY GLY A . n 
A 1 12  ALA 12  12  12  ALA ALA A . n 
A 1 13  SER 13  13  13  SER SER A . n 
A 1 14  PRO 14  14  14  PRO PRO A . n 
A 1 15  GLY 15  15  15  GLY GLY A . n 
A 1 16  ALA 16  16  16  ALA ALA A . n 
A 1 17  SER 17  17  17  SER SER A . n 
A 1 18  PRO 18  18  18  PRO PRO A . n 
A 1 19  VAL 19  19  19  VAL VAL A . n 
A 1 20  TYR 20  20  20  TYR TYR A . n 
A 1 21  GLN 21  21  21  GLN GLN A . n 
A 1 22  GLU 22  22  22  GLU GLU A . n 
A 1 23  ALA 23  23  23  ALA ALA A . n 
A 1 24  ALA 24  24  24  ALA ALA A . n 
A 1 25  VAL 25  25  25  VAL VAL A . n 
A 1 26  ALA 26  26  26  ALA ALA A . n 
A 1 27  LEU 27  27  27  LEU LEU A . n 
A 1 28  GLY 28  28  28  GLY GLY A . n 
A 1 29  ARG 29  29  29  ARG ARG A . n 
A 1 30  HIS 30  30  30  HIS HIS A . n 
A 1 31  LEU 31  31  31  LEU LEU A . n 
A 1 32  ALA 32  32  32  ALA ALA A . n 
A 1 33  GLU 33  33  33  GLU GLU A . n 
A 1 34  ARG 34  34  34  ARG ARG A . n 
A 1 35  GLY 35  35  35  GLY GLY A . n 
A 1 36  LEU 36  36  36  LEU LEU A . n 
A 1 37  THR 37  37  37  THR THR A . n 
A 1 38  LEU 38  38  38  LEU LEU A . n 
A 1 39  VAL 39  39  39  VAL VAL A . n 
A 1 40  TYR 40  40  40  TYR TYR A . n 
A 1 41  GLY 41  41  41  GLY GLY A . n 
A 1 42  GLY 42  42  42  GLY GLY A . n 
A 1 43  GLY 43  43  43  GLY GLY A . n 
A 1 44  ALA 44  44  44  ALA ALA A . n 
A 1 45  VAL 45  45  45  VAL VAL A . n 
A 1 46  GLY 46  46  46  GLY GLY A . n 
A 1 47  LEU 47  47  47  LEU LEU A . n 
A 1 48  MET 48  48  48  MET MET A . n 
A 1 49  GLY 49  49  49  GLY GLY A . n 
A 1 50  THR 50  50  50  THR THR A . n 
A 1 51  VAL 51  51  51  VAL VAL A . n 
A 1 52  ALA 52  52  52  ALA ALA A . n 
A 1 53  ASP 53  53  53  ASP ASP A . n 
A 1 54  ALA 54  54  54  ALA ALA A . n 
A 1 55  ALA 55  55  55  ALA ALA A . n 
A 1 56  LEU 56  56  56  LEU LEU A . n 
A 1 57  ALA 57  57  57  ALA ALA A . n 
A 1 58  ALA 58  58  58  ALA ALA A . n 
A 1 59  GLY 59  59  59  GLY GLY A . n 
A 1 60  GLY 60  60  60  GLY GLY A . n 
A 1 61  GLU 61  61  61  GLU GLU A . n 
A 1 62  VAL 62  62  62  VAL VAL A . n 
A 1 63  ILE 63  63  63  ILE ILE A . n 
A 1 64  GLY 64  64  64  GLY GLY A . n 
A 1 65  ILE 65  65  65  ILE ILE A . n 
A 1 66  ILE 66  66  66  ILE ILE A . n 
A 1 67  PRO 67  67  67  PRO PRO A . n 
A 1 68  GLN 68  68  68  GLN GLN A . n 
A 1 69  SER 69  69  69  SER SER A . n 
A 1 70  LEU 70  70  70  LEU LEU A . n 
A 1 71  GLN 71  71  71  GLN GLN A . n 
A 1 72  GLU 72  72  72  GLU GLU A . n 
A 1 73  ALA 73  73  73  ALA ALA A . n 
A 1 74  GLU 74  74  74  GLU GLU A . n 
A 1 75  ILE 75  75  75  ILE ILE A . n 
A 1 76  GLY 76  76  76  GLY GLY A . n 
A 1 77  HIS 77  77  77  HIS HIS A . n 
A 1 78  LYS 78  78  78  LYS LYS A . n 
A 1 79  GLY 79  79  79  GLY GLY A . n 
A 1 80  LEU 80  80  80  LEU LEU A . n 
A 1 81  THR 81  81  81  THR THR A . n 
A 1 82  ARG 82  82  82  ARG ARG A . n 
A 1 83  LEU 83  83  83  LEU LEU A . n 
A 1 84  GLU 84  84  84  GLU GLU A . n 
A 1 85  VAL 85  85  85  VAL VAL A . n 
A 1 86  VAL 86  86  86  VAL VAL A . n 
A 1 87  ASP 87  87  87  ASP ASP A . n 
A 1 88  GLY 88  88  88  GLY GLY A . n 
A 1 89  MET 89  89  89  MET MET A . n 
A 1 90  HIS 90  90  90  HIS HIS A . n 
A 1 91  ALA 91  91  91  ALA ALA A . n 
A 1 92  ARG 92  92  92  ARG ARG A . n 
A 1 93  LYS 93  93  93  LYS LYS A . n 
A 1 94  ALA 94  94  94  ALA ALA A . n 
A 1 95  ARG 95  95  95  ARG ARG A . n 
A 1 96  MET 96  96  96  MET MET A . n 
A 1 97  ALA 97  97  97  ALA ALA A . n 
A 1 98  GLU 98  98  98  GLU GLU A . n 
A 1 99  LEU 99  99  99  LEU LEU A . n 
A 1 100 ALA 100 100 100 ALA ALA A . n 
A 1 101 ASP 101 101 101 ASP ASP A . n 
A 1 102 ALA 102 102 102 ALA ALA A . n 
A 1 103 PHE 103 103 103 PHE PHE A . n 
A 1 104 ILE 104 104 104 ILE ILE A . n 
A 1 105 ALA 105 105 105 ALA ALA A . n 
A 1 106 LEU 106 106 106 LEU LEU A . n 
A 1 107 PRO 107 107 107 PRO PRO A . n 
A 1 108 GLY 108 108 108 GLY GLY A . n 
A 1 109 GLY 109 109 109 GLY GLY A . n 
A 1 110 LEU 110 110 110 LEU LEU A . n 
A 1 111 GLY 111 111 111 GLY GLY A . n 
A 1 112 THR 112 112 112 THR THR A . n 
A 1 113 LEU 113 113 113 LEU LEU A . n 
A 1 114 GLU 114 114 114 GLU GLU A . n 
A 1 115 ALA 115 115 115 ALA ALA A . n 
A 1 116 LEU 116 116 116 LEU LEU A . n 
A 1 117 PHE 117 117 117 PHE PHE A . n 
A 1 118 GLU 118 118 118 GLU GLU A . n 
A 1 119 VAL 119 119 119 VAL VAL A . n 
A 1 120 TRP 120 120 120 TRP TRP A . n 
A 1 121 THR 121 121 121 THR THR A . n 
A 1 122 TRP 122 122 122 TRP TRP A . n 
A 1 123 GLY 123 123 123 GLY GLY A . n 
A 1 124 GLN 124 124 124 GLN GLN A . n 
A 1 125 LEU 125 125 125 LEU LEU A . n 
A 1 126 GLY 126 126 126 GLY GLY A . n 
A 1 127 TYR 127 127 127 TYR TYR A . n 
A 1 128 HIS 128 128 128 HIS HIS A . n 
A 1 129 ALA 129 129 129 ALA ALA A . n 
A 1 130 LYS 130 130 130 LYS LYS A . n 
A 1 131 PRO 131 131 131 PRO PRO A . n 
A 1 132 LEU 132 132 132 LEU LEU A . n 
A 1 133 GLY 133 133 133 GLY GLY A . n 
A 1 134 LEU 134 134 134 LEU LEU A . n 
A 1 135 LEU 135 135 135 LEU LEU A . n 
A 1 136 GLU 136 136 136 GLU GLU A . n 
A 1 137 VAL 137 137 137 VAL VAL A . n 
A 1 138 ASN 138 138 138 ASN ASN A . n 
A 1 139 GLY 139 139 139 GLY GLY A . n 
A 1 140 PHE 140 140 140 PHE PHE A . n 
A 1 141 TYR 141 141 141 TYR TYR A . n 
A 1 142 ASP 142 142 142 ASP ASP A . n 
A 1 143 PRO 143 143 143 PRO PRO A . n 
A 1 144 LEU 144 144 144 LEU LEU A . n 
A 1 145 LEU 145 145 145 LEU LEU A . n 
A 1 146 THR 146 146 146 THR THR A . n 
A 1 147 PHE 147 147 147 PHE PHE A . n 
A 1 148 LEU 148 148 148 LEU LEU A . n 
A 1 149 ASP 149 149 149 ASP ASP A . n 
A 1 150 HIS 150 150 150 HIS HIS A . n 
A 1 151 LEU 151 151 151 LEU LEU A . n 
A 1 152 VAL 152 152 152 VAL VAL A . n 
A 1 153 ASP 153 153 153 ASP ASP A . n 
A 1 154 GLU 154 154 154 GLU GLU A . n 
A 1 155 ARG 155 155 155 ARG ARG A . n 
A 1 156 PHE 156 156 156 PHE PHE A . n 
A 1 157 VAL 157 157 157 VAL VAL A . n 
A 1 158 ARG 158 158 158 ARG ARG A . n 
A 1 159 ALA 159 159 159 ALA ALA A . n 
A 1 160 GLU 160 160 160 GLU GLU A . n 
A 1 161 HIS 161 161 161 HIS HIS A . n 
A 1 162 ARG 162 162 162 ARG ARG A . n 
A 1 163 GLY 163 163 163 GLY GLY A . n 
A 1 164 MET 164 164 164 MET MET A . n 
A 1 165 LEU 165 165 165 LEU LEU A . n 
A 1 166 GLN 166 166 166 GLN GLN A . n 
A 1 167 ARG 167 167 167 ARG ARG A . n 
A 1 168 GLY 168 168 168 GLY GLY A . n 
A 1 169 ALA 169 169 169 ALA ALA A . n 
A 1 170 SER 170 170 170 SER SER A . n 
A 1 171 PRO 171 171 171 PRO PRO A . n 
A 1 172 GLU 172 172 172 GLU GLU A . n 
A 1 173 ALA 173 173 173 ALA ALA A . n 
A 1 174 LEU 174 174 174 LEU LEU A . n 
A 1 175 LEU 175 175 175 LEU LEU A . n 
A 1 176 ASP 176 176 176 ASP ASP A . n 
A 1 177 ALA 177 177 177 ALA ALA A . n 
A 1 178 LEU 178 178 178 LEU LEU A . n 
A 1 179 ALA 179 179 179 ALA ALA A . n 
A 1 180 ALA 180 180 180 ALA ALA A . n 
A 1 181 TRP 181 181 181 TRP TRP A . n 
A 1 182 THR 182 182 182 THR THR A . n 
A 1 183 PRO 183 183 183 PRO PRO A . n 
A 1 184 SER 184 184 ?   ?   ?   A . n 
A 1 185 VAL 185 185 ?   ?   ?   A . n 
A 1 186 ALA 186 186 ?   ?   ?   A . n 
A 1 187 PRO 187 187 ?   ?   ?   A . n 
A 1 188 LYS 188 188 ?   ?   ?   A . n 
A 1 189 TRP 189 189 ?   ?   ?   A . n 
A 1 190 VAL 190 190 ?   ?   ?   A . n 
A 1 191 ASP 191 191 ?   ?   ?   A . n 
A 1 192 ARG 192 192 ?   ?   ?   A . n 
A 1 193 THR 193 193 ?   ?   ?   A . n 
A 1 194 PRO 194 194 ?   ?   ?   A . n 
A 1 195 GLN 195 195 ?   ?   ?   A . n 
A 1 196 LEU 196 196 ?   ?   ?   A . n 
A 1 197 GLU 197 197 ?   ?   ?   A . n 
A 1 198 HIS 198 198 ?   ?   ?   A . n 
A 1 199 HIS 199 199 ?   ?   ?   A . n 
A 1 200 HIS 200 200 ?   ?   ?   A . n 
A 1 201 HIS 201 201 ?   ?   ?   A . n 
A 1 202 HIS 202 202 ?   ?   ?   A . n 
A 1 203 HIS 203 203 ?   ?   ?   A . n 
# 
loop_
_pdbx_nonpoly_scheme.asym_id 
_pdbx_nonpoly_scheme.entity_id 
_pdbx_nonpoly_scheme.mon_id 
_pdbx_nonpoly_scheme.ndb_seq_num 
_pdbx_nonpoly_scheme.pdb_seq_num 
_pdbx_nonpoly_scheme.auth_seq_num 
_pdbx_nonpoly_scheme.pdb_mon_id 
_pdbx_nonpoly_scheme.auth_mon_id 
_pdbx_nonpoly_scheme.pdb_strand_id 
_pdbx_nonpoly_scheme.pdb_ins_code 
B 2 GOL 1  301 3  GOL GOL A . 
C 2 GOL 1  302 4  GOL GOL A . 
D 3 EDO 1  303 1  EDO EDO A . 
E 4 AMP 1  304 1  AMP AMP A . 
F 5 HOH 1  401 4  HOH HOH A . 
F 5 HOH 2  402 2  HOH HOH A . 
F 5 HOH 3  403 5  HOH HOH A . 
F 5 HOH 4  404 1  HOH HOH A . 
F 5 HOH 5  405 3  HOH HOH A . 
F 5 HOH 6  406 10 HOH HOH A . 
F 5 HOH 7  407 6  HOH HOH A . 
F 5 HOH 8  408 8  HOH HOH A . 
F 5 HOH 9  409 7  HOH HOH A . 
F 5 HOH 10 410 9  HOH HOH A . 
# 
_pdbx_struct_assembly.id                   1 
_pdbx_struct_assembly.details              author_and_software_defined_assembly 
_pdbx_struct_assembly.method_details       PISA 
_pdbx_struct_assembly.oligomeric_details   dimeric 
_pdbx_struct_assembly.oligomeric_count     2 
# 
_pdbx_struct_assembly_gen.assembly_id       1 
_pdbx_struct_assembly_gen.oper_expression   1,2 
_pdbx_struct_assembly_gen.asym_id_list      A,B,C,D,E,F 
# 
loop_
_pdbx_struct_assembly_prop.biol_id 
_pdbx_struct_assembly_prop.type 
_pdbx_struct_assembly_prop.value 
_pdbx_struct_assembly_prop.details 
1 'ABSA (A^2)' 5980  ? 
1 MORE         -36   ? 
1 'SSA (A^2)'  13740 ? 
# 
loop_
_pdbx_struct_oper_list.id 
_pdbx_struct_oper_list.type 
_pdbx_struct_oper_list.name 
_pdbx_struct_oper_list.symmetry_operation 
_pdbx_struct_oper_list.matrix[1][1] 
_pdbx_struct_oper_list.matrix[1][2] 
_pdbx_struct_oper_list.matrix[1][3] 
_pdbx_struct_oper_list.vector[1] 
_pdbx_struct_oper_list.matrix[2][1] 
_pdbx_struct_oper_list.matrix[2][2] 
_pdbx_struct_oper_list.matrix[2][3] 
_pdbx_struct_oper_list.vector[2] 
_pdbx_struct_oper_list.matrix[3][1] 
_pdbx_struct_oper_list.matrix[3][2] 
_pdbx_struct_oper_list.matrix[3][3] 
_pdbx_struct_oper_list.vector[3] 
1 'identity operation'         1_555 x,y,z       1.0000000000  0.0000000000  0.0000000000  0.0000000000  0.0000000000  1.0000000000  0.0000000000 0.0000000000  0.0000000000  0.0000000000 1.0000000000  0.0000000000   
2 'crystal symmetry operation' 3_555 -x,y,-z+1/2 -0.5186544026 -0.5591710327 -0.6467807718 -0.7909767300 -0.5591710327 -0.3504204764 0.7513542746 19.8094126063 -0.6467807718 0.7513542746 -0.1309251209 -17.7147858588 
# 
loop_
_pdbx_audit_revision_history.ordinal 
_pdbx_audit_revision_history.data_content_type 
_pdbx_audit_revision_history.major_revision 
_pdbx_audit_revision_history.minor_revision 
_pdbx_audit_revision_history.revision_date 
1 'Structure model' 1 0 2018-06-27 
2 'Structure model' 1 1 2018-10-17 
3 'Structure model' 1 2 2019-10-16 
4 'Structure model' 1 3 2020-09-16 
5 'Structure model' 1 4 2023-11-22 
# 
_pdbx_audit_revision_details.ordinal             1 
_pdbx_audit_revision_details.revision_ordinal    1 
_pdbx_audit_revision_details.data_content_type   'Structure model' 
_pdbx_audit_revision_details.provider            repository 
_pdbx_audit_revision_details.type                'Initial release' 
_pdbx_audit_revision_details.description         ? 
_pdbx_audit_revision_details.details             ? 
# 
loop_
_pdbx_audit_revision_group.ordinal 
_pdbx_audit_revision_group.revision_ordinal 
_pdbx_audit_revision_group.data_content_type 
_pdbx_audit_revision_group.group 
1 2 'Structure model' 'Data collection'        
2 2 'Structure model' 'Database references'    
3 3 'Structure model' 'Data collection'        
4 4 'Structure model' 'Structure summary'      
5 5 'Structure model' 'Data collection'        
6 5 'Structure model' 'Database references'    
7 5 'Structure model' 'Refinement description' 
# 
loop_
_pdbx_audit_revision_category.ordinal 
_pdbx_audit_revision_category.revision_ordinal 
_pdbx_audit_revision_category.data_content_type 
_pdbx_audit_revision_category.category 
1 2 'Structure model' citation                      
2 3 'Structure model' reflns                        
3 3 'Structure model' reflns_shell                  
4 4 'Structure model' struct                        
5 5 'Structure model' chem_comp_atom                
6 5 'Structure model' chem_comp_bond                
7 5 'Structure model' database_2                    
8 5 'Structure model' pdbx_initial_refinement_model 
# 
loop_
_pdbx_audit_revision_item.ordinal 
_pdbx_audit_revision_item.revision_ordinal 
_pdbx_audit_revision_item.data_content_type 
_pdbx_audit_revision_item.item 
1 2 'Structure model' '_citation.journal_volume'            
2 2 'Structure model' '_citation.page_first'                
3 2 'Structure model' '_citation.page_last'                 
4 3 'Structure model' '_reflns.pdbx_CC_half'                
5 3 'Structure model' '_reflns_shell.pdbx_CC_half'          
6 4 'Structure model' '_struct.title'                       
7 5 'Structure model' '_database_2.pdbx_DOI'                
8 5 'Structure model' '_database_2.pdbx_database_accession' 
# 
loop_
_software.citation_id 
_software.classification 
_software.compiler_name 
_software.compiler_version 
_software.contact_author 
_software.contact_author_email 
_software.date 
_software.description 
_software.dependencies 
_software.hardware 
_software.language 
_software.location 
_software.mods 
_software.name 
_software.os 
_software.os_version 
_software.type 
_software.version 
_software.pdbx_ordinal 
? refinement        ? ? ? ? ? ? ? ? ? ? ? REFMAC      ? ? ? 5.8.0189 1 
? 'data extraction' ? ? ? ? ? ? ? ? ? ? ? PDB_EXTRACT ? ? ? 3.24     2 
? 'data scaling'    ? ? ? ? ? ? ? ? ? ? ? HKL-2000    ? ? ? .        3 
? phasing           ? ? ? ? ? ? ? ? ? ? ? MOLREP      ? ? ? .        4 
# 
loop_
_pdbx_validate_torsion.id 
_pdbx_validate_torsion.PDB_model_num 
_pdbx_validate_torsion.auth_comp_id 
_pdbx_validate_torsion.auth_asym_id 
_pdbx_validate_torsion.auth_seq_id 
_pdbx_validate_torsion.PDB_ins_code 
_pdbx_validate_torsion.label_alt_id 
_pdbx_validate_torsion.phi 
_pdbx_validate_torsion.psi 
1 1 ILE A 75  ? ? 63.66 81.80   
2 1 ASN A 138 ? ? 49.91 -131.09 
# 
loop_
_pdbx_unobs_or_zero_occ_residues.id 
_pdbx_unobs_or_zero_occ_residues.PDB_model_num 
_pdbx_unobs_or_zero_occ_residues.polymer_flag 
_pdbx_unobs_or_zero_occ_residues.occupancy_flag 
_pdbx_unobs_or_zero_occ_residues.auth_asym_id 
_pdbx_unobs_or_zero_occ_residues.auth_comp_id 
_pdbx_unobs_or_zero_occ_residues.auth_seq_id 
_pdbx_unobs_or_zero_occ_residues.PDB_ins_code 
_pdbx_unobs_or_zero_occ_residues.label_asym_id 
_pdbx_unobs_or_zero_occ_residues.label_comp_id 
_pdbx_unobs_or_zero_occ_residues.label_seq_id 
1  1 Y 1 A MET 1   ? A MET 1   
2  1 Y 1 A SER 184 ? A SER 184 
3  1 Y 1 A VAL 185 ? A VAL 185 
4  1 Y 1 A ALA 186 ? A ALA 186 
5  1 Y 1 A PRO 187 ? A PRO 187 
6  1 Y 1 A LYS 188 ? A LYS 188 
7  1 Y 1 A TRP 189 ? A TRP 189 
8  1 Y 1 A VAL 190 ? A VAL 190 
9  1 Y 1 A ASP 191 ? A ASP 191 
10 1 Y 1 A ARG 192 ? A ARG 192 
11 1 Y 1 A THR 193 ? A THR 193 
12 1 Y 1 A PRO 194 ? A PRO 194 
13 1 Y 1 A GLN 195 ? A GLN 195 
14 1 Y 1 A LEU 196 ? A LEU 196 
15 1 Y 1 A GLU 197 ? A GLU 197 
16 1 Y 1 A HIS 198 ? A HIS 198 
17 1 Y 1 A HIS 199 ? A HIS 199 
18 1 Y 1 A HIS 200 ? A HIS 200 
19 1 Y 1 A HIS 201 ? A HIS 201 
20 1 Y 1 A HIS 202 ? A HIS 202 
21 1 Y 1 A HIS 203 ? A HIS 203 
# 
loop_
_chem_comp_atom.comp_id 
_chem_comp_atom.atom_id 
_chem_comp_atom.type_symbol 
_chem_comp_atom.pdbx_aromatic_flag 
_chem_comp_atom.pdbx_stereo_config 
_chem_comp_atom.pdbx_ordinal 
ALA N      N N N 1   
ALA CA     C N S 2   
ALA C      C N N 3   
ALA O      O N N 4   
ALA CB     C N N 5   
ALA OXT    O N N 6   
ALA H      H N N 7   
ALA H2     H N N 8   
ALA HA     H N N 9   
ALA HB1    H N N 10  
ALA HB2    H N N 11  
ALA HB3    H N N 12  
ALA HXT    H N N 13  
AMP P      P N N 14  
AMP O1P    O N N 15  
AMP O2P    O N N 16  
AMP O3P    O N N 17  
AMP "O5'"  O N N 18  
AMP "C5'"  C N N 19  
AMP "C4'"  C N R 20  
AMP "O4'"  O N N 21  
AMP "C3'"  C N S 22  
AMP "O3'"  O N N 23  
AMP "C2'"  C N R 24  
AMP "O2'"  O N N 25  
AMP "C1'"  C N R 26  
AMP N9     N Y N 27  
AMP C8     C Y N 28  
AMP N7     N Y N 29  
AMP C5     C Y N 30  
AMP C6     C Y N 31  
AMP N6     N N N 32  
AMP N1     N Y N 33  
AMP C2     C Y N 34  
AMP N3     N Y N 35  
AMP C4     C Y N 36  
AMP HOP2   H N N 37  
AMP HOP3   H N N 38  
AMP "H5'1" H N N 39  
AMP "H5'2" H N N 40  
AMP "H4'"  H N N 41  
AMP "H3'"  H N N 42  
AMP "HO3'" H N N 43  
AMP "H2'"  H N N 44  
AMP "HO2'" H N N 45  
AMP "H1'"  H N N 46  
AMP H8     H N N 47  
AMP HN61   H N N 48  
AMP HN62   H N N 49  
AMP H2     H N N 50  
ARG N      N N N 51  
ARG CA     C N S 52  
ARG C      C N N 53  
ARG O      O N N 54  
ARG CB     C N N 55  
ARG CG     C N N 56  
ARG CD     C N N 57  
ARG NE     N N N 58  
ARG CZ     C N N 59  
ARG NH1    N N N 60  
ARG NH2    N N N 61  
ARG OXT    O N N 62  
ARG H      H N N 63  
ARG H2     H N N 64  
ARG HA     H N N 65  
ARG HB2    H N N 66  
ARG HB3    H N N 67  
ARG HG2    H N N 68  
ARG HG3    H N N 69  
ARG HD2    H N N 70  
ARG HD3    H N N 71  
ARG HE     H N N 72  
ARG HH11   H N N 73  
ARG HH12   H N N 74  
ARG HH21   H N N 75  
ARG HH22   H N N 76  
ARG HXT    H N N 77  
ASN N      N N N 78  
ASN CA     C N S 79  
ASN C      C N N 80  
ASN O      O N N 81  
ASN CB     C N N 82  
ASN CG     C N N 83  
ASN OD1    O N N 84  
ASN ND2    N N N 85  
ASN OXT    O N N 86  
ASN H      H N N 87  
ASN H2     H N N 88  
ASN HA     H N N 89  
ASN HB2    H N N 90  
ASN HB3    H N N 91  
ASN HD21   H N N 92  
ASN HD22   H N N 93  
ASN HXT    H N N 94  
ASP N      N N N 95  
ASP CA     C N S 96  
ASP C      C N N 97  
ASP O      O N N 98  
ASP CB     C N N 99  
ASP CG     C N N 100 
ASP OD1    O N N 101 
ASP OD2    O N N 102 
ASP OXT    O N N 103 
ASP H      H N N 104 
ASP H2     H N N 105 
ASP HA     H N N 106 
ASP HB2    H N N 107 
ASP HB3    H N N 108 
ASP HD2    H N N 109 
ASP HXT    H N N 110 
CYS N      N N N 111 
CYS CA     C N R 112 
CYS C      C N N 113 
CYS O      O N N 114 
CYS CB     C N N 115 
CYS SG     S N N 116 
CYS OXT    O N N 117 
CYS H      H N N 118 
CYS H2     H N N 119 
CYS HA     H N N 120 
CYS HB2    H N N 121 
CYS HB3    H N N 122 
CYS HG     H N N 123 
CYS HXT    H N N 124 
EDO C1     C N N 125 
EDO O1     O N N 126 
EDO C2     C N N 127 
EDO O2     O N N 128 
EDO H11    H N N 129 
EDO H12    H N N 130 
EDO HO1    H N N 131 
EDO H21    H N N 132 
EDO H22    H N N 133 
EDO HO2    H N N 134 
GLN N      N N N 135 
GLN CA     C N S 136 
GLN C      C N N 137 
GLN O      O N N 138 
GLN CB     C N N 139 
GLN CG     C N N 140 
GLN CD     C N N 141 
GLN OE1    O N N 142 
GLN NE2    N N N 143 
GLN OXT    O N N 144 
GLN H      H N N 145 
GLN H2     H N N 146 
GLN HA     H N N 147 
GLN HB2    H N N 148 
GLN HB3    H N N 149 
GLN HG2    H N N 150 
GLN HG3    H N N 151 
GLN HE21   H N N 152 
GLN HE22   H N N 153 
GLN HXT    H N N 154 
GLU N      N N N 155 
GLU CA     C N S 156 
GLU C      C N N 157 
GLU O      O N N 158 
GLU CB     C N N 159 
GLU CG     C N N 160 
GLU CD     C N N 161 
GLU OE1    O N N 162 
GLU OE2    O N N 163 
GLU OXT    O N N 164 
GLU H      H N N 165 
GLU H2     H N N 166 
GLU HA     H N N 167 
GLU HB2    H N N 168 
GLU HB3    H N N 169 
GLU HG2    H N N 170 
GLU HG3    H N N 171 
GLU HE2    H N N 172 
GLU HXT    H N N 173 
GLY N      N N N 174 
GLY CA     C N N 175 
GLY C      C N N 176 
GLY O      O N N 177 
GLY OXT    O N N 178 
GLY H      H N N 179 
GLY H2     H N N 180 
GLY HA2    H N N 181 
GLY HA3    H N N 182 
GLY HXT    H N N 183 
GOL C1     C N N 184 
GOL O1     O N N 185 
GOL C2     C N N 186 
GOL O2     O N N 187 
GOL C3     C N N 188 
GOL O3     O N N 189 
GOL H11    H N N 190 
GOL H12    H N N 191 
GOL HO1    H N N 192 
GOL H2     H N N 193 
GOL HO2    H N N 194 
GOL H31    H N N 195 
GOL H32    H N N 196 
GOL HO3    H N N 197 
HIS N      N N N 198 
HIS CA     C N S 199 
HIS C      C N N 200 
HIS O      O N N 201 
HIS CB     C N N 202 
HIS CG     C Y N 203 
HIS ND1    N Y N 204 
HIS CD2    C Y N 205 
HIS CE1    C Y N 206 
HIS NE2    N Y N 207 
HIS OXT    O N N 208 
HIS H      H N N 209 
HIS H2     H N N 210 
HIS HA     H N N 211 
HIS HB2    H N N 212 
HIS HB3    H N N 213 
HIS HD1    H N N 214 
HIS HD2    H N N 215 
HIS HE1    H N N 216 
HIS HE2    H N N 217 
HIS HXT    H N N 218 
HOH O      O N N 219 
HOH H1     H N N 220 
HOH H2     H N N 221 
ILE N      N N N 222 
ILE CA     C N S 223 
ILE C      C N N 224 
ILE O      O N N 225 
ILE CB     C N S 226 
ILE CG1    C N N 227 
ILE CG2    C N N 228 
ILE CD1    C N N 229 
ILE OXT    O N N 230 
ILE H      H N N 231 
ILE H2     H N N 232 
ILE HA     H N N 233 
ILE HB     H N N 234 
ILE HG12   H N N 235 
ILE HG13   H N N 236 
ILE HG21   H N N 237 
ILE HG22   H N N 238 
ILE HG23   H N N 239 
ILE HD11   H N N 240 
ILE HD12   H N N 241 
ILE HD13   H N N 242 
ILE HXT    H N N 243 
LEU N      N N N 244 
LEU CA     C N S 245 
LEU C      C N N 246 
LEU O      O N N 247 
LEU CB     C N N 248 
LEU CG     C N N 249 
LEU CD1    C N N 250 
LEU CD2    C N N 251 
LEU OXT    O N N 252 
LEU H      H N N 253 
LEU H2     H N N 254 
LEU HA     H N N 255 
LEU HB2    H N N 256 
LEU HB3    H N N 257 
LEU HG     H N N 258 
LEU HD11   H N N 259 
LEU HD12   H N N 260 
LEU HD13   H N N 261 
LEU HD21   H N N 262 
LEU HD22   H N N 263 
LEU HD23   H N N 264 
LEU HXT    H N N 265 
LYS N      N N N 266 
LYS CA     C N S 267 
LYS C      C N N 268 
LYS O      O N N 269 
LYS CB     C N N 270 
LYS CG     C N N 271 
LYS CD     C N N 272 
LYS CE     C N N 273 
LYS NZ     N N N 274 
LYS OXT    O N N 275 
LYS H      H N N 276 
LYS H2     H N N 277 
LYS HA     H N N 278 
LYS HB2    H N N 279 
LYS HB3    H N N 280 
LYS HG2    H N N 281 
LYS HG3    H N N 282 
LYS HD2    H N N 283 
LYS HD3    H N N 284 
LYS HE2    H N N 285 
LYS HE3    H N N 286 
LYS HZ1    H N N 287 
LYS HZ2    H N N 288 
LYS HZ3    H N N 289 
LYS HXT    H N N 290 
MET N      N N N 291 
MET CA     C N S 292 
MET C      C N N 293 
MET O      O N N 294 
MET CB     C N N 295 
MET CG     C N N 296 
MET SD     S N N 297 
MET CE     C N N 298 
MET OXT    O N N 299 
MET H      H N N 300 
MET H2     H N N 301 
MET HA     H N N 302 
MET HB2    H N N 303 
MET HB3    H N N 304 
MET HG2    H N N 305 
MET HG3    H N N 306 
MET HE1    H N N 307 
MET HE2    H N N 308 
MET HE3    H N N 309 
MET HXT    H N N 310 
PHE N      N N N 311 
PHE CA     C N S 312 
PHE C      C N N 313 
PHE O      O N N 314 
PHE CB     C N N 315 
PHE CG     C Y N 316 
PHE CD1    C Y N 317 
PHE CD2    C Y N 318 
PHE CE1    C Y N 319 
PHE CE2    C Y N 320 
PHE CZ     C Y N 321 
PHE OXT    O N N 322 
PHE H      H N N 323 
PHE H2     H N N 324 
PHE HA     H N N 325 
PHE HB2    H N N 326 
PHE HB3    H N N 327 
PHE HD1    H N N 328 
PHE HD2    H N N 329 
PHE HE1    H N N 330 
PHE HE2    H N N 331 
PHE HZ     H N N 332 
PHE HXT    H N N 333 
PRO N      N N N 334 
PRO CA     C N S 335 
PRO C      C N N 336 
PRO O      O N N 337 
PRO CB     C N N 338 
PRO CG     C N N 339 
PRO CD     C N N 340 
PRO OXT    O N N 341 
PRO H      H N N 342 
PRO HA     H N N 343 
PRO HB2    H N N 344 
PRO HB3    H N N 345 
PRO HG2    H N N 346 
PRO HG3    H N N 347 
PRO HD2    H N N 348 
PRO HD3    H N N 349 
PRO HXT    H N N 350 
SER N      N N N 351 
SER CA     C N S 352 
SER C      C N N 353 
SER O      O N N 354 
SER CB     C N N 355 
SER OG     O N N 356 
SER OXT    O N N 357 
SER H      H N N 358 
SER H2     H N N 359 
SER HA     H N N 360 
SER HB2    H N N 361 
SER HB3    H N N 362 
SER HG     H N N 363 
SER HXT    H N N 364 
THR N      N N N 365 
THR CA     C N S 366 
THR C      C N N 367 
THR O      O N N 368 
THR CB     C N R 369 
THR OG1    O N N 370 
THR CG2    C N N 371 
THR OXT    O N N 372 
THR H      H N N 373 
THR H2     H N N 374 
THR HA     H N N 375 
THR HB     H N N 376 
THR HG1    H N N 377 
THR HG21   H N N 378 
THR HG22   H N N 379 
THR HG23   H N N 380 
THR HXT    H N N 381 
TRP N      N N N 382 
TRP CA     C N S 383 
TRP C      C N N 384 
TRP O      O N N 385 
TRP CB     C N N 386 
TRP CG     C Y N 387 
TRP CD1    C Y N 388 
TRP CD2    C Y N 389 
TRP NE1    N Y N 390 
TRP CE2    C Y N 391 
TRP CE3    C Y N 392 
TRP CZ2    C Y N 393 
TRP CZ3    C Y N 394 
TRP CH2    C Y N 395 
TRP OXT    O N N 396 
TRP H      H N N 397 
TRP H2     H N N 398 
TRP HA     H N N 399 
TRP HB2    H N N 400 
TRP HB3    H N N 401 
TRP HD1    H N N 402 
TRP HE1    H N N 403 
TRP HE3    H N N 404 
TRP HZ2    H N N 405 
TRP HZ3    H N N 406 
TRP HH2    H N N 407 
TRP HXT    H N N 408 
TYR N      N N N 409 
TYR CA     C N S 410 
TYR C      C N N 411 
TYR O      O N N 412 
TYR CB     C N N 413 
TYR CG     C Y N 414 
TYR CD1    C Y N 415 
TYR CD2    C Y N 416 
TYR CE1    C Y N 417 
TYR CE2    C Y N 418 
TYR CZ     C Y N 419 
TYR OH     O N N 420 
TYR OXT    O N N 421 
TYR H      H N N 422 
TYR H2     H N N 423 
TYR HA     H N N 424 
TYR HB2    H N N 425 
TYR HB3    H N N 426 
TYR HD1    H N N 427 
TYR HD2    H N N 428 
TYR HE1    H N N 429 
TYR HE2    H N N 430 
TYR HH     H N N 431 
TYR HXT    H N N 432 
VAL N      N N N 433 
VAL CA     C N S 434 
VAL C      C N N 435 
VAL O      O N N 436 
VAL CB     C N N 437 
VAL CG1    C N N 438 
VAL CG2    C N N 439 
VAL OXT    O N N 440 
VAL H      H N N 441 
VAL H2     H N N 442 
VAL HA     H N N 443 
VAL HB     H N N 444 
VAL HG11   H N N 445 
VAL HG12   H N N 446 
VAL HG13   H N N 447 
VAL HG21   H N N 448 
VAL HG22   H N N 449 
VAL HG23   H N N 450 
VAL HXT    H N N 451 
# 
loop_
_chem_comp_bond.comp_id 
_chem_comp_bond.atom_id_1 
_chem_comp_bond.atom_id_2 
_chem_comp_bond.value_order 
_chem_comp_bond.pdbx_aromatic_flag 
_chem_comp_bond.pdbx_stereo_config 
_chem_comp_bond.pdbx_ordinal 
ALA N     CA     sing N N 1   
ALA N     H      sing N N 2   
ALA N     H2     sing N N 3   
ALA CA    C      sing N N 4   
ALA CA    CB     sing N N 5   
ALA CA    HA     sing N N 6   
ALA C     O      doub N N 7   
ALA C     OXT    sing N N 8   
ALA CB    HB1    sing N N 9   
ALA CB    HB2    sing N N 10  
ALA CB    HB3    sing N N 11  
ALA OXT   HXT    sing N N 12  
AMP P     O1P    doub N N 13  
AMP P     O2P    sing N N 14  
AMP P     O3P    sing N N 15  
AMP P     "O5'"  sing N N 16  
AMP O2P   HOP2   sing N N 17  
AMP O3P   HOP3   sing N N 18  
AMP "O5'" "C5'"  sing N N 19  
AMP "C5'" "C4'"  sing N N 20  
AMP "C5'" "H5'1" sing N N 21  
AMP "C5'" "H5'2" sing N N 22  
AMP "C4'" "O4'"  sing N N 23  
AMP "C4'" "C3'"  sing N N 24  
AMP "C4'" "H4'"  sing N N 25  
AMP "O4'" "C1'"  sing N N 26  
AMP "C3'" "O3'"  sing N N 27  
AMP "C3'" "C2'"  sing N N 28  
AMP "C3'" "H3'"  sing N N 29  
AMP "O3'" "HO3'" sing N N 30  
AMP "C2'" "O2'"  sing N N 31  
AMP "C2'" "C1'"  sing N N 32  
AMP "C2'" "H2'"  sing N N 33  
AMP "O2'" "HO2'" sing N N 34  
AMP "C1'" N9     sing N N 35  
AMP "C1'" "H1'"  sing N N 36  
AMP N9    C8     sing Y N 37  
AMP N9    C4     sing Y N 38  
AMP C8    N7     doub Y N 39  
AMP C8    H8     sing N N 40  
AMP N7    C5     sing Y N 41  
AMP C5    C6     sing Y N 42  
AMP C5    C4     doub Y N 43  
AMP C6    N6     sing N N 44  
AMP C6    N1     doub Y N 45  
AMP N6    HN61   sing N N 46  
AMP N6    HN62   sing N N 47  
AMP N1    C2     sing Y N 48  
AMP C2    N3     doub Y N 49  
AMP C2    H2     sing N N 50  
AMP N3    C4     sing Y N 51  
ARG N     CA     sing N N 52  
ARG N     H      sing N N 53  
ARG N     H2     sing N N 54  
ARG CA    C      sing N N 55  
ARG CA    CB     sing N N 56  
ARG CA    HA     sing N N 57  
ARG C     O      doub N N 58  
ARG C     OXT    sing N N 59  
ARG CB    CG     sing N N 60  
ARG CB    HB2    sing N N 61  
ARG CB    HB3    sing N N 62  
ARG CG    CD     sing N N 63  
ARG CG    HG2    sing N N 64  
ARG CG    HG3    sing N N 65  
ARG CD    NE     sing N N 66  
ARG CD    HD2    sing N N 67  
ARG CD    HD3    sing N N 68  
ARG NE    CZ     sing N N 69  
ARG NE    HE     sing N N 70  
ARG CZ    NH1    sing N N 71  
ARG CZ    NH2    doub N N 72  
ARG NH1   HH11   sing N N 73  
ARG NH1   HH12   sing N N 74  
ARG NH2   HH21   sing N N 75  
ARG NH2   HH22   sing N N 76  
ARG OXT   HXT    sing N N 77  
ASN N     CA     sing N N 78  
ASN N     H      sing N N 79  
ASN N     H2     sing N N 80  
ASN CA    C      sing N N 81  
ASN CA    CB     sing N N 82  
ASN CA    HA     sing N N 83  
ASN C     O      doub N N 84  
ASN C     OXT    sing N N 85  
ASN CB    CG     sing N N 86  
ASN CB    HB2    sing N N 87  
ASN CB    HB3    sing N N 88  
ASN CG    OD1    doub N N 89  
ASN CG    ND2    sing N N 90  
ASN ND2   HD21   sing N N 91  
ASN ND2   HD22   sing N N 92  
ASN OXT   HXT    sing N N 93  
ASP N     CA     sing N N 94  
ASP N     H      sing N N 95  
ASP N     H2     sing N N 96  
ASP CA    C      sing N N 97  
ASP CA    CB     sing N N 98  
ASP CA    HA     sing N N 99  
ASP C     O      doub N N 100 
ASP C     OXT    sing N N 101 
ASP CB    CG     sing N N 102 
ASP CB    HB2    sing N N 103 
ASP CB    HB3    sing N N 104 
ASP CG    OD1    doub N N 105 
ASP CG    OD2    sing N N 106 
ASP OD2   HD2    sing N N 107 
ASP OXT   HXT    sing N N 108 
CYS N     CA     sing N N 109 
CYS N     H      sing N N 110 
CYS N     H2     sing N N 111 
CYS CA    C      sing N N 112 
CYS CA    CB     sing N N 113 
CYS CA    HA     sing N N 114 
CYS C     O      doub N N 115 
CYS C     OXT    sing N N 116 
CYS CB    SG     sing N N 117 
CYS CB    HB2    sing N N 118 
CYS CB    HB3    sing N N 119 
CYS SG    HG     sing N N 120 
CYS OXT   HXT    sing N N 121 
EDO C1    O1     sing N N 122 
EDO C1    C2     sing N N 123 
EDO C1    H11    sing N N 124 
EDO C1    H12    sing N N 125 
EDO O1    HO1    sing N N 126 
EDO C2    O2     sing N N 127 
EDO C2    H21    sing N N 128 
EDO C2    H22    sing N N 129 
EDO O2    HO2    sing N N 130 
GLN N     CA     sing N N 131 
GLN N     H      sing N N 132 
GLN N     H2     sing N N 133 
GLN CA    C      sing N N 134 
GLN CA    CB     sing N N 135 
GLN CA    HA     sing N N 136 
GLN C     O      doub N N 137 
GLN C     OXT    sing N N 138 
GLN CB    CG     sing N N 139 
GLN CB    HB2    sing N N 140 
GLN CB    HB3    sing N N 141 
GLN CG    CD     sing N N 142 
GLN CG    HG2    sing N N 143 
GLN CG    HG3    sing N N 144 
GLN CD    OE1    doub N N 145 
GLN CD    NE2    sing N N 146 
GLN NE2   HE21   sing N N 147 
GLN NE2   HE22   sing N N 148 
GLN OXT   HXT    sing N N 149 
GLU N     CA     sing N N 150 
GLU N     H      sing N N 151 
GLU N     H2     sing N N 152 
GLU CA    C      sing N N 153 
GLU CA    CB     sing N N 154 
GLU CA    HA     sing N N 155 
GLU C     O      doub N N 156 
GLU C     OXT    sing N N 157 
GLU CB    CG     sing N N 158 
GLU CB    HB2    sing N N 159 
GLU CB    HB3    sing N N 160 
GLU CG    CD     sing N N 161 
GLU CG    HG2    sing N N 162 
GLU CG    HG3    sing N N 163 
GLU CD    OE1    doub N N 164 
GLU CD    OE2    sing N N 165 
GLU OE2   HE2    sing N N 166 
GLU OXT   HXT    sing N N 167 
GLY N     CA     sing N N 168 
GLY N     H      sing N N 169 
GLY N     H2     sing N N 170 
GLY CA    C      sing N N 171 
GLY CA    HA2    sing N N 172 
GLY CA    HA3    sing N N 173 
GLY C     O      doub N N 174 
GLY C     OXT    sing N N 175 
GLY OXT   HXT    sing N N 176 
GOL C1    O1     sing N N 177 
GOL C1    C2     sing N N 178 
GOL C1    H11    sing N N 179 
GOL C1    H12    sing N N 180 
GOL O1    HO1    sing N N 181 
GOL C2    O2     sing N N 182 
GOL C2    C3     sing N N 183 
GOL C2    H2     sing N N 184 
GOL O2    HO2    sing N N 185 
GOL C3    O3     sing N N 186 
GOL C3    H31    sing N N 187 
GOL C3    H32    sing N N 188 
GOL O3    HO3    sing N N 189 
HIS N     CA     sing N N 190 
HIS N     H      sing N N 191 
HIS N     H2     sing N N 192 
HIS CA    C      sing N N 193 
HIS CA    CB     sing N N 194 
HIS CA    HA     sing N N 195 
HIS C     O      doub N N 196 
HIS C     OXT    sing N N 197 
HIS CB    CG     sing N N 198 
HIS CB    HB2    sing N N 199 
HIS CB    HB3    sing N N 200 
HIS CG    ND1    sing Y N 201 
HIS CG    CD2    doub Y N 202 
HIS ND1   CE1    doub Y N 203 
HIS ND1   HD1    sing N N 204 
HIS CD2   NE2    sing Y N 205 
HIS CD2   HD2    sing N N 206 
HIS CE1   NE2    sing Y N 207 
HIS CE1   HE1    sing N N 208 
HIS NE2   HE2    sing N N 209 
HIS OXT   HXT    sing N N 210 
HOH O     H1     sing N N 211 
HOH O     H2     sing N N 212 
ILE N     CA     sing N N 213 
ILE N     H      sing N N 214 
ILE N     H2     sing N N 215 
ILE CA    C      sing N N 216 
ILE CA    CB     sing N N 217 
ILE CA    HA     sing N N 218 
ILE C     O      doub N N 219 
ILE C     OXT    sing N N 220 
ILE CB    CG1    sing N N 221 
ILE CB    CG2    sing N N 222 
ILE CB    HB     sing N N 223 
ILE CG1   CD1    sing N N 224 
ILE CG1   HG12   sing N N 225 
ILE CG1   HG13   sing N N 226 
ILE CG2   HG21   sing N N 227 
ILE CG2   HG22   sing N N 228 
ILE CG2   HG23   sing N N 229 
ILE CD1   HD11   sing N N 230 
ILE CD1   HD12   sing N N 231 
ILE CD1   HD13   sing N N 232 
ILE OXT   HXT    sing N N 233 
LEU N     CA     sing N N 234 
LEU N     H      sing N N 235 
LEU N     H2     sing N N 236 
LEU CA    C      sing N N 237 
LEU CA    CB     sing N N 238 
LEU CA    HA     sing N N 239 
LEU C     O      doub N N 240 
LEU C     OXT    sing N N 241 
LEU CB    CG     sing N N 242 
LEU CB    HB2    sing N N 243 
LEU CB    HB3    sing N N 244 
LEU CG    CD1    sing N N 245 
LEU CG    CD2    sing N N 246 
LEU CG    HG     sing N N 247 
LEU CD1   HD11   sing N N 248 
LEU CD1   HD12   sing N N 249 
LEU CD1   HD13   sing N N 250 
LEU CD2   HD21   sing N N 251 
LEU CD2   HD22   sing N N 252 
LEU CD2   HD23   sing N N 253 
LEU OXT   HXT    sing N N 254 
LYS N     CA     sing N N 255 
LYS N     H      sing N N 256 
LYS N     H2     sing N N 257 
LYS CA    C      sing N N 258 
LYS CA    CB     sing N N 259 
LYS CA    HA     sing N N 260 
LYS C     O      doub N N 261 
LYS C     OXT    sing N N 262 
LYS CB    CG     sing N N 263 
LYS CB    HB2    sing N N 264 
LYS CB    HB3    sing N N 265 
LYS CG    CD     sing N N 266 
LYS CG    HG2    sing N N 267 
LYS CG    HG3    sing N N 268 
LYS CD    CE     sing N N 269 
LYS CD    HD2    sing N N 270 
LYS CD    HD3    sing N N 271 
LYS CE    NZ     sing N N 272 
LYS CE    HE2    sing N N 273 
LYS CE    HE3    sing N N 274 
LYS NZ    HZ1    sing N N 275 
LYS NZ    HZ2    sing N N 276 
LYS NZ    HZ3    sing N N 277 
LYS OXT   HXT    sing N N 278 
MET N     CA     sing N N 279 
MET N     H      sing N N 280 
MET N     H2     sing N N 281 
MET CA    C      sing N N 282 
MET CA    CB     sing N N 283 
MET CA    HA     sing N N 284 
MET C     O      doub N N 285 
MET C     OXT    sing N N 286 
MET CB    CG     sing N N 287 
MET CB    HB2    sing N N 288 
MET CB    HB3    sing N N 289 
MET CG    SD     sing N N 290 
MET CG    HG2    sing N N 291 
MET CG    HG3    sing N N 292 
MET SD    CE     sing N N 293 
MET CE    HE1    sing N N 294 
MET CE    HE2    sing N N 295 
MET CE    HE3    sing N N 296 
MET OXT   HXT    sing N N 297 
PHE N     CA     sing N N 298 
PHE N     H      sing N N 299 
PHE N     H2     sing N N 300 
PHE CA    C      sing N N 301 
PHE CA    CB     sing N N 302 
PHE CA    HA     sing N N 303 
PHE C     O      doub N N 304 
PHE C     OXT    sing N N 305 
PHE CB    CG     sing N N 306 
PHE CB    HB2    sing N N 307 
PHE CB    HB3    sing N N 308 
PHE CG    CD1    doub Y N 309 
PHE CG    CD2    sing Y N 310 
PHE CD1   CE1    sing Y N 311 
PHE CD1   HD1    sing N N 312 
PHE CD2   CE2    doub Y N 313 
PHE CD2   HD2    sing N N 314 
PHE CE1   CZ     doub Y N 315 
PHE CE1   HE1    sing N N 316 
PHE CE2   CZ     sing Y N 317 
PHE CE2   HE2    sing N N 318 
PHE CZ    HZ     sing N N 319 
PHE OXT   HXT    sing N N 320 
PRO N     CA     sing N N 321 
PRO N     CD     sing N N 322 
PRO N     H      sing N N 323 
PRO CA    C      sing N N 324 
PRO CA    CB     sing N N 325 
PRO CA    HA     sing N N 326 
PRO C     O      doub N N 327 
PRO C     OXT    sing N N 328 
PRO CB    CG     sing N N 329 
PRO CB    HB2    sing N N 330 
PRO CB    HB3    sing N N 331 
PRO CG    CD     sing N N 332 
PRO CG    HG2    sing N N 333 
PRO CG    HG3    sing N N 334 
PRO CD    HD2    sing N N 335 
PRO CD    HD3    sing N N 336 
PRO OXT   HXT    sing N N 337 
SER N     CA     sing N N 338 
SER N     H      sing N N 339 
SER N     H2     sing N N 340 
SER CA    C      sing N N 341 
SER CA    CB     sing N N 342 
SER CA    HA     sing N N 343 
SER C     O      doub N N 344 
SER C     OXT    sing N N 345 
SER CB    OG     sing N N 346 
SER CB    HB2    sing N N 347 
SER CB    HB3    sing N N 348 
SER OG    HG     sing N N 349 
SER OXT   HXT    sing N N 350 
THR N     CA     sing N N 351 
THR N     H      sing N N 352 
THR N     H2     sing N N 353 
THR CA    C      sing N N 354 
THR CA    CB     sing N N 355 
THR CA    HA     sing N N 356 
THR C     O      doub N N 357 
THR C     OXT    sing N N 358 
THR CB    OG1    sing N N 359 
THR CB    CG2    sing N N 360 
THR CB    HB     sing N N 361 
THR OG1   HG1    sing N N 362 
THR CG2   HG21   sing N N 363 
THR CG2   HG22   sing N N 364 
THR CG2   HG23   sing N N 365 
THR OXT   HXT    sing N N 366 
TRP N     CA     sing N N 367 
TRP N     H      sing N N 368 
TRP N     H2     sing N N 369 
TRP CA    C      sing N N 370 
TRP CA    CB     sing N N 371 
TRP CA    HA     sing N N 372 
TRP C     O      doub N N 373 
TRP C     OXT    sing N N 374 
TRP CB    CG     sing N N 375 
TRP CB    HB2    sing N N 376 
TRP CB    HB3    sing N N 377 
TRP CG    CD1    doub Y N 378 
TRP CG    CD2    sing Y N 379 
TRP CD1   NE1    sing Y N 380 
TRP CD1   HD1    sing N N 381 
TRP CD2   CE2    doub Y N 382 
TRP CD2   CE3    sing Y N 383 
TRP NE1   CE2    sing Y N 384 
TRP NE1   HE1    sing N N 385 
TRP CE2   CZ2    sing Y N 386 
TRP CE3   CZ3    doub Y N 387 
TRP CE3   HE3    sing N N 388 
TRP CZ2   CH2    doub Y N 389 
TRP CZ2   HZ2    sing N N 390 
TRP CZ3   CH2    sing Y N 391 
TRP CZ3   HZ3    sing N N 392 
TRP CH2   HH2    sing N N 393 
TRP OXT   HXT    sing N N 394 
TYR N     CA     sing N N 395 
TYR N     H      sing N N 396 
TYR N     H2     sing N N 397 
TYR CA    C      sing N N 398 
TYR CA    CB     sing N N 399 
TYR CA    HA     sing N N 400 
TYR C     O      doub N N 401 
TYR C     OXT    sing N N 402 
TYR CB    CG     sing N N 403 
TYR CB    HB2    sing N N 404 
TYR CB    HB3    sing N N 405 
TYR CG    CD1    doub Y N 406 
TYR CG    CD2    sing Y N 407 
TYR CD1   CE1    sing Y N 408 
TYR CD1   HD1    sing N N 409 
TYR CD2   CE2    doub Y N 410 
TYR CD2   HD2    sing N N 411 
TYR CE1   CZ     doub Y N 412 
TYR CE1   HE1    sing N N 413 
TYR CE2   CZ     sing Y N 414 
TYR CE2   HE2    sing N N 415 
TYR CZ    OH     sing N N 416 
TYR OH    HH     sing N N 417 
TYR OXT   HXT    sing N N 418 
VAL N     CA     sing N N 419 
VAL N     H      sing N N 420 
VAL N     H2     sing N N 421 
VAL CA    C      sing N N 422 
VAL CA    CB     sing N N 423 
VAL CA    HA     sing N N 424 
VAL C     O      doub N N 425 
VAL C     OXT    sing N N 426 
VAL CB    CG1    sing N N 427 
VAL CB    CG2    sing N N 428 
VAL CB    HB     sing N N 429 
VAL CG1   HG11   sing N N 430 
VAL CG1   HG12   sing N N 431 
VAL CG1   HG13   sing N N 432 
VAL CG2   HG21   sing N N 433 
VAL CG2   HG22   sing N N 434 
VAL CG2   HG23   sing N N 435 
VAL OXT   HXT    sing N N 436 
# 
_pdbx_entity_instance_feature.ordinal        1 
_pdbx_entity_instance_feature.comp_id        AMP 
_pdbx_entity_instance_feature.asym_id        ? 
_pdbx_entity_instance_feature.seq_num        ? 
_pdbx_entity_instance_feature.auth_comp_id   AMP 
_pdbx_entity_instance_feature.auth_asym_id   ? 
_pdbx_entity_instance_feature.auth_seq_num   ? 
_pdbx_entity_instance_feature.feature_type   'SUBJECT OF INVESTIGATION' 
_pdbx_entity_instance_feature.details        ? 
# 
loop_
_pdbx_entity_nonpoly.entity_id 
_pdbx_entity_nonpoly.name 
_pdbx_entity_nonpoly.comp_id 
2 GLYCEROL                  GOL 
3 1,2-ETHANEDIOL            EDO 
4 'ADENOSINE MONOPHOSPHATE' AMP 
5 water                     HOH 
# 
_pdbx_initial_refinement_model.id               1 
_pdbx_initial_refinement_model.entity_id_list   ? 
_pdbx_initial_refinement_model.type             'experimental model' 
_pdbx_initial_refinement_model.source_name      PDB 
_pdbx_initial_refinement_model.accession_code   5ITS 
_pdbx_initial_refinement_model.details          ? 
# 
_pdbx_struct_assembly_auth_evidence.id                     1 
_pdbx_struct_assembly_auth_evidence.assembly_id            1 
_pdbx_struct_assembly_auth_evidence.experimental_support   'gel filtration' 
_pdbx_struct_assembly_auth_evidence.details                ? 
# 
